data_5ZSE
#
_entry.id   5ZSE
#
_cell.length_a   98.875
_cell.length_b   138.772
_cell.length_c   149.482
_cell.angle_alpha   90.00
_cell.angle_beta   90.00
_cell.angle_gamma   90.00
#
_symmetry.space_group_name_H-M   'P 21 21 21'
#
loop_
_entity.id
_entity.type
_entity.pdbx_description
1 polymer 'Toll-like receptor 7'
2 polymer "RNA (5'-R(*GP*UP*CP*CP*C)-3')"
3 branched 2-acetamido-2-deoxy-beta-D-glucopyranose-(1-4)-2-acetamido-2-deoxy-beta-D-glucopyranose
4 non-polymer 2-acetamido-2-deoxy-beta-D-glucopyranose
5 non-polymer 1-[[4-(aminomethyl)phenyl]methyl]-2-butyl-imidazo[4,5-c]quinolin-4-amine
6 non-polymer 'SULFATE ION'
7 water water
#
loop_
_entity_poly.entity_id
_entity_poly.type
_entity_poly.pdbx_seq_one_letter_code
_entity_poly.pdbx_strand_id
1 'polypeptide(L)'
;RSPWARWFPKTLPCDVTLDVSKNHVIVDCTDKHLTEIPGGIPTNTTNLTLTINHIPDISPASFHRLVHLVEIDFRCNCVP
IRLGSKSNMCPRRLQIKPRSFSGLTYLKSLYLDGNQLLEIPQGLPPSLQLLSLEANNIFSIRKEQLTELANIEILYLGQN
CYYRNPCYVSYSIEKDAFLNLTKLKVLSLKDNNVTTVPTVLPSTLTELYLYNNMIAEIQEDDFNNLNQLQILDLSGNCPR
CYNAPFPCTPCKNNSPLQIPVNAFDALTELKVLRLHSNSLQHVPPRWFKNINNLQELDLSQNFLAKEIGDAKFLHFLPNL
IQLDLSFNFELQVYRASMNLSQAFSSLKSLKILRIRGYVFKELKSFQLSPLHNLQNLEVLDLGTNFIKIANLSMFKQFKR
LKVIDLSVNKISPSGDSLVPRGSSNARTSVESYEPQVLEQLYYFRYDKYARSCRFKNKEASFTSVQESCYKYGQTLDLSK
NSIFFIKSSDFQHLSFLKCLNLSGNLISQTLNGSEFQPLAELRYLDFSNNRLDLLHSTAFEELRKLEVLDISSNSHYFQS
EGITHMLNFTKNLKVLQKLMMNDNDISSSTSRTMESESLRTLEFRGNHLDVLWRDGDNRYLQLFKNLLKLEELDISKNSL
SFLPSGVFDGMPPNLKNLSLAKNGLKSFIWEKLRYLKNLETLDLSHNQLTTVPERLSNCSRSLKNLILKNNQIRSLTKYF
LQDAFQLRYLDLSSNKIQMIQKTSFPENVLNNLKMLLLHHNRFLCTCDAVWFVWWVQHTEVTIPYLATDVTCVGPGAHKG
QSVISLDLYTCELDLTNEFLVPR
;
B,A
2 'polyribonucleotide' GGUCCC C,D
#
# COMPACT_ATOMS: atom_id res chain seq x y z
N ALA A 5 37.33 -13.07 -23.44
CA ALA A 5 38.23 -13.27 -22.31
C ALA A 5 38.15 -14.70 -21.75
N ARG A 6 36.98 -15.34 -21.87
CA ARG A 6 36.85 -16.77 -21.60
C ARG A 6 36.98 -17.51 -22.90
N TRP A 7 37.65 -18.66 -22.87
CA TRP A 7 37.72 -19.51 -24.05
C TRP A 7 36.56 -20.49 -24.12
N PHE A 8 35.98 -20.85 -22.98
CA PHE A 8 34.88 -21.81 -22.95
C PHE A 8 33.71 -21.24 -22.17
N PRO A 9 32.64 -20.81 -22.84
CA PRO A 9 31.49 -20.25 -22.11
C PRO A 9 30.87 -21.29 -21.17
N LYS A 10 30.40 -20.81 -20.03
CA LYS A 10 29.74 -21.67 -19.07
C LYS A 10 28.25 -21.74 -19.39
N THR A 11 27.78 -22.95 -19.70
CA THR A 11 26.39 -23.16 -20.06
C THR A 11 25.60 -23.95 -19.03
N LEU A 12 26.28 -24.58 -18.06
CA LEU A 12 25.61 -25.28 -16.97
C LEU A 12 24.69 -24.32 -16.21
N PRO A 13 23.43 -24.68 -16.00
CA PRO A 13 22.51 -23.73 -15.37
C PRO A 13 22.68 -23.63 -13.87
N CYS A 14 23.89 -23.83 -13.34
CA CYS A 14 24.11 -23.81 -11.91
C CYS A 14 25.24 -22.86 -11.61
N ASP A 15 25.23 -22.31 -10.40
CA ASP A 15 26.36 -21.50 -9.97
C ASP A 15 27.49 -22.43 -9.54
N VAL A 16 28.69 -22.16 -10.02
CA VAL A 16 29.85 -22.95 -9.72
C VAL A 16 30.86 -22.05 -9.02
N THR A 17 31.33 -22.49 -7.85
CA THR A 17 32.25 -21.71 -7.04
C THR A 17 33.43 -22.58 -6.68
N LEU A 18 34.61 -21.96 -6.63
CA LEU A 18 35.84 -22.60 -6.21
C LEU A 18 36.26 -22.00 -4.88
N ASP A 19 36.47 -22.86 -3.88
CA ASP A 19 37.09 -22.47 -2.63
C ASP A 19 38.32 -23.35 -2.44
N VAL A 20 39.46 -22.86 -2.94
CA VAL A 20 40.63 -23.71 -3.10
C VAL A 20 41.26 -24.02 -1.74
N SER A 21 40.95 -23.22 -0.72
CA SER A 21 41.36 -23.54 0.65
C SER A 21 40.87 -24.92 1.07
N LYS A 22 39.56 -25.15 0.98
CA LYS A 22 38.93 -26.38 1.45
C LYS A 22 38.76 -27.42 0.34
N ASN A 23 39.46 -27.25 -0.78
CA ASN A 23 39.32 -28.15 -1.94
C ASN A 23 37.86 -28.40 -2.29
N HIS A 24 37.04 -27.36 -2.20
CA HIS A 24 35.62 -27.49 -2.46
C HIS A 24 35.28 -26.94 -3.85
N VAL A 25 34.58 -27.74 -4.63
CA VAL A 25 34.01 -27.29 -5.89
C VAL A 25 32.50 -27.28 -5.66
N ILE A 26 31.92 -26.08 -5.56
CA ILE A 26 30.56 -25.88 -5.07
C ILE A 26 29.64 -25.66 -6.28
N VAL A 27 28.71 -26.58 -6.51
CA VAL A 27 27.77 -26.49 -7.62
C VAL A 27 26.37 -26.32 -7.03
N ASP A 28 25.74 -25.17 -7.27
CA ASP A 28 24.46 -24.81 -6.67
C ASP A 28 23.40 -24.66 -7.77
N CYS A 29 22.54 -25.67 -7.90
CA CYS A 29 21.45 -25.67 -8.86
C CYS A 29 20.10 -25.42 -8.19
N THR A 30 20.10 -24.69 -7.07
CA THR A 30 18.85 -24.41 -6.36
C THR A 30 17.86 -23.71 -7.27
N ASP A 31 16.65 -24.25 -7.38
CA ASP A 31 15.52 -23.55 -7.99
C ASP A 31 15.82 -23.14 -9.43
N LYS A 32 16.10 -24.14 -10.26
CA LYS A 32 16.42 -23.93 -11.66
C LYS A 32 15.40 -24.56 -12.58
N HIS A 33 14.24 -24.95 -12.06
CA HIS A 33 13.21 -25.58 -12.87
C HIS A 33 13.75 -26.76 -13.64
N LEU A 34 14.72 -27.46 -13.05
CA LEU A 34 15.31 -28.63 -13.69
C LEU A 34 14.36 -29.82 -13.57
N THR A 35 14.28 -30.60 -14.65
CA THR A 35 13.61 -31.90 -14.62
C THR A 35 14.61 -33.05 -14.68
N GLU A 36 15.89 -32.77 -14.86
CA GLU A 36 16.91 -33.81 -14.77
C GLU A 36 18.17 -33.17 -14.23
N ILE A 37 19.04 -34.00 -13.68
CA ILE A 37 20.35 -33.47 -13.31
C ILE A 37 21.03 -32.99 -14.59
N PRO A 38 21.48 -31.74 -14.67
CA PRO A 38 22.05 -31.26 -15.93
C PRO A 38 23.37 -31.96 -16.20
N GLY A 39 23.64 -32.20 -17.49
CA GLY A 39 24.92 -32.73 -17.87
C GLY A 39 26.02 -31.71 -17.73
N GLY A 40 27.24 -32.20 -17.58
CA GLY A 40 28.38 -31.32 -17.56
C GLY A 40 28.76 -30.79 -16.21
N ILE A 41 28.19 -31.32 -15.13
CA ILE A 41 28.62 -30.93 -13.78
C ILE A 41 30.10 -31.26 -13.62
N PRO A 42 30.91 -30.38 -13.03
CA PRO A 42 32.35 -30.66 -12.92
C PRO A 42 32.63 -31.98 -12.20
N THR A 43 33.55 -32.76 -12.78
CA THR A 43 33.94 -34.05 -12.19
C THR A 43 34.51 -33.88 -10.78
N ASN A 44 35.14 -32.75 -10.49
CA ASN A 44 35.70 -32.50 -9.16
C ASN A 44 34.69 -31.94 -8.15
N THR A 45 33.38 -31.96 -8.46
CA THR A 45 32.40 -31.34 -7.58
C THR A 45 32.37 -32.03 -6.22
N THR A 46 32.47 -31.23 -5.16
CA THR A 46 32.35 -31.76 -3.80
C THR A 46 31.00 -31.48 -3.15
N ASN A 47 30.39 -30.32 -3.41
CA ASN A 47 29.09 -29.95 -2.86
C ASN A 47 28.12 -29.72 -4.01
N LEU A 48 27.11 -30.58 -4.15
CA LEU A 48 26.09 -30.45 -5.18
C LEU A 48 24.74 -30.19 -4.55
N THR A 49 24.13 -29.05 -4.90
CA THR A 49 22.81 -28.67 -4.41
C THR A 49 21.80 -28.64 -5.53
N LEU A 50 20.74 -29.43 -5.38
CA LEU A 50 19.68 -29.52 -6.38
C LEU A 50 18.33 -29.26 -5.75
N THR A 51 18.30 -28.55 -4.62
CA THR A 51 17.06 -28.38 -3.89
C THR A 51 16.10 -27.50 -4.68
N ILE A 52 14.81 -27.83 -4.60
CA ILE A 52 13.74 -27.10 -5.26
C ILE A 52 13.91 -27.24 -6.77
N ASN A 53 13.60 -28.42 -7.29
CA ASN A 53 13.56 -28.71 -8.71
C ASN A 53 12.54 -29.83 -8.85
N HIS A 54 12.36 -30.32 -10.07
CA HIS A 54 11.41 -31.41 -10.25
C HIS A 54 12.09 -32.59 -10.92
N ILE A 55 13.22 -33.01 -10.37
CA ILE A 55 13.95 -34.18 -10.86
C ILE A 55 13.26 -35.40 -10.29
N PRO A 56 12.64 -36.25 -11.13
CA PRO A 56 11.75 -37.28 -10.60
C PRO A 56 12.45 -38.52 -10.09
N ASP A 57 13.76 -38.68 -10.33
CA ASP A 57 14.38 -39.94 -9.94
C ASP A 57 15.88 -39.77 -9.81
N ILE A 58 16.47 -40.66 -9.02
CA ILE A 58 17.92 -40.80 -8.89
C ILE A 58 18.29 -42.22 -9.27
N SER A 59 19.45 -42.37 -9.88
CA SER A 59 19.94 -43.67 -10.33
C SER A 59 21.46 -43.63 -10.32
N PRO A 60 22.11 -44.78 -10.55
CA PRO A 60 23.58 -44.76 -10.62
C PRO A 60 24.15 -43.77 -11.65
N ALA A 61 23.40 -43.47 -12.70
CA ALA A 61 23.81 -42.44 -13.65
C ALA A 61 23.81 -41.05 -13.03
N SER A 62 23.03 -40.81 -11.97
CA SER A 62 22.86 -39.47 -11.41
C SER A 62 24.20 -38.85 -11.04
N PHE A 63 25.04 -39.59 -10.33
CA PHE A 63 26.30 -39.06 -9.81
C PHE A 63 27.49 -39.87 -10.31
N HIS A 64 27.33 -40.55 -11.46
CA HIS A 64 28.32 -41.50 -11.96
C HIS A 64 29.75 -40.96 -11.89
N ARG A 65 30.00 -39.83 -12.52
CA ARG A 65 31.36 -39.32 -12.58
C ARG A 65 31.78 -38.55 -11.34
N LEU A 66 30.88 -38.32 -10.38
CA LEU A 66 31.12 -37.37 -9.29
C LEU A 66 31.55 -38.09 -8.01
N VAL A 67 32.65 -38.85 -8.14
CA VAL A 67 33.18 -39.66 -7.05
C VAL A 67 33.69 -38.82 -5.89
N HIS A 68 33.92 -37.52 -6.10
CA HIS A 68 34.46 -36.69 -5.03
C HIS A 68 33.37 -36.00 -4.19
N LEU A 69 32.10 -36.31 -4.39
CA LEU A 69 31.02 -35.66 -3.63
C LEU A 69 31.17 -35.89 -2.12
N VAL A 70 31.24 -34.80 -1.35
CA VAL A 70 31.13 -34.91 0.11
C VAL A 70 29.70 -34.59 0.58
N GLU A 71 28.94 -33.83 -0.21
CA GLU A 71 27.60 -33.41 0.16
C GLU A 71 26.68 -33.39 -1.06
N ILE A 72 25.54 -34.06 -0.94
CA ILE A 72 24.44 -33.93 -1.88
C ILE A 72 23.26 -33.31 -1.15
N ASP A 73 22.80 -32.16 -1.62
CA ASP A 73 21.60 -31.52 -1.10
C ASP A 73 20.51 -31.66 -2.15
N PHE A 74 19.68 -32.68 -1.98
CA PHE A 74 18.64 -33.03 -2.94
C PHE A 74 17.27 -32.88 -2.30
N ARG A 75 17.03 -31.75 -1.64
CA ARG A 75 15.77 -31.52 -0.94
C ARG A 75 14.67 -31.02 -1.89
N CYS A 76 13.44 -31.39 -1.54
CA CYS A 76 12.24 -30.72 -2.05
C CYS A 76 12.14 -30.79 -3.57
N ASN A 77 12.42 -31.95 -4.14
CA ASN A 77 12.02 -32.21 -5.50
C ASN A 77 10.67 -32.88 -5.57
N CYS A 78 10.08 -33.23 -4.43
CA CYS A 78 8.72 -33.75 -4.41
C CYS A 78 8.08 -33.53 -3.05
N VAL A 79 7.71 -32.29 -2.75
CA VAL A 79 7.31 -31.92 -1.39
C VAL A 79 5.92 -32.47 -1.11
N PRO A 80 5.63 -32.93 0.12
CA PRO A 80 4.26 -33.34 0.46
C PRO A 80 3.25 -32.28 0.05
N ILE A 81 2.05 -32.73 -0.35
CA ILE A 81 1.14 -31.90 -1.13
C ILE A 81 0.75 -30.64 -0.36
N ARG A 82 0.39 -30.78 0.92
CA ARG A 82 -0.01 -29.61 1.70
C ARG A 82 1.14 -28.67 1.98
N LEU A 83 2.38 -29.15 1.89
CA LEU A 83 3.55 -28.32 2.14
C LEU A 83 4.10 -27.66 0.88
N GLY A 84 3.74 -28.16 -0.30
CA GLY A 84 4.35 -27.74 -1.53
C GLY A 84 3.47 -26.81 -2.34
N SER A 85 3.99 -26.39 -3.49
CA SER A 85 3.25 -25.52 -4.37
C SER A 85 1.98 -26.21 -4.89
N LYS A 86 0.86 -25.51 -4.79
CA LYS A 86 -0.38 -26.00 -5.37
C LYS A 86 -0.48 -25.74 -6.87
N SER A 87 0.32 -24.82 -7.41
CA SER A 87 0.34 -24.60 -8.85
C SER A 87 1.27 -25.57 -9.57
N ASN A 88 2.26 -26.14 -8.89
CA ASN A 88 3.12 -27.17 -9.49
C ASN A 88 3.26 -28.30 -8.48
N MET A 89 2.18 -29.07 -8.31
CA MET A 89 2.22 -30.20 -7.40
C MET A 89 3.10 -31.30 -7.96
N CYS A 90 3.80 -31.98 -7.05
CA CYS A 90 4.60 -33.13 -7.47
C CYS A 90 3.68 -34.29 -7.78
N PRO A 91 3.74 -34.87 -8.99
CA PRO A 91 2.78 -35.91 -9.36
C PRO A 91 3.12 -37.28 -8.79
N ARG A 92 4.37 -37.48 -8.35
CA ARG A 92 4.88 -38.79 -7.98
C ARG A 92 6.01 -38.66 -6.99
N ARG A 93 6.12 -39.58 -6.04
CA ARG A 93 7.26 -39.48 -5.11
C ARG A 93 8.58 -39.78 -5.83
N LEU A 94 9.64 -39.14 -5.35
CA LEU A 94 10.99 -39.40 -5.87
C LEU A 94 11.35 -40.88 -5.81
N GLN A 95 11.94 -41.41 -6.88
CA GLN A 95 12.40 -42.80 -6.87
C GLN A 95 13.91 -42.85 -6.88
N ILE A 96 14.46 -43.66 -5.99
CA ILE A 96 15.89 -43.84 -5.84
C ILE A 96 16.17 -45.28 -6.20
N LYS A 97 16.79 -45.50 -7.35
CA LYS A 97 17.05 -46.85 -7.82
C LYS A 97 18.31 -47.36 -7.12
N PRO A 98 18.49 -48.68 -7.02
CA PRO A 98 19.62 -49.22 -6.25
C PRO A 98 20.97 -48.70 -6.74
N ARG A 99 21.90 -48.58 -5.79
CA ARG A 99 23.31 -48.25 -6.03
C ARG A 99 23.55 -46.79 -6.40
N SER A 100 22.57 -45.92 -6.24
CA SER A 100 22.78 -44.52 -6.64
C SER A 100 23.80 -43.82 -5.77
N PHE A 101 23.98 -44.28 -4.53
CA PHE A 101 24.89 -43.62 -3.62
C PHE A 101 26.08 -44.47 -3.19
N SER A 102 26.04 -45.79 -3.37
CA SER A 102 27.09 -46.64 -2.82
C SER A 102 28.46 -46.34 -3.43
N GLY A 103 28.51 -45.80 -4.66
CA GLY A 103 29.77 -45.40 -5.24
C GLY A 103 30.41 -44.17 -4.64
N LEU A 104 29.66 -43.41 -3.83
CA LEU A 104 30.08 -42.07 -3.38
C LEU A 104 30.90 -42.22 -2.10
N THR A 105 32.13 -42.70 -2.28
CA THR A 105 32.97 -43.16 -1.19
C THR A 105 33.30 -42.06 -0.19
N TYR A 106 33.22 -40.79 -0.60
CA TYR A 106 33.53 -39.69 0.32
C TYR A 106 32.29 -38.94 0.80
N LEU A 107 31.11 -39.44 0.49
CA LEU A 107 29.88 -38.73 0.81
C LEU A 107 29.69 -38.67 2.33
N LYS A 108 29.68 -37.46 2.89
CA LYS A 108 29.50 -37.25 4.31
C LYS A 108 28.13 -36.67 4.67
N SER A 109 27.41 -36.10 3.71
CA SER A 109 26.16 -35.41 4.04
C SER A 109 25.16 -35.59 2.93
N LEU A 110 23.99 -36.09 3.29
CA LEU A 110 22.94 -36.37 2.34
C LEU A 110 21.63 -35.81 2.89
N TYR A 111 21.04 -34.87 2.15
CA TYR A 111 19.75 -34.28 2.47
C TYR A 111 18.73 -34.76 1.44
N LEU A 112 17.77 -35.57 1.87
CA LEU A 112 16.69 -35.98 1.00
C LEU A 112 15.33 -35.52 1.51
N ASP A 113 15.32 -34.44 2.29
CA ASP A 113 14.08 -33.93 2.84
C ASP A 113 13.10 -33.54 1.74
N GLY A 114 11.82 -33.71 2.03
CA GLY A 114 10.79 -33.12 1.18
C GLY A 114 10.63 -33.79 -0.16
N ASN A 115 10.67 -35.14 -0.21
CA ASN A 115 10.59 -35.88 -1.45
C ASN A 115 9.54 -36.99 -1.42
N GLN A 116 8.70 -37.04 -0.37
CA GLN A 116 7.63 -38.03 -0.21
C GLN A 116 8.18 -39.46 -0.16
N LEU A 117 9.39 -39.63 0.38
CA LEU A 117 9.96 -40.96 0.50
C LEU A 117 9.16 -41.80 1.50
N LEU A 118 9.02 -43.09 1.21
CA LEU A 118 8.27 -43.99 2.08
C LEU A 118 9.14 -44.80 3.02
N GLU A 119 10.44 -44.87 2.75
CA GLU A 119 11.34 -45.69 3.56
C GLU A 119 12.68 -44.99 3.63
N ILE A 120 13.49 -45.41 4.60
CA ILE A 120 14.87 -44.96 4.70
C ILE A 120 15.67 -45.49 3.52
N PRO A 121 16.19 -44.63 2.63
CA PRO A 121 16.94 -45.12 1.47
C PRO A 121 18.11 -45.98 1.90
N GLN A 122 18.32 -47.09 1.19
CA GLN A 122 19.35 -48.06 1.52
C GLN A 122 20.54 -47.93 0.57
N GLY A 123 21.58 -48.69 0.85
CA GLY A 123 22.78 -48.61 0.04
C GLY A 123 23.57 -47.35 0.27
N LEU A 124 23.47 -46.78 1.44
CA LEU A 124 24.23 -45.56 1.65
C LEU A 124 25.65 -45.93 2.07
N PRO A 125 26.63 -45.13 1.65
CA PRO A 125 28.02 -45.51 1.90
C PRO A 125 28.38 -45.27 3.36
N PRO A 126 29.35 -46.04 3.90
CA PRO A 126 29.70 -45.90 5.32
C PRO A 126 30.37 -44.59 5.66
N SER A 127 30.75 -43.78 4.68
CA SER A 127 31.35 -42.50 4.99
C SER A 127 30.34 -41.51 5.55
N LEU A 128 29.04 -41.81 5.46
CA LEU A 128 28.01 -40.80 5.69
C LEU A 128 27.97 -40.40 7.17
N GLN A 129 28.02 -39.10 7.43
CA GLN A 129 27.90 -38.55 8.77
C GLN A 129 26.54 -37.90 9.05
N LEU A 130 25.88 -37.32 8.04
CA LEU A 130 24.62 -36.61 8.21
C LEU A 130 23.63 -37.13 7.20
N LEU A 131 22.45 -37.54 7.69
CA LEU A 131 21.33 -37.93 6.84
C LEU A 131 20.10 -37.15 7.28
N SER A 132 19.40 -36.56 6.31
CA SER A 132 18.24 -35.72 6.61
C SER A 132 17.06 -36.19 5.77
N LEU A 133 15.97 -36.54 6.45
CA LEU A 133 14.79 -37.08 5.80
C LEU A 133 13.52 -36.38 6.27
N GLU A 134 13.63 -35.11 6.66
CA GLU A 134 12.46 -34.36 7.09
C GLU A 134 11.42 -34.28 5.97
N ALA A 135 10.16 -34.15 6.38
CA ALA A 135 9.05 -33.91 5.47
C ALA A 135 8.95 -34.99 4.39
N ASN A 136 9.20 -36.24 4.78
CA ASN A 136 8.89 -37.36 3.92
C ASN A 136 7.70 -38.09 4.55
N ASN A 137 7.47 -39.34 4.14
CA ASN A 137 6.36 -40.12 4.66
C ASN A 137 6.92 -41.41 5.27
N ILE A 138 7.92 -41.26 6.14
CA ILE A 138 8.57 -42.39 6.83
C ILE A 138 8.09 -42.32 8.27
N PHE A 139 7.29 -43.31 8.70
CA PHE A 139 6.74 -43.25 10.05
C PHE A 139 6.85 -44.57 10.80
N SER A 140 7.76 -45.44 10.39
CA SER A 140 8.08 -46.64 11.15
C SER A 140 9.57 -46.89 11.01
N ILE A 141 10.28 -46.89 12.13
CA ILE A 141 11.73 -47.00 12.15
C ILE A 141 12.09 -48.39 12.65
N ARG A 142 12.76 -49.16 11.80
CA ARG A 142 13.18 -50.51 12.13
C ARG A 142 14.70 -50.57 12.20
N LYS A 143 15.19 -51.34 13.18
CA LYS A 143 16.63 -51.49 13.38
C LYS A 143 17.33 -51.96 12.12
N GLU A 144 16.67 -52.79 11.31
CA GLU A 144 17.34 -53.33 10.13
C GLU A 144 17.59 -52.24 9.08
N GLN A 145 16.67 -51.28 8.94
CA GLN A 145 16.86 -50.20 7.99
C GLN A 145 17.96 -49.24 8.42
N LEU A 146 18.45 -49.37 9.65
CA LEU A 146 19.44 -48.47 10.20
C LEU A 146 20.84 -49.07 10.28
N THR A 147 20.99 -50.37 10.01
CA THR A 147 22.31 -50.98 10.11
C THR A 147 23.32 -50.29 9.20
N GLU A 148 22.89 -49.86 8.01
CA GLU A 148 23.76 -49.11 7.07
C GLU A 148 24.33 -47.83 7.66
N LEU A 149 23.83 -47.33 8.80
CA LEU A 149 24.22 -46.02 9.30
C LEU A 149 25.22 -46.10 10.45
N ALA A 150 26.07 -47.13 10.45
CA ALA A 150 26.97 -47.37 11.57
C ALA A 150 27.74 -46.11 11.99
N ASN A 151 28.17 -45.30 11.03
CA ASN A 151 29.00 -44.16 11.35
C ASN A 151 28.24 -42.85 11.44
N ILE A 152 26.90 -42.88 11.39
CA ILE A 152 26.13 -41.64 11.32
C ILE A 152 26.25 -40.87 12.63
N GLU A 153 26.35 -39.54 12.52
CA GLU A 153 26.39 -38.65 13.67
C GLU A 153 25.16 -37.75 13.79
N ILE A 154 24.50 -37.42 12.68
CA ILE A 154 23.41 -36.45 12.68
C ILE A 154 22.26 -37.04 11.88
N LEU A 155 21.09 -37.13 12.51
CA LEU A 155 19.97 -37.83 11.91
C LEU A 155 18.70 -37.04 12.11
N TYR A 156 18.12 -36.55 11.01
CA TYR A 156 16.92 -35.72 11.03
C TYR A 156 15.77 -36.54 10.45
N LEU A 157 14.77 -36.84 11.28
CA LEU A 157 13.64 -37.64 10.85
C LEU A 157 12.29 -36.97 11.06
N GLY A 158 12.27 -35.71 11.50
CA GLY A 158 11.03 -35.07 11.87
C GLY A 158 10.16 -34.63 10.70
N GLN A 159 8.97 -34.13 11.06
CA GLN A 159 7.99 -33.58 10.12
C GLN A 159 7.50 -34.62 9.12
N ASN A 160 7.60 -35.90 9.50
CA ASN A 160 7.09 -37.00 8.69
C ASN A 160 5.68 -37.43 9.09
N CYS A 161 5.13 -36.93 10.21
CA CYS A 161 3.74 -37.25 10.55
C CYS A 161 3.19 -36.14 11.46
N TYR A 162 2.60 -35.12 10.84
CA TYR A 162 1.93 -34.04 11.56
C TYR A 162 0.86 -33.43 10.65
N TYR A 163 0.19 -32.40 11.15
CA TYR A 163 -1.03 -31.94 10.48
C TYR A 163 -0.77 -31.42 9.08
N ARG A 164 0.41 -30.88 8.81
CA ARG A 164 0.68 -30.47 7.43
C ARG A 164 1.22 -31.61 6.58
N ASN A 165 1.36 -32.81 7.15
CA ASN A 165 1.90 -33.95 6.43
C ASN A 165 1.50 -35.21 7.17
N PRO A 166 0.20 -35.52 7.19
CA PRO A 166 -0.29 -36.58 8.08
C PRO A 166 0.10 -37.98 7.63
N CYS A 167 0.23 -38.88 8.60
CA CYS A 167 0.38 -40.29 8.30
C CYS A 167 -0.75 -41.15 8.86
N TYR A 168 -1.63 -40.59 9.68
CA TYR A 168 -2.87 -41.19 10.16
C TYR A 168 -2.66 -42.35 11.13
N VAL A 169 -1.43 -42.60 11.56
CA VAL A 169 -1.13 -43.58 12.59
C VAL A 169 -0.12 -42.96 13.55
N SER A 170 0.08 -43.62 14.69
CA SER A 170 1.16 -43.26 15.57
C SER A 170 2.48 -43.66 14.93
N TYR A 171 3.52 -42.86 15.22
CA TYR A 171 4.86 -43.20 14.79
C TYR A 171 5.33 -44.47 15.51
N SER A 172 6.11 -45.31 14.82
CA SER A 172 6.61 -46.56 15.39
C SER A 172 8.12 -46.58 15.34
N ILE A 173 8.72 -46.95 16.47
CA ILE A 173 10.16 -47.12 16.56
C ILE A 173 10.41 -48.42 17.30
N GLU A 174 11.18 -49.30 16.68
CA GLU A 174 11.51 -50.55 17.31
C GLU A 174 12.40 -50.32 18.50
N LYS A 175 12.18 -51.12 19.54
CA LYS A 175 13.07 -51.15 20.69
C LYS A 175 14.52 -51.16 20.24
N ASP A 176 15.33 -50.25 20.81
CA ASP A 176 16.77 -50.20 20.54
C ASP A 176 17.11 -49.91 19.07
N ALA A 177 16.17 -49.37 18.29
CA ALA A 177 16.45 -49.10 16.88
C ALA A 177 17.75 -48.32 16.70
N PHE A 178 18.01 -47.34 17.57
CA PHE A 178 19.18 -46.46 17.46
C PHE A 178 20.37 -46.89 18.32
N LEU A 179 20.22 -47.93 19.15
CA LEU A 179 21.22 -48.23 20.17
C LEU A 179 22.60 -48.48 19.56
N ASN A 180 22.65 -49.19 18.45
CA ASN A 180 23.92 -49.53 17.81
C ASN A 180 24.45 -48.46 16.84
N LEU A 181 23.86 -47.27 16.81
CA LEU A 181 24.46 -46.13 16.11
C LEU A 181 25.40 -45.45 17.10
N THR A 182 26.59 -46.04 17.26
CA THR A 182 27.45 -45.68 18.38
C THR A 182 28.13 -44.33 18.21
N LYS A 183 27.98 -43.67 17.06
CA LYS A 183 28.51 -42.33 16.92
C LYS A 183 27.41 -41.27 16.85
N LEU A 184 26.16 -41.68 16.90
CA LEU A 184 25.04 -40.75 16.77
C LEU A 184 25.14 -39.65 17.82
N LYS A 185 25.18 -38.39 17.37
CA LYS A 185 25.21 -37.26 18.28
C LYS A 185 23.92 -36.45 18.30
N VAL A 186 23.23 -36.32 17.17
CA VAL A 186 22.03 -35.48 17.03
C VAL A 186 20.91 -36.33 16.49
N LEU A 187 19.79 -36.36 17.21
CA LEU A 187 18.62 -37.12 16.80
C LEU A 187 17.41 -36.21 16.86
N SER A 188 16.73 -36.03 15.74
CA SER A 188 15.56 -35.18 15.66
C SER A 188 14.37 -36.02 15.23
N LEU A 189 13.39 -36.17 16.13
CA LEU A 189 12.16 -36.89 15.85
C LEU A 189 10.95 -36.00 16.11
N LYS A 190 11.14 -34.69 15.94
CA LYS A 190 10.09 -33.70 16.11
C LYS A 190 8.96 -33.88 15.10
N ASP A 191 7.79 -33.31 15.43
CA ASP A 191 6.65 -33.21 14.51
C ASP A 191 6.30 -34.57 13.85
N ASN A 192 6.23 -35.63 14.68
CA ASN A 192 6.17 -36.98 14.11
C ASN A 192 5.08 -37.90 14.68
N ASN A 193 4.19 -37.43 15.56
CA ASN A 193 3.18 -38.30 16.17
C ASN A 193 3.81 -39.42 17.00
N VAL A 194 4.98 -39.14 17.60
CA VAL A 194 5.63 -40.09 18.48
C VAL A 194 4.85 -40.20 19.78
N THR A 195 4.75 -41.43 20.33
CA THR A 195 4.00 -41.60 21.57
C THR A 195 4.86 -41.91 22.79
N THR A 196 6.10 -42.40 22.63
CA THR A 196 6.98 -42.61 23.78
C THR A 196 8.41 -42.25 23.42
N VAL A 197 9.21 -41.94 24.43
CA VAL A 197 10.64 -41.74 24.18
C VAL A 197 11.21 -43.06 23.68
N PRO A 198 11.83 -43.12 22.50
CA PRO A 198 12.42 -44.39 22.07
C PRO A 198 13.61 -44.71 22.95
N THR A 199 13.74 -45.98 23.30
CA THR A 199 14.80 -46.48 24.16
C THR A 199 15.26 -47.82 23.59
N VAL A 200 16.51 -48.19 23.85
CA VAL A 200 17.51 -47.37 24.51
C VAL A 200 18.23 -46.53 23.44
N LEU A 201 18.60 -45.28 23.79
CA LEU A 201 19.29 -44.43 22.83
C LEU A 201 20.78 -44.49 23.06
N PRO A 202 21.62 -44.25 22.06
CA PRO A 202 23.07 -44.34 22.28
C PRO A 202 23.56 -43.21 23.18
N SER A 203 24.51 -43.54 24.06
CA SER A 203 24.95 -42.57 25.07
C SER A 203 25.86 -41.50 24.48
N THR A 204 26.20 -41.59 23.19
CA THR A 204 26.89 -40.51 22.50
C THR A 204 26.00 -39.29 22.21
N LEU A 205 24.68 -39.37 22.37
CA LEU A 205 23.80 -38.25 22.03
C LEU A 205 24.21 -36.94 22.70
N THR A 206 24.26 -35.87 21.92
CA THR A 206 24.41 -34.53 22.49
C THR A 206 23.15 -33.69 22.37
N GLU A 207 22.30 -33.98 21.39
CA GLU A 207 21.10 -33.20 21.14
C GLU A 207 19.99 -34.15 20.77
N LEU A 208 18.86 -34.00 21.45
CA LEU A 208 17.70 -34.87 21.27
C LEU A 208 16.47 -33.99 21.16
N TYR A 209 15.77 -34.06 20.03
CA TYR A 209 14.61 -33.24 19.74
C TYR A 209 13.41 -34.16 19.64
N LEU A 210 12.49 -34.06 20.61
CA LEU A 210 11.29 -34.88 20.64
C LEU A 210 10.04 -34.01 20.71
N TYR A 211 10.12 -32.77 20.25
CA TYR A 211 9.02 -31.85 20.47
C TYR A 211 7.94 -32.01 19.41
N ASN A 212 6.74 -31.51 19.73
CA ASN A 212 5.56 -31.59 18.89
C ASN A 212 5.21 -33.06 18.57
N ASN A 213 5.03 -33.85 19.61
CA ASN A 213 4.63 -35.24 19.43
C ASN A 213 3.42 -35.53 20.32
N MET A 214 3.19 -36.81 20.59
CA MET A 214 2.13 -37.21 21.52
C MET A 214 2.69 -38.04 22.65
N ILE A 215 3.77 -37.56 23.26
CA ILE A 215 4.34 -38.22 24.43
C ILE A 215 3.62 -37.66 25.65
N ALA A 216 2.93 -38.54 26.37
CA ALA A 216 2.16 -38.10 27.54
C ALA A 216 2.95 -38.26 28.84
N GLU A 217 3.97 -39.11 28.86
CA GLU A 217 4.72 -39.42 30.06
C GLU A 217 6.16 -39.72 29.71
N ILE A 218 7.06 -39.25 30.55
CA ILE A 218 8.46 -39.64 30.52
C ILE A 218 8.64 -40.75 31.53
N GLN A 219 9.30 -41.84 31.13
CA GLN A 219 9.68 -42.86 32.09
C GLN A 219 10.94 -42.40 32.83
N GLU A 220 11.08 -42.86 34.07
CA GLU A 220 12.15 -42.38 34.91
C GLU A 220 13.52 -42.76 34.37
N ASP A 221 13.62 -43.81 33.54
CA ASP A 221 14.89 -44.19 32.96
C ASP A 221 14.98 -43.86 31.47
N ASP A 222 14.02 -43.12 30.92
CA ASP A 222 14.07 -42.78 29.50
C ASP A 222 15.40 -42.11 29.10
N PHE A 223 16.00 -41.32 29.98
CA PHE A 223 17.24 -40.63 29.66
C PHE A 223 18.44 -41.12 30.48
N ASN A 224 18.35 -42.35 31.02
CA ASN A 224 19.31 -42.90 31.99
C ASN A 224 20.75 -42.83 31.52
N ASN A 225 21.00 -43.13 30.26
CA ASN A 225 22.37 -43.30 29.83
C ASN A 225 22.94 -42.08 29.11
N LEU A 226 22.19 -40.99 29.00
CA LEU A 226 22.59 -39.89 28.12
C LEU A 226 23.48 -38.90 28.86
N ASN A 227 24.64 -39.38 29.29
CA ASN A 227 25.47 -38.52 30.11
C ASN A 227 26.24 -37.49 29.29
N GLN A 228 26.14 -37.48 27.96
CA GLN A 228 26.74 -36.44 27.14
C GLN A 228 25.71 -35.44 26.59
N LEU A 229 24.44 -35.59 26.95
CA LEU A 229 23.39 -34.78 26.35
C LEU A 229 23.52 -33.33 26.76
N GLN A 230 23.48 -32.42 25.78
CA GLN A 230 23.56 -30.98 26.03
C GLN A 230 22.27 -30.24 25.74
N ILE A 231 21.47 -30.71 24.80
CA ILE A 231 20.23 -30.06 24.44
C ILE A 231 19.14 -31.11 24.46
N LEU A 232 18.04 -30.79 25.15
CA LEU A 232 16.88 -31.66 25.18
C LEU A 232 15.63 -30.81 24.99
N ASP A 233 14.80 -31.21 24.02
CA ASP A 233 13.59 -30.46 23.73
C ASP A 233 12.43 -31.44 23.71
N LEU A 234 11.55 -31.32 24.71
CA LEU A 234 10.36 -32.14 24.83
C LEU A 234 9.10 -31.34 24.62
N SER A 235 9.22 -30.14 24.06
CA SER A 235 8.12 -29.19 23.99
C SER A 235 6.94 -29.76 23.22
N GLY A 236 5.76 -29.20 23.45
CA GLY A 236 4.64 -29.55 22.59
C GLY A 236 4.21 -30.99 22.75
N ASN A 237 4.43 -31.58 23.92
CA ASN A 237 3.84 -32.83 24.33
C ASN A 237 2.92 -32.52 25.49
N CYS A 238 1.62 -32.76 25.29
CA CYS A 238 0.54 -32.20 26.12
C CYS A 238 0.54 -30.68 25.94
N PRO A 239 0.23 -30.20 24.75
CA PRO A 239 0.31 -28.76 24.48
C PRO A 239 -0.74 -27.96 25.21
N ARG A 240 -0.40 -26.71 25.48
CA ARG A 240 -1.36 -25.68 25.82
C ARG A 240 -1.95 -25.14 24.52
N CYS A 241 -3.25 -25.32 24.33
CA CYS A 241 -3.86 -25.13 23.03
C CYS A 241 -4.62 -23.82 22.89
N TYR A 242 -4.69 -23.01 23.95
CA TYR A 242 -5.49 -21.79 23.87
C TYR A 242 -4.88 -20.82 22.87
N ASN A 243 -5.71 -20.37 21.93
CA ASN A 243 -5.33 -19.44 20.86
C ASN A 243 -4.19 -20.00 20.00
N ALA A 244 -4.11 -21.31 19.87
CA ALA A 244 -3.15 -21.91 18.96
C ALA A 244 -3.58 -21.66 17.51
N PRO A 245 -2.71 -21.18 16.65
CA PRO A 245 -3.10 -20.96 15.25
C PRO A 245 -2.82 -22.17 14.37
N PHE A 246 -2.74 -23.35 14.98
CA PHE A 246 -2.63 -24.61 14.29
C PHE A 246 -3.51 -25.61 15.03
N PRO A 247 -4.00 -26.65 14.36
CA PRO A 247 -4.80 -27.66 15.07
C PRO A 247 -4.00 -28.26 16.21
N CYS A 248 -4.65 -28.36 17.36
CA CYS A 248 -3.98 -28.61 18.63
C CYS A 248 -4.89 -29.51 19.44
N THR A 249 -4.39 -30.67 19.83
CA THR A 249 -5.09 -31.60 20.70
C THR A 249 -4.38 -31.70 22.04
N PRO A 250 -5.02 -31.29 23.13
CA PRO A 250 -4.38 -31.38 24.45
C PRO A 250 -4.48 -32.79 25.03
N CYS A 251 -3.56 -33.08 25.95
CA CYS A 251 -3.66 -34.30 26.75
C CYS A 251 -4.96 -34.25 27.56
N LYS A 252 -5.63 -35.41 27.67
CA LYS A 252 -6.91 -35.49 28.39
C LYS A 252 -6.81 -34.92 29.79
N ASN A 253 -7.94 -34.41 30.28
CA ASN A 253 -8.10 -34.00 31.69
C ASN A 253 -7.17 -32.86 32.04
N ASN A 254 -6.79 -32.09 31.03
CA ASN A 254 -5.88 -30.96 31.20
C ASN A 254 -4.56 -31.41 31.83
N SER A 255 -4.17 -32.64 31.58
CA SER A 255 -3.02 -33.20 32.24
C SER A 255 -1.74 -32.61 31.65
N PRO A 256 -0.69 -32.46 32.45
CA PRO A 256 0.61 -32.04 31.92
C PRO A 256 1.38 -33.24 31.39
N LEU A 257 2.45 -32.93 30.66
CA LEU A 257 3.46 -33.94 30.39
C LEU A 257 4.03 -34.38 31.74
N GLN A 258 4.02 -35.68 31.98
CA GLN A 258 4.39 -36.20 33.29
C GLN A 258 5.87 -36.60 33.27
N ILE A 259 6.65 -35.89 34.08
CA ILE A 259 8.10 -36.08 34.11
C ILE A 259 8.50 -36.45 35.53
N PRO A 260 8.97 -37.67 35.77
CA PRO A 260 9.41 -38.03 37.12
C PRO A 260 10.51 -37.10 37.60
N VAL A 261 10.53 -36.87 38.92
CA VAL A 261 11.44 -35.90 39.53
C VAL A 261 12.90 -36.26 39.27
N ASN A 262 13.20 -37.52 39.03
CA ASN A 262 14.55 -37.97 38.79
C ASN A 262 14.84 -38.24 37.31
N ALA A 263 13.92 -37.87 36.41
CA ALA A 263 14.11 -38.15 34.97
C ALA A 263 15.38 -37.50 34.40
N PHE A 264 15.87 -36.43 34.99
CA PHE A 264 17.01 -35.72 34.42
C PHE A 264 18.34 -36.05 35.12
N ASP A 265 18.35 -37.03 36.04
CA ASP A 265 19.52 -37.21 36.89
C ASP A 265 20.77 -37.55 36.13
N ALA A 266 20.66 -38.27 35.02
CA ALA A 266 21.88 -38.59 34.27
C ALA A 266 22.45 -37.42 33.51
N LEU A 267 21.71 -36.32 33.36
CA LEU A 267 22.04 -35.33 32.34
C LEU A 267 22.98 -34.25 32.87
N THR A 268 24.15 -34.67 33.34
CA THR A 268 25.01 -33.71 34.04
C THR A 268 25.55 -32.64 33.11
N GLU A 269 25.59 -32.90 31.80
CA GLU A 269 26.09 -31.96 30.81
C GLU A 269 25.01 -31.06 30.21
N LEU A 270 23.76 -31.20 30.62
CA LEU A 270 22.67 -30.50 29.93
C LEU A 270 22.85 -28.98 30.00
N LYS A 271 22.81 -28.33 28.84
CA LYS A 271 22.86 -26.87 28.76
C LYS A 271 21.53 -26.24 28.35
N VAL A 272 20.73 -26.95 27.56
CA VAL A 272 19.48 -26.40 27.03
C VAL A 272 18.36 -27.38 27.35
N LEU A 273 17.35 -26.92 28.07
CA LEU A 273 16.15 -27.69 28.36
C LEU A 273 14.95 -26.88 27.88
N ARG A 274 14.23 -27.42 26.92
CA ARG A 274 13.08 -26.75 26.34
C ARG A 274 11.84 -27.55 26.71
N LEU A 275 10.99 -26.94 27.54
CA LEU A 275 9.71 -27.48 28.02
C LEU A 275 8.60 -26.48 27.73
N HIS A 276 8.56 -26.03 26.48
CA HIS A 276 7.53 -25.12 26.01
C HIS A 276 6.25 -25.90 25.69
N SER A 277 5.10 -25.37 26.10
CA SER A 277 3.79 -25.96 25.76
C SER A 277 3.72 -27.44 26.19
N ASN A 278 3.95 -27.65 27.48
CA ASN A 278 3.77 -28.96 28.09
C ASN A 278 2.68 -28.96 29.15
N SER A 279 1.90 -27.88 29.22
CA SER A 279 0.81 -27.69 30.19
C SER A 279 1.27 -27.92 31.62
N LEU A 280 2.51 -27.53 31.91
CA LEU A 280 3.03 -27.75 33.26
C LEU A 280 2.36 -26.80 34.25
N GLN A 281 2.04 -27.31 35.44
CA GLN A 281 1.54 -26.48 36.53
C GLN A 281 2.54 -26.27 37.63
N HIS A 282 3.55 -27.13 37.72
CA HIS A 282 4.60 -27.04 38.73
C HIS A 282 5.93 -27.34 38.06
N VAL A 283 6.99 -26.78 38.60
CA VAL A 283 8.35 -27.12 38.22
C VAL A 283 9.07 -27.64 39.46
N PRO A 284 9.16 -28.95 39.64
CA PRO A 284 9.80 -29.48 40.86
C PRO A 284 11.26 -29.11 40.90
N PRO A 285 11.72 -28.56 42.02
CA PRO A 285 13.16 -28.33 42.21
C PRO A 285 14.00 -29.57 42.01
N ARG A 286 13.46 -30.74 42.37
CA ARG A 286 14.20 -31.98 42.29
C ARG A 286 14.63 -32.30 40.86
N TRP A 287 13.91 -31.78 39.85
CA TRP A 287 14.32 -31.96 38.45
C TRP A 287 15.78 -31.56 38.23
N PHE A 288 16.21 -30.50 38.89
CA PHE A 288 17.50 -29.89 38.59
C PHE A 288 18.60 -30.25 39.57
N LYS A 289 18.40 -31.29 40.40
CA LYS A 289 19.38 -31.67 41.43
C LYS A 289 20.77 -31.90 40.86
N ASN A 290 20.87 -32.63 39.74
CA ASN A 290 22.16 -33.00 39.17
C ASN A 290 22.51 -32.23 37.90
N ILE A 291 21.66 -31.32 37.46
CA ILE A 291 21.97 -30.45 36.34
C ILE A 291 22.45 -29.14 36.95
N ASN A 292 23.75 -28.92 36.92
CA ASN A 292 24.30 -27.69 37.46
C ASN A 292 24.88 -26.78 36.40
N ASN A 293 24.92 -27.23 35.16
CA ASN A 293 25.44 -26.44 34.05
C ASN A 293 24.34 -25.84 33.17
N LEU A 294 23.06 -25.91 33.57
CA LEU A 294 21.99 -25.48 32.67
C LEU A 294 22.11 -23.98 32.36
N GLN A 295 22.06 -23.64 31.08
CA GLN A 295 22.18 -22.25 30.65
C GLN A 295 20.91 -21.69 30.04
N GLU A 296 20.08 -22.52 29.42
CA GLU A 296 18.87 -22.07 28.76
C GLU A 296 17.70 -22.95 29.20
N LEU A 297 16.64 -22.31 29.71
CA LEU A 297 15.41 -22.97 30.13
C LEU A 297 14.22 -22.25 29.54
N ASP A 298 13.46 -22.95 28.68
CA ASP A 298 12.22 -22.44 28.11
C ASP A 298 11.03 -23.12 28.79
N LEU A 299 10.28 -22.32 29.55
CA LEU A 299 9.08 -22.78 30.23
C LEU A 299 7.84 -22.03 29.76
N SER A 300 7.86 -21.53 28.54
CA SER A 300 6.75 -20.76 27.98
C SER A 300 5.58 -21.67 27.56
N GLN A 301 4.39 -21.05 27.51
CA GLN A 301 3.15 -21.70 27.11
C GLN A 301 2.85 -22.89 28.02
N ASN A 302 2.99 -22.67 29.32
CA ASN A 302 2.53 -23.70 30.26
C ASN A 302 1.43 -23.10 31.12
N PHE A 303 1.22 -23.61 32.34
CA PHE A 303 0.26 -23.00 33.26
C PHE A 303 0.98 -22.71 34.58
N LEU A 304 2.07 -21.93 34.50
CA LEU A 304 2.93 -21.68 35.65
C LEU A 304 2.72 -20.30 36.28
N ALA A 305 1.57 -19.67 36.06
CA ALA A 305 1.30 -18.33 36.61
C ALA A 305 1.55 -18.26 38.12
N LYS A 306 0.93 -19.18 38.89
CA LYS A 306 1.18 -19.26 40.33
C LYS A 306 2.60 -19.68 40.66
N GLU A 307 3.15 -20.66 39.92
CA GLU A 307 4.51 -21.09 40.18
C GLU A 307 5.52 -19.96 40.08
N ILE A 308 5.27 -18.98 39.19
CA ILE A 308 6.21 -17.87 39.04
C ILE A 308 6.38 -17.11 40.35
N GLY A 309 5.33 -17.04 41.16
CA GLY A 309 5.41 -16.41 42.47
C GLY A 309 6.05 -17.25 43.54
N ASP A 310 6.48 -18.48 43.23
CA ASP A 310 7.03 -19.40 44.21
C ASP A 310 8.41 -19.85 43.74
N ALA A 311 8.43 -20.77 42.77
CA ALA A 311 9.59 -20.97 41.90
C ALA A 311 10.86 -21.34 42.65
N LYS A 312 10.73 -22.26 43.63
CA LYS A 312 11.90 -22.73 44.37
C LYS A 312 12.97 -23.30 43.45
N PHE A 313 12.57 -23.87 42.30
CA PHE A 313 13.57 -24.48 41.42
C PHE A 313 14.65 -23.51 40.96
N LEU A 314 14.37 -22.19 40.98
CA LEU A 314 15.38 -21.23 40.53
C LEU A 314 16.62 -21.24 41.41
N HIS A 315 16.48 -21.69 42.67
CA HIS A 315 17.63 -21.81 43.57
C HIS A 315 18.65 -22.81 43.07
N PHE A 316 18.26 -23.71 42.18
CA PHE A 316 19.18 -24.71 41.64
C PHE A 316 19.80 -24.28 40.32
N LEU A 317 19.59 -23.03 39.89
CA LEU A 317 20.04 -22.69 38.55
C LEU A 317 21.00 -21.51 38.56
N PRO A 318 22.10 -21.55 39.33
CA PRO A 318 22.98 -20.35 39.42
C PRO A 318 23.72 -20.03 38.13
N ASN A 319 23.78 -20.95 37.17
CA ASN A 319 24.48 -20.70 35.91
C ASN A 319 23.54 -20.40 34.73
N LEU A 320 22.24 -20.36 34.97
CA LEU A 320 21.27 -20.08 33.91
C LEU A 320 21.52 -18.73 33.27
N ILE A 321 21.55 -18.72 31.94
CA ILE A 321 21.74 -17.50 31.13
C ILE A 321 20.41 -16.90 30.67
N GLN A 322 19.52 -17.77 30.15
CA GLN A 322 18.23 -17.33 29.62
C GLN A 322 17.10 -18.11 30.26
N LEU A 323 16.05 -17.39 30.63
CA LEU A 323 14.85 -18.00 31.19
C LEU A 323 13.66 -17.43 30.46
N ASP A 324 12.81 -18.28 29.92
CA ASP A 324 11.60 -17.82 29.26
C ASP A 324 10.39 -18.39 29.99
N LEU A 325 9.57 -17.50 30.56
CA LEU A 325 8.35 -17.87 31.28
C LEU A 325 7.11 -17.25 30.64
N SER A 326 7.19 -16.95 29.36
CA SER A 326 6.12 -16.25 28.67
C SER A 326 4.87 -17.11 28.51
N PHE A 327 3.72 -16.45 28.45
CA PHE A 327 2.44 -17.05 28.12
C PHE A 327 2.09 -18.21 29.08
N ASN A 328 2.17 -17.89 30.36
CA ASN A 328 1.74 -18.77 31.44
C ASN A 328 0.48 -18.27 32.15
N PHE A 329 -0.24 -17.30 31.57
CA PHE A 329 -1.38 -16.71 32.28
C PHE A 329 -2.47 -17.74 32.50
N GLU A 330 -3.24 -17.55 33.58
CA GLU A 330 -4.45 -18.35 33.77
C GLU A 330 -5.55 -17.84 32.88
N LEU A 331 -6.30 -18.75 32.27
CA LEU A 331 -7.31 -18.32 31.31
C LEU A 331 -8.33 -17.43 31.99
N GLN A 332 -8.78 -16.39 31.26
CA GLN A 332 -9.76 -15.41 31.69
C GLN A 332 -9.36 -14.66 32.96
N VAL A 333 -8.09 -14.60 33.33
CA VAL A 333 -7.68 -13.86 34.51
C VAL A 333 -6.83 -12.67 34.09
N TYR A 334 -7.20 -11.51 34.59
CA TYR A 334 -6.44 -10.27 34.44
C TYR A 334 -5.93 -9.90 35.83
N ARG A 335 -4.70 -10.32 36.16
CA ARG A 335 -4.18 -10.08 37.50
C ARG A 335 -3.93 -8.60 37.76
N ALA A 336 -3.94 -8.24 39.04
CA ALA A 336 -3.70 -6.85 39.39
C ALA A 336 -2.23 -6.49 39.23
N SER A 337 -1.32 -7.42 39.49
CA SER A 337 0.09 -7.11 39.48
C SER A 337 0.90 -8.36 39.17
N MET A 338 2.21 -8.18 39.03
CA MET A 338 3.10 -9.30 38.76
C MET A 338 3.81 -9.68 40.05
N ASN A 339 3.64 -10.92 40.43
CA ASN A 339 4.24 -11.52 41.62
C ASN A 339 5.42 -12.39 41.18
N LEU A 340 6.62 -11.82 41.25
CA LEU A 340 7.87 -12.55 41.01
C LEU A 340 8.47 -13.00 42.32
N SER A 341 8.75 -14.29 42.46
CA SER A 341 9.37 -14.84 43.66
C SER A 341 10.72 -14.19 43.95
N GLN A 342 11.02 -14.07 45.24
CA GLN A 342 12.36 -13.68 45.67
C GLN A 342 13.42 -14.63 45.13
N ALA A 343 13.03 -15.88 44.86
CA ALA A 343 13.98 -16.86 44.33
C ALA A 343 14.61 -16.40 43.03
N PHE A 344 13.94 -15.53 42.26
CA PHE A 344 14.60 -14.97 41.08
C PHE A 344 15.94 -14.34 41.43
N SER A 345 16.12 -13.84 42.68
CA SER A 345 17.39 -13.21 43.05
C SER A 345 18.55 -14.18 43.08
N SER A 346 18.32 -15.49 43.01
CA SER A 346 19.42 -16.43 42.98
C SER A 346 19.93 -16.74 41.57
N LEU A 347 19.34 -16.12 40.55
CA LEU A 347 19.74 -16.38 39.16
C LEU A 347 20.93 -15.49 38.79
N LYS A 348 22.04 -15.73 39.50
CA LYS A 348 23.20 -14.84 39.43
C LYS A 348 23.74 -14.65 38.02
N SER A 349 23.65 -15.67 37.15
CA SER A 349 24.21 -15.56 35.81
C SER A 349 23.21 -15.03 34.77
N LEU A 350 21.96 -14.75 35.17
CA LEU A 350 20.91 -14.46 34.22
C LEU A 350 21.25 -13.24 33.36
N LYS A 351 21.25 -13.45 32.04
CA LYS A 351 21.32 -12.38 31.04
C LYS A 351 19.97 -12.00 30.43
N ILE A 352 19.08 -12.97 30.24
CA ILE A 352 17.84 -12.72 29.50
C ILE A 352 16.66 -13.31 30.26
N LEU A 353 15.68 -12.47 30.56
CA LEU A 353 14.44 -12.90 31.21
C LEU A 353 13.26 -12.45 30.39
N ARG A 354 12.40 -13.39 29.97
CA ARG A 354 11.21 -13.08 29.19
C ARG A 354 9.98 -13.58 29.93
N ILE A 355 9.05 -12.67 30.21
CA ILE A 355 7.77 -13.02 30.80
C ILE A 355 6.70 -12.20 30.09
N ARG A 356 6.54 -12.46 28.79
CA ARG A 356 5.38 -12.02 28.06
C ARG A 356 4.15 -12.79 28.51
N GLY A 357 2.98 -12.24 28.23
CA GLY A 357 1.76 -13.01 28.40
C GLY A 357 1.54 -13.54 29.80
N TYR A 358 2.01 -12.80 30.83
CA TYR A 358 1.61 -13.06 32.21
C TYR A 358 0.24 -12.44 32.48
N VAL A 359 -0.02 -11.27 31.86
CA VAL A 359 -1.31 -10.55 31.82
C VAL A 359 -1.65 -9.93 33.17
N PHE A 360 -1.31 -8.66 33.31
CA PHE A 360 -1.54 -7.95 34.57
C PHE A 360 -1.66 -6.47 34.28
N LYS A 361 -2.34 -5.75 35.18
CA LYS A 361 -2.81 -4.38 34.99
C LYS A 361 -1.74 -3.35 35.35
N GLU A 362 -1.01 -3.58 36.42
CA GLU A 362 -0.18 -2.53 36.99
C GLU A 362 1.19 -3.08 37.34
N LEU A 363 2.22 -2.48 36.77
CA LEU A 363 3.61 -2.81 37.09
C LEU A 363 4.18 -1.76 38.05
N LYS A 364 4.74 -2.21 39.16
CA LYS A 364 5.25 -1.28 40.16
C LYS A 364 6.66 -1.70 40.55
N SER A 365 7.43 -0.69 40.97
CA SER A 365 8.88 -0.84 41.10
C SER A 365 9.27 -2.00 42.01
N PHE A 366 8.58 -2.15 43.14
CA PHE A 366 9.01 -3.17 44.09
C PHE A 366 8.80 -4.57 43.54
N GLN A 367 7.86 -4.74 42.61
CA GLN A 367 7.64 -6.05 41.98
C GLN A 367 8.86 -6.56 41.23
N LEU A 368 9.75 -5.67 40.78
CA LEU A 368 10.97 -6.11 40.09
C LEU A 368 12.16 -6.25 41.04
N SER A 369 11.98 -6.01 42.34
CA SER A 369 13.12 -6.03 43.26
C SER A 369 13.91 -7.34 43.26
N PRO A 370 13.30 -8.53 43.10
CA PRO A 370 14.13 -9.74 42.99
C PRO A 370 15.16 -9.67 41.87
N LEU A 371 14.98 -8.77 40.91
CA LEU A 371 15.91 -8.60 39.80
C LEU A 371 17.01 -7.56 40.03
N HIS A 372 16.93 -6.76 41.12
CA HIS A 372 17.81 -5.59 41.28
C HIS A 372 19.29 -5.95 41.27
N ASN A 373 19.67 -7.05 41.92
CA ASN A 373 21.08 -7.41 42.03
C ASN A 373 21.48 -8.55 41.08
N LEU A 374 20.71 -8.80 40.03
CA LEU A 374 21.18 -9.70 38.97
C LEU A 374 22.13 -8.89 38.10
N GLN A 375 23.43 -9.12 38.28
CA GLN A 375 24.38 -8.15 37.75
C GLN A 375 24.68 -8.39 36.28
N ASN A 376 24.33 -9.55 35.75
CA ASN A 376 24.54 -9.82 34.33
C ASN A 376 23.29 -9.62 33.51
N LEU A 377 22.19 -9.15 34.11
CA LEU A 377 20.93 -8.99 33.40
C LEU A 377 21.07 -7.97 32.25
N GLU A 378 20.68 -8.39 31.04
CA GLU A 378 20.78 -7.56 29.84
C GLU A 378 19.44 -7.28 29.17
N VAL A 379 18.51 -8.22 29.20
CA VAL A 379 17.22 -8.10 28.53
C VAL A 379 16.13 -8.44 29.53
N LEU A 380 15.15 -7.55 29.67
CA LEU A 380 13.95 -7.81 30.45
C LEU A 380 12.75 -7.62 29.52
N ASP A 381 12.04 -8.70 29.24
CA ASP A 381 10.97 -8.66 28.24
C ASP A 381 9.64 -8.82 28.95
N LEU A 382 8.88 -7.73 29.06
CA LEU A 382 7.55 -7.76 29.64
C LEU A 382 6.48 -7.37 28.62
N GLY A 383 6.73 -7.69 27.35
CA GLY A 383 5.75 -7.40 26.30
C GLY A 383 4.49 -8.24 26.42
N THR A 384 3.46 -7.77 25.69
CA THR A 384 2.20 -8.49 25.54
C THR A 384 1.64 -8.94 26.89
N ASN A 385 1.47 -7.95 27.76
CA ASN A 385 1.00 -8.18 29.10
C ASN A 385 -0.24 -7.37 29.45
N PHE A 386 -0.75 -6.54 28.54
CA PHE A 386 -1.91 -5.68 28.77
C PHE A 386 -1.70 -4.80 30.00
N ILE A 387 -0.44 -4.46 30.28
CA ILE A 387 -0.13 -3.53 31.35
C ILE A 387 -0.74 -2.17 31.04
N LYS A 388 -1.49 -1.63 32.00
CA LYS A 388 -2.09 -0.32 31.86
C LYS A 388 -1.31 0.79 32.57
N ILE A 389 -0.61 0.47 33.66
CA ILE A 389 0.05 1.45 34.53
C ILE A 389 1.50 1.03 34.71
N ALA A 390 2.44 1.94 34.43
CA ALA A 390 3.85 1.70 34.77
C ALA A 390 4.58 3.03 34.88
N ASN A 391 5.16 3.30 36.06
CA ASN A 391 6.05 4.45 36.27
C ASN A 391 7.39 4.13 35.64
N LEU A 392 7.67 4.72 34.48
CA LEU A 392 8.90 4.38 33.75
C LEU A 392 10.15 4.70 34.56
N SER A 393 10.06 5.59 35.55
CA SER A 393 11.24 5.94 36.35
C SER A 393 11.80 4.74 37.10
N MET A 394 10.99 3.69 37.32
CA MET A 394 11.50 2.51 38.02
C MET A 394 12.71 1.91 37.32
N PHE A 395 12.87 2.14 36.02
CA PHE A 395 14.02 1.52 35.36
C PHE A 395 15.32 2.26 35.63
N LYS A 396 15.29 3.32 36.48
CA LYS A 396 16.54 3.87 37.00
C LYS A 396 17.36 2.83 37.74
N GLN A 397 16.73 1.82 38.32
CA GLN A 397 17.50 0.71 38.89
C GLN A 397 17.96 -0.32 37.86
N PHE A 398 17.84 -0.06 36.56
CA PHE A 398 18.18 -1.09 35.58
C PHE A 398 19.07 -0.52 34.47
N LYS A 399 19.94 0.44 34.79
CA LYS A 399 20.75 1.08 33.76
C LYS A 399 21.75 0.13 33.12
N ARG A 400 22.09 -0.97 33.79
CA ARG A 400 23.00 -1.93 33.20
C ARG A 400 22.34 -2.72 32.06
N LEU A 401 21.02 -2.71 31.96
CA LEU A 401 20.35 -3.51 30.95
C LEU A 401 20.59 -2.94 29.55
N LYS A 402 20.57 -3.83 28.56
CA LYS A 402 20.67 -3.42 27.16
C LYS A 402 19.32 -3.13 26.55
N VAL A 403 18.29 -3.91 26.90
CA VAL A 403 16.95 -3.76 26.35
C VAL A 403 15.95 -3.93 27.48
N ILE A 404 15.08 -2.94 27.67
CA ILE A 404 13.87 -3.07 28.47
C ILE A 404 12.69 -3.05 27.50
N ASP A 405 11.98 -4.17 27.38
CA ASP A 405 10.98 -4.33 26.33
C ASP A 405 9.59 -4.35 26.94
N LEU A 406 8.82 -3.26 26.76
CA LEU A 406 7.41 -3.20 27.15
C LEU A 406 6.50 -3.06 25.94
N SER A 407 6.98 -3.47 24.78
CA SER A 407 6.19 -3.45 23.56
C SER A 407 4.85 -4.17 23.73
N VAL A 408 3.83 -3.65 23.05
CA VAL A 408 2.52 -4.28 22.96
C VAL A 408 1.91 -4.37 24.36
N ASN A 409 1.64 -3.23 24.93
CA ASN A 409 0.94 -3.18 26.20
C ASN A 409 -0.10 -2.08 26.04
N LYS A 410 -0.73 -1.67 27.13
CA LYS A 410 -1.71 -0.58 27.12
C LYS A 410 -1.31 0.55 28.05
N ILE A 411 -0.01 0.82 28.16
CA ILE A 411 0.47 1.85 29.07
C ILE A 411 0.03 3.22 28.55
N SER A 412 -0.49 4.03 29.46
CA SER A 412 -0.90 5.40 29.17
C SER A 412 -0.85 6.20 30.46
N PRO A 413 -1.00 7.54 30.37
CA PRO A 413 -1.20 8.29 31.63
C PRO A 413 -2.67 8.40 32.00
N VAL A 437 16.10 -9.95 18.69
CA VAL A 437 14.88 -9.44 18.07
C VAL A 437 14.00 -10.60 17.56
N LEU A 438 12.93 -10.93 18.28
CA LEU A 438 12.10 -12.09 17.95
C LEU A 438 11.12 -11.78 16.83
N GLU A 439 10.85 -12.80 16.00
CA GLU A 439 9.87 -12.69 14.93
C GLU A 439 8.49 -12.33 15.47
N GLN A 440 7.62 -11.86 14.57
CA GLN A 440 6.29 -11.42 14.99
C GLN A 440 5.40 -12.60 15.36
N LEU A 441 5.63 -13.75 14.75
CA LEU A 441 5.13 -15.02 15.24
C LEU A 441 6.31 -15.75 15.85
N TYR A 442 6.17 -16.14 17.11
CA TYR A 442 7.30 -16.68 17.86
C TYR A 442 6.81 -17.66 18.90
N TYR A 443 6.03 -17.17 19.86
CA TYR A 443 5.47 -18.04 20.88
C TYR A 443 4.28 -18.84 20.38
N PHE A 444 3.69 -18.48 19.25
CA PHE A 444 2.52 -19.19 18.79
C PHE A 444 2.74 -19.88 17.46
N ARG A 445 3.97 -20.00 16.98
CA ARG A 445 4.08 -20.80 15.78
C ARG A 445 4.36 -22.26 16.14
N TYR A 446 4.02 -23.13 15.20
CA TYR A 446 4.07 -24.57 15.46
C TYR A 446 5.50 -25.04 15.70
N ASP A 447 6.40 -24.73 14.78
CA ASP A 447 7.81 -25.17 14.88
C ASP A 447 8.66 -23.98 14.45
N LYS A 448 9.08 -23.20 15.44
CA LYS A 448 9.94 -22.04 15.23
C LYS A 448 11.28 -22.41 14.56
N TYR A 449 11.76 -23.64 14.74
CA TYR A 449 13.08 -24.01 14.22
C TYR A 449 13.01 -24.80 12.92
N ALA A 450 11.83 -24.95 12.32
CA ALA A 450 11.77 -25.80 11.16
C ALA A 450 12.46 -25.14 9.97
N ARG A 451 13.02 -26.00 9.12
CA ARG A 451 13.87 -25.60 8.01
C ARG A 451 13.02 -25.22 6.81
N SER A 452 13.52 -24.27 6.02
CA SER A 452 12.91 -23.98 4.73
C SER A 452 13.55 -24.90 3.69
N CYS A 453 12.81 -25.15 2.60
CA CYS A 453 13.37 -25.92 1.50
C CYS A 453 14.64 -25.26 0.96
N ARG A 454 14.74 -23.95 1.11
CA ARG A 454 15.72 -23.18 0.37
C ARG A 454 17.13 -23.16 0.97
N PHE A 455 17.31 -23.29 2.29
CA PHE A 455 18.60 -22.88 2.86
C PHE A 455 19.41 -23.98 3.54
N LYS A 456 19.03 -24.47 4.72
CA LYS A 456 20.00 -25.33 5.43
C LYS A 456 20.25 -26.67 4.73
N SER A 468 16.95 -1.07 13.42
CA SER A 468 16.88 -1.40 14.84
C SER A 468 18.04 -0.75 15.62
N CYS A 469 17.75 -0.27 16.83
CA CYS A 469 18.56 0.72 17.55
C CYS A 469 19.32 0.18 18.76
N TYR A 470 19.29 -1.14 19.03
CA TYR A 470 19.93 -1.70 20.22
C TYR A 470 21.42 -1.35 20.27
N LYS A 471 22.07 -1.24 19.10
CA LYS A 471 23.50 -0.97 19.04
C LYS A 471 23.86 0.37 19.64
N TYR A 472 22.90 1.29 19.74
CA TYR A 472 23.15 2.60 20.31
C TYR A 472 23.33 2.55 21.83
N GLY A 473 22.90 1.49 22.49
CA GLY A 473 23.03 1.38 23.94
C GLY A 473 21.71 1.07 24.59
N GLN A 474 21.51 1.51 25.83
CA GLN A 474 20.32 1.14 26.59
C GLN A 474 19.05 1.56 25.87
N THR A 475 18.14 0.62 25.71
CA THR A 475 16.93 0.79 24.92
C THR A 475 15.71 0.58 25.79
N LEU A 476 14.78 1.51 25.73
CA LEU A 476 13.49 1.32 26.35
C LEU A 476 12.47 1.19 25.23
N ASP A 477 11.85 0.02 25.11
CA ASP A 477 10.91 -0.22 24.02
C ASP A 477 9.48 -0.08 24.55
N LEU A 478 8.86 1.06 24.25
CA LEU A 478 7.47 1.32 24.58
C LEU A 478 6.57 1.29 23.35
N SER A 479 7.02 0.65 22.27
CA SER A 479 6.23 0.61 21.05
C SER A 479 4.89 -0.09 21.27
N LYS A 480 3.90 0.33 20.47
CA LYS A 480 2.58 -0.30 20.42
C LYS A 480 1.92 -0.31 21.81
N ASN A 481 1.97 0.84 22.47
CA ASN A 481 1.23 1.06 23.70
C ASN A 481 0.12 2.07 23.44
N SER A 482 -0.45 2.61 24.50
CA SER A 482 -1.56 3.57 24.37
C SER A 482 -1.16 4.95 24.88
N ILE A 483 0.09 5.33 24.70
CA ILE A 483 0.53 6.63 25.17
C ILE A 483 -0.08 7.67 24.25
N PHE A 484 -0.96 8.53 24.82
CA PHE A 484 -1.59 9.58 24.03
C PHE A 484 -0.96 10.96 24.27
N PHE A 485 -0.30 11.15 25.42
CA PHE A 485 0.28 12.45 25.75
C PHE A 485 1.55 12.18 26.53
N ILE A 486 2.62 12.91 26.22
CA ILE A 486 3.87 12.76 26.94
C ILE A 486 4.26 14.09 27.54
N LYS A 487 4.94 14.03 28.68
CA LYS A 487 5.52 15.20 29.32
C LYS A 487 6.82 14.79 29.98
N SER A 488 7.66 15.79 30.24
CA SER A 488 9.04 15.55 30.70
C SER A 488 9.12 14.64 31.91
N SER A 489 8.21 14.81 32.86
CA SER A 489 8.31 14.03 34.09
C SER A 489 8.07 12.54 33.84
N ASP A 490 7.45 12.16 32.72
CA ASP A 490 7.29 10.74 32.39
C ASP A 490 8.62 10.03 32.30
N PHE A 491 9.69 10.75 31.98
CA PHE A 491 11.01 10.18 31.77
C PHE A 491 12.00 10.55 32.88
N GLN A 492 11.52 11.07 34.00
CA GLN A 492 12.39 11.41 35.11
C GLN A 492 13.24 10.21 35.50
N HIS A 493 14.53 10.47 35.71
CA HIS A 493 15.53 9.49 36.15
C HIS A 493 15.94 8.51 35.06
N LEU A 494 15.66 8.81 33.79
CA LEU A 494 15.99 7.94 32.66
C LEU A 494 17.03 8.57 31.74
N SER A 495 17.86 9.47 32.27
CA SER A 495 18.79 10.21 31.42
C SER A 495 19.83 9.28 30.80
N PHE A 496 19.99 8.08 31.34
CA PHE A 496 20.94 7.12 30.77
C PHE A 496 20.47 6.50 29.45
N LEU A 497 19.18 6.61 29.09
CA LEU A 497 18.68 5.93 27.90
C LEU A 497 19.40 6.44 26.65
N LYS A 498 19.74 5.49 25.77
CA LYS A 498 20.28 5.81 24.46
C LYS A 498 19.24 5.70 23.34
N CYS A 499 18.27 4.80 23.47
CA CYS A 499 17.25 4.65 22.43
C CYS A 499 15.90 4.50 23.09
N LEU A 500 14.95 5.32 22.64
CA LEU A 500 13.58 5.22 23.09
C LEU A 500 12.72 4.88 21.88
N ASN A 501 11.92 3.84 22.02
CA ASN A 501 11.00 3.42 20.96
C ASN A 501 9.59 3.73 21.39
N LEU A 502 9.01 4.77 20.80
CA LEU A 502 7.61 5.14 20.98
C LEU A 502 6.75 4.82 19.77
N SER A 503 7.26 4.00 18.84
CA SER A 503 6.51 3.69 17.63
C SER A 503 5.13 3.11 17.94
N GLY A 504 4.12 3.56 17.18
CA GLY A 504 2.82 2.94 17.29
C GLY A 504 2.10 3.24 18.57
N ASN A 505 2.30 4.43 19.13
CA ASN A 505 1.46 4.85 20.23
C ASN A 505 0.35 5.75 19.66
N LEU A 506 -0.24 6.58 20.49
CA LEU A 506 -1.36 7.39 20.05
C LEU A 506 -1.04 8.87 20.24
N ILE A 507 0.22 9.25 20.07
CA ILE A 507 0.68 10.56 20.48
C ILE A 507 0.25 11.57 19.42
N SER A 508 -0.75 12.37 19.76
CA SER A 508 -1.36 13.38 18.91
C SER A 508 -1.23 14.71 19.64
N GLN A 509 -0.10 15.36 19.43
CA GLN A 509 0.42 16.37 20.34
C GLN A 509 1.36 17.28 19.55
N THR A 510 1.31 18.58 19.83
CA THR A 510 2.34 19.49 19.30
C THR A 510 3.54 19.46 20.23
N LEU A 511 4.67 18.99 19.74
CA LEU A 511 5.88 19.02 20.56
C LEU A 511 6.52 20.40 20.47
N ASN A 512 7.01 20.92 21.61
CA ASN A 512 7.63 22.24 21.62
C ASN A 512 9.00 22.25 22.28
N GLY A 513 9.61 21.09 22.44
CA GLY A 513 10.93 21.01 23.05
C GLY A 513 10.92 20.81 24.54
N SER A 514 9.77 20.64 25.16
CA SER A 514 9.73 20.46 26.61
C SER A 514 9.48 19.02 27.03
N GLU A 515 9.11 18.13 26.10
CA GLU A 515 8.51 16.85 26.45
C GLU A 515 9.52 15.76 26.78
N PHE A 516 10.76 15.87 26.32
CA PHE A 516 11.77 14.83 26.53
C PHE A 516 12.95 15.34 27.34
N GLN A 517 12.72 16.34 28.19
CA GLN A 517 13.85 17.08 28.78
C GLN A 517 14.85 16.20 29.54
N PRO A 518 14.45 15.18 30.32
CA PRO A 518 15.44 14.37 31.04
C PRO A 518 16.31 13.47 30.17
N LEU A 519 15.98 13.25 28.89
CA LEU A 519 16.67 12.24 28.08
C LEU A 519 17.94 12.81 27.46
N ALA A 520 18.89 13.17 28.32
CA ALA A 520 20.04 13.93 27.86
C ALA A 520 21.02 13.10 27.05
N GLU A 521 20.93 11.77 27.11
CA GLU A 521 21.91 10.98 26.37
C GLU A 521 21.28 10.23 25.20
N LEU A 522 20.02 10.51 24.91
CA LEU A 522 19.31 9.79 23.87
C LEU A 522 19.96 10.03 22.51
N ARG A 523 20.25 8.94 21.82
CA ARG A 523 20.84 8.97 20.49
C ARG A 523 19.84 8.63 19.41
N TYR A 524 18.78 7.89 19.74
CA TYR A 524 17.85 7.36 18.75
C TYR A 524 16.45 7.47 19.33
N LEU A 525 15.56 8.17 18.63
CA LEU A 525 14.14 8.20 18.99
C LEU A 525 13.32 7.67 17.82
N ASP A 526 12.56 6.61 18.06
CA ASP A 526 11.61 6.09 17.08
C ASP A 526 10.24 6.64 17.47
N PHE A 527 9.81 7.66 16.75
CA PHE A 527 8.50 8.27 16.93
C PHE A 527 7.56 7.89 15.80
N SER A 528 7.84 6.80 15.09
CA SER A 528 7.01 6.48 13.94
C SER A 528 5.64 5.97 14.37
N ASN A 529 4.68 6.11 13.46
CA ASN A 529 3.33 5.61 13.68
C ASN A 529 2.67 6.30 14.88
N ASN A 530 2.79 7.61 14.92
CA ASN A 530 2.06 8.40 15.91
C ASN A 530 1.28 9.46 15.12
N ARG A 531 0.89 10.55 15.80
CA ARG A 531 0.19 11.66 15.16
C ARG A 531 0.87 12.98 15.53
N LEU A 532 2.18 13.04 15.27
CA LEU A 532 2.95 14.23 15.54
C LEU A 532 2.35 15.46 14.86
N ASP A 533 2.31 16.58 15.58
CA ASP A 533 1.81 17.83 15.01
C ASP A 533 2.99 18.81 15.04
N LEU A 534 3.64 18.96 13.88
CA LEU A 534 4.84 19.80 13.76
C LEU A 534 4.50 21.28 13.62
N LEU A 535 3.69 21.79 14.55
CA LEU A 535 3.44 23.22 14.61
C LEU A 535 4.69 24.01 14.98
N HIS A 536 5.54 23.48 15.85
CA HIS A 536 6.67 24.23 16.40
C HIS A 536 8.00 23.74 15.83
N SER A 537 8.83 24.67 15.37
CA SER A 537 10.13 24.29 14.86
C SER A 537 11.13 23.94 15.97
N THR A 538 10.70 24.01 17.24
CA THR A 538 11.47 23.60 18.40
C THR A 538 11.18 22.17 18.83
N ALA A 539 10.32 21.44 18.12
CA ALA A 539 10.05 20.05 18.47
C ALA A 539 11.36 19.25 18.50
N PHE A 540 11.56 18.46 19.54
CA PHE A 540 12.71 17.56 19.69
C PHE A 540 14.01 18.27 20.05
N GLU A 541 14.05 19.61 20.14
CA GLU A 541 15.35 20.24 20.34
C GLU A 541 15.94 20.00 21.73
N GLU A 542 15.16 19.51 22.70
CA GLU A 542 15.74 19.12 23.97
C GLU A 542 16.63 17.87 23.86
N LEU A 543 16.51 17.11 22.77
CA LEU A 543 17.29 15.88 22.63
C LEU A 543 18.60 16.24 21.97
N ARG A 544 19.52 16.79 22.76
CA ARG A 544 20.69 17.45 22.19
C ARG A 544 21.73 16.49 21.69
N LYS A 545 21.68 15.22 22.07
CA LYS A 545 22.58 14.21 21.53
C LYS A 545 21.94 13.34 20.45
N LEU A 546 20.73 13.67 19.99
CA LEU A 546 20.00 12.81 19.05
C LEU A 546 20.75 12.70 17.72
N GLU A 547 21.01 11.46 17.32
CA GLU A 547 21.63 11.18 16.05
C GLU A 547 20.65 10.66 15.00
N VAL A 548 19.63 9.91 15.41
CA VAL A 548 18.62 9.36 14.50
C VAL A 548 17.23 9.72 15.00
N LEU A 549 16.38 10.23 14.11
CA LEU A 549 14.99 10.51 14.43
C LEU A 549 14.11 9.86 13.38
N ASP A 550 13.17 9.02 13.81
CA ASP A 550 12.18 8.44 12.92
C ASP A 550 10.84 9.06 13.25
N ILE A 551 10.32 9.88 12.33
CA ILE A 551 8.95 10.39 12.45
C ILE A 551 8.14 9.94 11.24
N SER A 552 8.45 8.77 10.69
CA SER A 552 7.70 8.21 9.57
C SER A 552 6.27 7.81 10.00
N SER A 553 5.36 7.78 9.03
CA SER A 553 3.97 7.37 9.28
C SER A 553 3.35 8.19 10.41
N ASN A 554 3.55 9.50 10.33
CA ASN A 554 2.82 10.48 11.16
C ASN A 554 2.00 11.38 10.23
N SER A 555 1.25 10.78 9.31
CA SER A 555 0.61 11.53 8.25
C SER A 555 -0.63 12.32 8.69
N HIS A 556 -1.22 11.99 9.83
CA HIS A 556 -2.53 12.51 10.22
C HIS A 556 -2.67 14.02 10.02
N TYR A 557 -1.79 14.81 10.66
CA TYR A 557 -1.95 16.26 10.55
C TYR A 557 -1.49 16.77 9.18
N PHE A 558 -0.71 15.98 8.44
CA PHE A 558 -0.36 16.41 7.08
C PHE A 558 -1.51 16.23 6.09
N GLN A 559 -2.51 15.40 6.42
CA GLN A 559 -3.62 15.10 5.52
C GLN A 559 -4.77 16.11 5.58
N SER A 560 -4.69 17.15 6.41
CA SER A 560 -5.77 18.11 6.49
C SER A 560 -5.28 19.48 6.06
N GLU A 561 -6.01 20.12 5.14
CA GLU A 561 -5.54 21.33 4.50
C GLU A 561 -5.53 22.52 5.48
N GLY A 562 -4.62 23.43 5.24
CA GLY A 562 -4.62 24.70 5.95
C GLY A 562 -3.94 24.71 7.29
N ILE A 563 -3.24 23.65 7.66
CA ILE A 563 -2.65 23.50 8.98
C ILE A 563 -1.17 23.78 8.86
N THR A 564 -0.61 24.46 9.86
CA THR A 564 0.80 24.85 9.83
C THR A 564 1.71 23.67 10.18
N HIS A 565 2.76 23.51 9.37
CA HIS A 565 3.79 22.49 9.58
C HIS A 565 5.15 23.13 9.42
N MET A 566 6.02 22.92 10.42
CA MET A 566 7.38 23.48 10.40
C MET A 566 8.39 22.39 10.06
N LEU A 567 8.71 22.24 8.78
CA LEU A 567 9.74 21.25 8.45
C LEU A 567 11.15 21.75 8.69
N ASN A 568 11.34 23.03 9.05
CA ASN A 568 12.66 23.51 9.40
C ASN A 568 13.06 23.18 10.85
N PHE A 569 12.35 22.29 11.54
CA PHE A 569 12.70 21.91 12.90
C PHE A 569 14.08 21.25 13.01
N THR A 570 14.71 20.89 11.88
CA THR A 570 16.02 20.25 11.91
C THR A 570 17.17 21.16 12.34
N LYS A 571 17.01 22.49 12.21
CA LYS A 571 18.14 23.40 12.46
C LYS A 571 18.69 23.24 13.86
N ASN A 572 17.83 22.97 14.82
CA ASN A 572 18.23 22.94 16.23
C ASN A 572 18.94 21.66 16.63
N LEU A 573 18.86 20.59 15.84
CA LEU A 573 19.40 19.29 16.24
C LEU A 573 20.83 19.15 15.75
N LYS A 574 21.80 19.42 16.65
CA LYS A 574 23.14 19.72 16.18
C LYS A 574 23.97 18.50 15.84
N VAL A 575 23.59 17.30 16.31
CA VAL A 575 24.35 16.14 15.90
C VAL A 575 23.46 15.13 15.17
N LEU A 576 22.31 15.59 14.65
CA LEU A 576 21.38 14.71 13.97
C LEU A 576 22.02 14.23 12.68
N GLN A 577 22.12 12.91 12.52
CA GLN A 577 22.73 12.28 11.35
C GLN A 577 21.71 11.76 10.35
N LYS A 578 20.61 11.22 10.85
CA LYS A 578 19.66 10.50 10.02
C LYS A 578 18.25 10.90 10.42
N LEU A 579 17.44 11.27 9.42
CA LEU A 579 16.05 11.65 9.65
C LEU A 579 15.18 10.84 8.71
N MET A 580 14.18 10.16 9.26
CA MET A 580 13.21 9.41 8.46
C MET A 580 11.85 10.07 8.60
N MET A 581 11.27 10.49 7.48
CA MET A 581 9.91 11.03 7.52
C MET A 581 9.11 10.48 6.32
N ASN A 582 9.17 9.15 6.20
CA ASN A 582 8.48 8.42 5.16
C ASN A 582 6.99 8.34 5.44
N ASP A 583 6.20 8.30 4.37
CA ASP A 583 4.77 7.98 4.46
C ASP A 583 4.04 8.99 5.35
N ASN A 584 4.43 10.25 5.23
CA ASN A 584 3.74 11.30 5.93
C ASN A 584 2.78 12.04 5.02
N ASP A 585 2.73 11.69 3.75
CA ASP A 585 1.78 12.34 2.86
C ASP A 585 2.00 13.87 2.80
N ILE A 586 3.24 14.30 2.97
CA ILE A 586 3.50 15.73 3.07
C ILE A 586 3.29 16.38 1.70
N SER A 587 2.34 17.31 1.65
CA SER A 587 2.03 18.03 0.44
C SER A 587 2.12 19.53 0.60
N SER A 588 2.49 20.02 1.78
CA SER A 588 2.49 21.44 2.07
C SER A 588 3.45 21.68 3.22
N SER A 589 4.02 22.87 3.27
CA SER A 589 4.95 23.19 4.33
C SER A 589 4.95 24.69 4.54
N THR A 590 5.00 25.11 5.80
CA THR A 590 5.03 26.54 6.06
C THR A 590 6.42 27.10 5.84
N SER A 591 7.44 26.38 6.28
CA SER A 591 8.81 26.75 5.96
C SER A 591 9.22 26.20 4.60
N ARG A 592 10.05 26.95 3.92
CA ARG A 592 10.43 26.67 2.55
C ARG A 592 11.74 25.93 2.43
N THR A 593 12.51 25.85 3.52
CA THR A 593 13.81 25.22 3.51
C THR A 593 13.97 24.41 4.78
N MET A 594 14.57 23.24 4.64
CA MET A 594 15.07 22.51 5.78
C MET A 594 16.55 22.81 5.90
N GLU A 595 17.03 22.95 7.14
CA GLU A 595 18.43 23.30 7.34
C GLU A 595 19.05 22.38 8.38
N SER A 596 20.34 22.10 8.18
CA SER A 596 21.10 21.27 9.10
C SER A 596 22.57 21.36 8.74
N GLU A 597 23.40 21.49 9.76
CA GLU A 597 24.84 21.36 9.61
C GLU A 597 25.31 19.94 9.76
N SER A 598 24.45 19.01 10.20
CA SER A 598 24.90 17.65 10.49
C SER A 598 24.22 16.55 9.70
N LEU A 599 22.98 16.73 9.25
CA LEU A 599 22.22 15.62 8.67
C LEU A 599 22.95 15.01 7.46
N ARG A 600 23.18 13.69 7.51
CA ARG A 600 23.77 12.93 6.40
C ARG A 600 22.74 12.20 5.54
N THR A 601 21.62 11.77 6.13
CA THR A 601 20.67 10.89 5.46
C THR A 601 19.25 11.39 5.70
N LEU A 602 18.49 11.58 4.63
CA LEU A 602 17.09 11.95 4.77
C LEU A 602 16.25 10.96 3.96
N GLU A 603 15.32 10.29 4.63
CA GLU A 603 14.33 9.46 3.97
C GLU A 603 13.02 10.25 3.91
N PHE A 604 12.57 10.54 2.68
CA PHE A 604 11.40 11.37 2.41
C PHE A 604 10.45 10.64 1.48
N ARG A 605 10.42 9.32 1.59
CA ARG A 605 9.64 8.48 0.69
C ARG A 605 8.16 8.52 1.06
N GLY A 606 7.28 8.45 0.07
CA GLY A 606 5.86 8.37 0.40
C GLY A 606 5.24 9.69 0.80
N ASN A 607 5.69 10.79 0.21
CA ASN A 607 5.10 12.09 0.44
C ASN A 607 4.60 12.64 -0.89
N HIS A 608 4.33 13.94 -0.96
CA HIS A 608 3.78 14.51 -2.18
C HIS A 608 4.63 15.70 -2.63
N LEU A 609 5.90 15.41 -2.90
CA LEU A 609 6.73 16.42 -3.55
C LEU A 609 6.17 16.81 -4.91
N ASP A 610 5.35 15.96 -5.54
CA ASP A 610 4.74 16.38 -6.80
C ASP A 610 3.84 17.59 -6.59
N VAL A 611 3.14 17.64 -5.45
CA VAL A 611 2.29 18.78 -5.13
C VAL A 611 3.14 19.96 -4.67
N LEU A 612 4.08 19.70 -3.74
CA LEU A 612 4.98 20.76 -3.30
C LEU A 612 5.70 21.43 -4.47
N TRP A 613 6.15 20.62 -5.45
CA TRP A 613 6.86 21.10 -6.62
C TRP A 613 5.94 21.25 -7.84
N ARG A 614 4.66 21.54 -7.58
CA ARG A 614 3.72 21.85 -8.65
C ARG A 614 4.34 22.82 -9.65
N ASP A 615 4.26 22.46 -10.93
CA ASP A 615 4.89 23.23 -11.98
C ASP A 615 4.38 24.67 -11.97
N GLY A 616 5.31 25.62 -11.94
CA GLY A 616 4.96 27.02 -11.77
C GLY A 616 5.10 27.53 -10.36
N ASP A 617 5.22 26.64 -9.37
CA ASP A 617 5.43 27.00 -7.97
C ASP A 617 6.89 26.71 -7.66
N ASN A 618 7.67 27.78 -7.52
CA ASN A 618 9.10 27.69 -7.30
C ASN A 618 9.49 27.72 -5.82
N ARG A 619 8.52 27.85 -4.90
CA ARG A 619 8.88 28.20 -3.53
C ARG A 619 9.63 27.11 -2.77
N TYR A 620 9.40 25.83 -3.11
CA TYR A 620 9.99 24.72 -2.37
C TYR A 620 11.10 24.02 -3.16
N LEU A 621 11.58 24.63 -4.24
CA LEU A 621 12.60 23.97 -5.04
C LEU A 621 13.96 23.92 -4.35
N GLN A 622 14.11 24.58 -3.20
CA GLN A 622 15.35 24.49 -2.41
C GLN A 622 15.10 23.86 -1.04
N LEU A 623 14.02 23.10 -0.89
CA LEU A 623 13.67 22.50 0.39
C LEU A 623 14.85 21.80 1.05
N PHE A 624 15.66 21.09 0.28
CA PHE A 624 16.77 20.32 0.85
C PHE A 624 18.13 21.00 0.66
N LYS A 625 18.18 22.15 -0.02
CA LYS A 625 19.44 22.75 -0.42
C LYS A 625 20.36 23.02 0.75
N ASN A 626 19.80 23.45 1.88
CA ASN A 626 20.60 23.85 3.04
C ASN A 626 20.83 22.72 4.02
N LEU A 627 20.56 21.47 3.63
CA LEU A 627 21.06 20.32 4.39
C LEU A 627 22.48 20.06 3.88
N LEU A 628 23.45 20.83 4.39
CA LEU A 628 24.71 20.98 3.67
C LEU A 628 25.59 19.75 3.72
N LYS A 629 25.38 18.86 4.68
CA LYS A 629 26.16 17.62 4.73
C LYS A 629 25.38 16.42 4.21
N LEU A 630 24.20 16.66 3.64
CA LEU A 630 23.37 15.55 3.15
C LEU A 630 24.09 14.75 2.06
N GLU A 631 24.20 13.46 2.30
CA GLU A 631 24.76 12.55 1.31
C GLU A 631 23.74 11.61 0.72
N GLU A 632 22.68 11.29 1.46
CA GLU A 632 21.70 10.33 0.98
C GLU A 632 20.30 10.91 1.10
N LEU A 633 19.56 10.86 -0.01
CA LEU A 633 18.21 11.41 -0.11
C LEU A 633 17.33 10.38 -0.81
N ASP A 634 16.29 9.91 -0.13
CA ASP A 634 15.30 8.98 -0.69
C ASP A 634 14.01 9.75 -0.93
N ILE A 635 13.72 10.10 -2.17
CA ILE A 635 12.44 10.71 -2.51
C ILE A 635 11.71 9.83 -3.52
N SER A 636 11.79 8.53 -3.29
CA SER A 636 10.96 7.60 -4.04
C SER A 636 9.51 7.73 -3.56
N LYS A 637 8.59 7.19 -4.36
CA LYS A 637 7.17 7.17 -4.00
C LYS A 637 6.66 8.55 -3.62
N ASN A 638 6.97 9.52 -4.47
CA ASN A 638 6.47 10.88 -4.30
C ASN A 638 5.61 11.31 -5.48
N SER A 639 5.13 10.34 -6.28
CA SER A 639 4.30 10.64 -7.45
C SER A 639 4.95 11.64 -8.41
N LEU A 640 6.28 11.66 -8.47
CA LEU A 640 6.97 12.60 -9.37
C LEU A 640 6.94 12.02 -10.79
N SER A 641 5.89 12.34 -11.56
CA SER A 641 5.83 11.84 -12.93
C SER A 641 6.79 12.60 -13.83
N PHE A 642 7.18 13.80 -13.43
CA PHE A 642 8.27 14.53 -14.04
C PHE A 642 8.95 15.31 -12.91
N LEU A 643 10.17 15.78 -13.17
CA LEU A 643 10.87 16.66 -12.25
C LEU A 643 10.89 18.07 -12.80
N PRO A 644 10.30 19.04 -12.11
CA PRO A 644 10.34 20.43 -12.59
C PRO A 644 11.77 20.92 -12.62
N SER A 645 12.01 21.88 -13.51
CA SER A 645 13.35 22.46 -13.58
C SER A 645 13.66 23.20 -12.29
N GLY A 646 14.91 23.09 -11.87
CA GLY A 646 15.34 23.64 -10.59
C GLY A 646 15.44 22.63 -9.48
N VAL A 647 14.87 21.43 -9.63
CA VAL A 647 15.00 20.42 -8.57
C VAL A 647 16.46 20.04 -8.35
N PHE A 648 17.20 19.79 -9.43
CA PHE A 648 18.58 19.32 -9.27
C PHE A 648 19.51 20.44 -8.81
N ASP A 649 19.37 21.63 -9.39
CA ASP A 649 20.09 22.79 -8.88
C ASP A 649 19.78 23.05 -7.41
N GLY A 650 18.57 22.76 -6.98
CA GLY A 650 18.23 22.97 -5.59
C GLY A 650 18.71 21.93 -4.63
N MET A 651 19.40 20.86 -5.11
CA MET A 651 19.88 19.81 -4.22
C MET A 651 21.09 20.29 -3.45
N PRO A 652 21.31 19.77 -2.24
CA PRO A 652 22.49 20.17 -1.46
C PRO A 652 23.77 19.64 -2.11
N PRO A 653 24.91 20.27 -1.82
CA PRO A 653 26.09 20.10 -2.70
C PRO A 653 26.77 18.74 -2.63
N ASN A 654 26.65 18.02 -1.52
CA ASN A 654 27.38 16.79 -1.32
C ASN A 654 26.50 15.57 -1.54
N LEU A 655 25.35 15.73 -2.18
CA LEU A 655 24.46 14.60 -2.42
C LEU A 655 25.19 13.52 -3.24
N LYS A 656 25.22 12.31 -2.70
CA LYS A 656 25.89 11.15 -3.28
C LYS A 656 24.94 10.08 -3.77
N ASN A 657 23.86 9.85 -3.04
CA ASN A 657 22.97 8.71 -3.22
C ASN A 657 21.54 9.23 -3.30
N LEU A 658 20.95 9.18 -4.48
CA LEU A 658 19.60 9.70 -4.70
C LEU A 658 18.70 8.59 -5.21
N SER A 659 17.58 8.35 -4.54
CA SER A 659 16.55 7.48 -5.08
C SER A 659 15.35 8.29 -5.59
N LEU A 660 15.00 8.07 -6.84
CA LEU A 660 13.78 8.56 -7.44
C LEU A 660 12.90 7.39 -7.86
N ALA A 661 13.03 6.26 -7.16
CA ALA A 661 12.32 5.05 -7.53
C ALA A 661 10.81 5.24 -7.36
N LYS A 662 10.05 4.45 -8.13
CA LYS A 662 8.61 4.26 -7.90
C LYS A 662 7.87 5.59 -7.88
N ASN A 663 8.17 6.43 -8.86
CA ASN A 663 7.56 7.74 -8.99
C ASN A 663 6.63 7.82 -10.19
N GLY A 664 6.52 6.78 -11.00
CA GLY A 664 5.86 6.94 -12.28
C GLY A 664 6.52 7.96 -13.16
N LEU A 665 7.86 8.11 -13.07
CA LEU A 665 8.55 9.08 -13.90
C LEU A 665 8.45 8.68 -15.37
N LYS A 666 7.99 9.60 -16.20
CA LYS A 666 7.78 9.33 -17.61
C LYS A 666 8.82 9.99 -18.49
N SER A 667 9.62 10.90 -17.95
CA SER A 667 10.63 11.60 -18.72
C SER A 667 11.72 12.06 -17.76
N PHE A 668 12.89 12.33 -18.31
CA PHE A 668 14.04 12.63 -17.45
C PHE A 668 15.08 13.33 -18.30
N ILE A 669 15.43 14.56 -17.91
CA ILE A 669 16.44 15.35 -18.60
C ILE A 669 17.77 14.95 -17.95
N TRP A 670 18.44 13.97 -18.56
CA TRP A 670 19.65 13.40 -17.98
C TRP A 670 20.73 14.45 -17.77
N GLU A 671 20.78 15.47 -18.63
CA GLU A 671 21.82 16.50 -18.53
C GLU A 671 21.74 17.26 -17.20
N LYS A 672 20.58 17.29 -16.55
CA LYS A 672 20.51 17.96 -15.26
C LYS A 672 21.33 17.26 -14.17
N LEU A 673 21.75 16.02 -14.40
CA LEU A 673 22.62 15.38 -13.43
C LEU A 673 23.93 16.13 -13.28
N ARG A 674 24.29 16.97 -14.25
CA ARG A 674 25.49 17.79 -14.16
C ARG A 674 25.50 18.68 -12.91
N TYR A 675 24.32 19.09 -12.41
CA TYR A 675 24.29 19.85 -11.16
C TYR A 675 24.73 19.04 -9.96
N LEU A 676 24.64 17.70 -10.02
CA LEU A 676 24.90 16.84 -8.86
C LEU A 676 26.35 16.38 -8.87
N LYS A 677 27.23 17.27 -8.43
CA LYS A 677 28.64 17.09 -8.73
C LYS A 677 29.29 15.97 -7.91
N ASN A 678 28.62 15.48 -6.87
CA ASN A 678 29.11 14.37 -6.07
C ASN A 678 28.25 13.12 -6.18
N LEU A 679 27.33 13.09 -7.14
CA LEU A 679 26.42 11.96 -7.29
C LEU A 679 27.19 10.69 -7.62
N GLU A 680 26.96 9.66 -6.84
CA GLU A 680 27.55 8.35 -7.05
C GLU A 680 26.54 7.25 -7.36
N THR A 681 25.38 7.27 -6.70
CA THR A 681 24.32 6.29 -6.91
C THR A 681 23.03 6.99 -7.30
N LEU A 682 22.46 6.55 -8.41
CA LEU A 682 21.20 7.08 -8.88
C LEU A 682 20.23 5.92 -9.08
N ASP A 683 19.14 5.93 -8.32
CA ASP A 683 18.16 4.86 -8.40
C ASP A 683 16.91 5.38 -9.09
N LEU A 684 16.69 4.91 -10.32
CA LEU A 684 15.51 5.26 -11.10
C LEU A 684 14.62 4.06 -11.35
N SER A 685 14.69 3.06 -10.48
CA SER A 685 13.96 1.83 -10.73
C SER A 685 12.45 2.03 -10.59
N HIS A 686 11.70 1.14 -11.24
CA HIS A 686 10.24 1.11 -11.19
C HIS A 686 9.66 2.47 -11.59
N ASN A 687 9.99 2.90 -12.80
CA ASN A 687 9.45 4.13 -13.35
C ASN A 687 8.93 3.82 -14.75
N GLN A 688 8.78 4.85 -15.58
CA GLN A 688 8.29 4.70 -16.94
C GLN A 688 9.25 5.29 -17.96
N LEU A 689 10.55 5.30 -17.66
CA LEU A 689 11.48 5.85 -18.62
C LEU A 689 11.55 4.96 -19.87
N THR A 690 11.70 5.60 -21.01
CA THR A 690 11.83 4.91 -22.29
C THR A 690 13.20 5.07 -22.93
N THR A 691 14.01 6.02 -22.50
CA THR A 691 15.30 6.25 -23.15
C THR A 691 16.39 6.41 -22.11
N VAL A 692 17.62 6.17 -22.54
CA VAL A 692 18.80 6.48 -21.73
C VAL A 692 19.48 7.69 -22.38
N PRO A 693 20.40 8.39 -21.72
CA PRO A 693 21.06 9.52 -22.37
C PRO A 693 21.93 9.07 -23.53
N GLU A 694 22.16 10.01 -24.45
CA GLU A 694 23.03 9.74 -25.59
C GLU A 694 24.44 9.36 -25.16
N ARG A 695 24.97 10.04 -24.13
CA ARG A 695 26.30 9.73 -23.58
C ARG A 695 26.23 9.97 -22.07
N LEU A 696 26.14 8.88 -21.30
CA LEU A 696 26.05 8.99 -19.85
C LEU A 696 27.19 9.84 -19.29
N SER A 697 28.41 9.67 -19.83
CA SER A 697 29.58 10.36 -19.27
C SER A 697 29.45 11.87 -19.41
N ASN A 698 28.70 12.33 -20.39
CA ASN A 698 28.47 13.75 -20.59
C ASN A 698 27.43 14.34 -19.64
N CYS A 699 26.75 13.49 -18.86
CA CYS A 699 25.73 13.88 -17.89
C CYS A 699 26.22 13.90 -16.46
N SER A 700 27.22 13.08 -16.13
CA SER A 700 27.75 13.01 -14.78
C SER A 700 29.16 12.43 -14.84
N ARG A 701 30.12 13.15 -14.29
CA ARG A 701 31.47 12.61 -14.18
C ARG A 701 31.68 11.74 -12.96
N SER A 702 30.74 11.74 -12.01
CA SER A 702 30.93 11.03 -10.76
C SER A 702 30.14 9.74 -10.69
N LEU A 703 29.09 9.58 -11.51
CA LEU A 703 28.15 8.48 -11.33
C LEU A 703 28.84 7.11 -11.39
N LYS A 704 28.68 6.34 -10.32
CA LYS A 704 29.20 4.97 -10.23
C LYS A 704 28.15 3.90 -10.42
N ASN A 705 26.97 4.08 -9.82
CA ASN A 705 25.93 3.08 -9.73
C ASN A 705 24.64 3.66 -10.32
N LEU A 706 24.18 3.05 -11.41
CA LEU A 706 22.99 3.51 -12.12
C LEU A 706 21.97 2.37 -12.16
N ILE A 707 20.82 2.58 -11.53
CA ILE A 707 19.78 1.56 -11.41
C ILE A 707 18.60 1.99 -12.27
N LEU A 708 18.37 1.24 -13.35
CA LEU A 708 17.27 1.55 -14.26
C LEU A 708 16.30 0.39 -14.39
N LYS A 709 16.30 -0.53 -13.42
CA LYS A 709 15.46 -1.70 -13.57
C LYS A 709 13.97 -1.33 -13.52
N ASN A 710 13.16 -2.14 -14.22
CA ASN A 710 11.70 -2.00 -14.21
C ASN A 710 11.29 -0.66 -14.78
N ASN A 711 11.80 -0.36 -15.98
CA ASN A 711 11.37 0.77 -16.76
C ASN A 711 10.84 0.26 -18.10
N GLN A 712 10.66 1.17 -19.06
CA GLN A 712 10.12 0.83 -20.38
C GLN A 712 11.13 1.01 -21.50
N ILE A 713 12.40 0.77 -21.23
CA ILE A 713 13.46 1.06 -22.21
C ILE A 713 13.49 -0.03 -23.27
N ARG A 714 13.42 0.38 -24.54
CA ARG A 714 13.40 -0.55 -25.66
C ARG A 714 14.71 -0.59 -26.44
N SER A 715 15.55 0.42 -26.30
CA SER A 715 16.85 0.42 -26.97
C SER A 715 17.81 1.32 -26.21
N LEU A 716 19.09 1.08 -26.43
CA LEU A 716 20.12 1.94 -25.88
C LEU A 716 20.59 2.92 -26.94
N THR A 717 21.11 4.05 -26.50
CA THR A 717 21.64 4.99 -27.47
C THR A 717 22.97 4.48 -28.01
N LYS A 718 23.34 5.00 -29.18
CA LYS A 718 24.46 4.43 -29.92
C LYS A 718 25.77 4.48 -29.12
N TYR A 719 26.00 5.56 -28.35
CA TYR A 719 27.23 5.68 -27.58
C TYR A 719 26.99 5.76 -26.07
N PHE A 720 25.87 5.20 -25.62
CA PHE A 720 25.41 5.22 -24.22
C PHE A 720 26.55 5.29 -23.20
N LEU A 721 27.37 4.23 -23.09
CA LEU A 721 28.38 4.16 -22.05
C LEU A 721 29.79 4.61 -22.50
N GLN A 722 29.89 5.31 -23.62
CA GLN A 722 31.20 5.72 -24.13
C GLN A 722 31.95 6.61 -23.12
N ASP A 723 33.15 6.16 -22.72
CA ASP A 723 34.05 6.86 -21.79
C ASP A 723 33.45 7.13 -20.42
N ALA A 724 32.51 6.30 -19.97
CA ALA A 724 31.96 6.42 -18.62
C ALA A 724 32.86 5.68 -17.63
N PHE A 725 34.06 6.22 -17.43
CA PHE A 725 35.09 5.50 -16.67
C PHE A 725 34.75 5.35 -15.19
N GLN A 726 33.87 6.19 -14.65
CA GLN A 726 33.51 6.03 -13.25
C GLN A 726 32.48 4.94 -13.03
N LEU A 727 31.79 4.49 -14.09
CA LEU A 727 30.68 3.56 -13.90
C LEU A 727 31.20 2.23 -13.37
N ARG A 728 30.52 1.71 -12.35
CA ARG A 728 30.86 0.43 -11.74
C ARG A 728 29.69 -0.54 -11.65
N TYR A 729 28.45 -0.09 -11.77
CA TYR A 729 27.29 -0.95 -11.55
C TYR A 729 26.14 -0.43 -12.39
N LEU A 730 25.54 -1.32 -13.18
CA LEU A 730 24.49 -0.93 -14.13
C LEU A 730 23.40 -1.98 -14.14
N ASP A 731 22.18 -1.56 -13.79
CA ASP A 731 21.03 -2.46 -13.77
C ASP A 731 20.08 -2.00 -14.86
N LEU A 732 20.01 -2.77 -15.92
CA LEU A 732 19.04 -2.56 -16.98
C LEU A 732 17.98 -3.65 -16.99
N SER A 733 17.87 -4.41 -15.91
CA SER A 733 16.97 -5.56 -15.96
C SER A 733 15.51 -5.12 -15.93
N SER A 734 14.64 -6.04 -16.37
CA SER A 734 13.19 -5.81 -16.43
C SER A 734 12.85 -4.56 -17.22
N ASN A 735 13.41 -4.47 -18.42
CA ASN A 735 13.03 -3.44 -19.36
C ASN A 735 12.53 -4.13 -20.63
N LYS A 736 12.52 -3.47 -21.77
CA LYS A 736 12.06 -4.12 -23.00
C LYS A 736 13.12 -4.06 -24.09
N ILE A 737 14.39 -4.23 -23.72
CA ILE A 737 15.47 -4.07 -24.69
C ILE A 737 15.51 -5.27 -25.64
N GLN A 738 15.59 -4.97 -26.94
CA GLN A 738 15.69 -5.97 -27.99
C GLN A 738 17.12 -6.24 -28.43
N MET A 739 17.96 -5.21 -28.52
CA MET A 739 19.26 -5.30 -29.13
C MET A 739 20.22 -4.42 -28.35
N ILE A 740 21.47 -4.88 -28.27
CA ILE A 740 22.55 -4.07 -27.73
C ILE A 740 23.75 -4.25 -28.66
N GLN A 741 24.27 -3.14 -29.17
CA GLN A 741 25.41 -3.12 -30.07
C GLN A 741 26.64 -2.63 -29.30
N LYS A 742 27.81 -2.94 -29.86
CA LYS A 742 29.08 -2.73 -29.16
C LYS A 742 29.39 -1.25 -28.91
N THR A 743 28.93 -0.36 -29.79
CA THR A 743 29.17 1.06 -29.58
C THR A 743 28.57 1.54 -28.25
N SER A 744 27.41 0.98 -27.87
CA SER A 744 26.75 1.35 -26.61
C SER A 744 27.53 0.85 -25.40
N PHE A 745 28.24 -0.25 -25.52
CA PHE A 745 28.85 -0.97 -24.41
C PHE A 745 30.35 -1.14 -24.65
N PRO A 746 31.12 -0.07 -24.68
CA PRO A 746 32.56 -0.23 -24.97
C PRO A 746 33.25 -1.11 -23.93
N GLU A 747 34.17 -1.91 -24.44
CA GLU A 747 34.92 -2.91 -23.68
C GLU A 747 35.70 -2.29 -22.53
N ASN A 748 36.27 -1.09 -22.70
CA ASN A 748 37.01 -0.51 -21.58
C ASN A 748 36.09 -0.01 -20.46
N VAL A 749 34.79 0.16 -20.69
CA VAL A 749 33.87 0.42 -19.58
C VAL A 749 33.35 -0.88 -18.97
N LEU A 750 33.00 -1.86 -19.80
CA LEU A 750 32.43 -3.10 -19.29
C LEU A 750 33.36 -3.81 -18.31
N ASN A 751 34.67 -3.74 -18.53
CA ASN A 751 35.58 -4.53 -17.69
C ASN A 751 35.88 -3.82 -16.39
N ASN A 752 35.32 -2.64 -16.16
CA ASN A 752 35.37 -2.03 -14.84
C ASN A 752 34.08 -2.25 -14.06
N LEU A 753 33.09 -2.91 -14.66
CA LEU A 753 31.83 -3.11 -13.96
C LEU A 753 31.94 -4.23 -12.95
N LYS A 754 31.55 -3.93 -11.70
CA LYS A 754 31.35 -5.00 -10.73
C LYS A 754 30.16 -5.87 -11.09
N MET A 755 29.11 -5.29 -11.68
CA MET A 755 27.92 -6.06 -12.01
C MET A 755 27.14 -5.35 -13.10
N LEU A 756 26.55 -6.15 -14.01
CA LEU A 756 25.75 -5.66 -15.13
C LEU A 756 24.53 -6.56 -15.20
N LEU A 757 23.36 -6.01 -14.97
CA LEU A 757 22.14 -6.78 -14.88
C LEU A 757 21.31 -6.55 -16.15
N LEU A 758 20.92 -7.64 -16.79
CA LEU A 758 20.35 -7.58 -18.11
C LEU A 758 19.15 -8.48 -18.24
N HIS A 759 18.76 -9.17 -17.17
CA HIS A 759 17.76 -10.21 -17.28
C HIS A 759 16.39 -9.60 -17.44
N HIS A 760 15.49 -10.42 -17.96
CA HIS A 760 14.10 -10.05 -18.19
C HIS A 760 13.96 -8.86 -19.13
N ASN A 761 14.64 -8.94 -20.27
CA ASN A 761 14.42 -7.97 -21.32
C ASN A 761 13.70 -8.69 -22.48
N ARG A 762 13.86 -8.18 -23.71
CA ARG A 762 13.14 -8.76 -24.84
C ARG A 762 14.09 -9.04 -26.01
N PHE A 763 15.17 -9.77 -25.73
CA PHE A 763 16.28 -9.88 -26.67
C PHE A 763 15.88 -10.63 -27.96
N LEU A 764 16.23 -10.05 -29.09
CA LEU A 764 15.96 -10.61 -30.40
C LEU A 764 17.23 -11.28 -30.91
N CYS A 765 17.18 -12.60 -31.06
CA CYS A 765 18.38 -13.38 -31.34
C CYS A 765 18.51 -13.68 -32.83
N THR A 766 18.64 -12.61 -33.60
CA THR A 766 18.92 -12.70 -35.02
C THR A 766 20.40 -12.45 -35.25
N CYS A 767 20.82 -12.49 -36.52
CA CYS A 767 22.22 -12.27 -36.84
C CYS A 767 22.67 -10.84 -36.55
N ASP A 768 21.74 -9.89 -36.41
CA ASP A 768 22.11 -8.57 -35.92
C ASP A 768 22.62 -8.62 -34.47
N ALA A 769 22.32 -9.68 -33.72
CA ALA A 769 22.70 -9.80 -32.33
C ALA A 769 24.01 -10.58 -32.09
N VAL A 770 24.83 -10.83 -33.12
CA VAL A 770 25.97 -11.74 -32.95
C VAL A 770 26.98 -11.20 -31.94
N TRP A 771 27.25 -9.89 -31.97
CA TRP A 771 28.24 -9.36 -31.03
C TRP A 771 27.77 -9.53 -29.60
N PHE A 772 26.51 -9.14 -29.34
CA PHE A 772 26.01 -9.21 -27.98
C PHE A 772 25.99 -10.65 -27.47
N VAL A 773 25.51 -11.59 -28.30
CA VAL A 773 25.48 -12.99 -27.89
C VAL A 773 26.90 -13.48 -27.61
N TRP A 774 27.84 -13.20 -28.53
CA TRP A 774 29.22 -13.60 -28.31
C TRP A 774 29.78 -12.97 -27.02
N TRP A 775 29.57 -11.66 -26.85
CA TRP A 775 30.12 -10.98 -25.69
C TRP A 775 29.54 -11.55 -24.39
N VAL A 776 28.23 -11.80 -24.35
CA VAL A 776 27.61 -12.35 -23.14
C VAL A 776 28.19 -13.71 -22.81
N GLN A 777 28.38 -14.56 -23.83
CA GLN A 777 28.88 -15.90 -23.59
C GLN A 777 30.31 -15.89 -23.06
N HIS A 778 31.12 -14.92 -23.46
CA HIS A 778 32.55 -14.93 -23.19
C HIS A 778 33.02 -13.95 -22.13
N THR A 779 32.15 -13.06 -21.63
CA THR A 779 32.60 -12.06 -20.68
C THR A 779 32.83 -12.64 -19.29
N GLU A 780 33.76 -12.01 -18.57
CA GLU A 780 33.96 -12.24 -17.15
C GLU A 780 33.11 -11.36 -16.26
N VAL A 781 32.55 -10.26 -16.80
CA VAL A 781 31.66 -9.39 -16.04
C VAL A 781 30.56 -10.22 -15.41
N THR A 782 30.29 -9.96 -14.14
CA THR A 782 29.21 -10.65 -13.45
C THR A 782 27.85 -10.21 -14.00
N ILE A 783 27.06 -11.19 -14.43
CA ILE A 783 25.71 -10.97 -14.93
C ILE A 783 24.84 -12.03 -14.30
N PRO A 784 23.96 -11.68 -13.36
CA PRO A 784 23.13 -12.70 -12.73
C PRO A 784 22.02 -13.21 -13.64
N TYR A 785 21.55 -14.42 -13.33
CA TYR A 785 20.40 -15.07 -13.94
C TYR A 785 20.59 -15.47 -15.40
N LEU A 786 21.82 -15.53 -15.89
CA LEU A 786 22.07 -16.03 -17.25
C LEU A 786 21.33 -17.35 -17.51
N ALA A 787 21.28 -18.24 -16.52
CA ALA A 787 20.73 -19.56 -16.74
C ALA A 787 19.21 -19.60 -16.82
N THR A 788 18.50 -18.60 -16.29
CA THR A 788 17.03 -18.68 -16.23
C THR A 788 16.30 -17.45 -16.75
N ASP A 789 16.96 -16.28 -16.88
CA ASP A 789 16.17 -15.13 -17.32
C ASP A 789 16.94 -14.16 -18.20
N VAL A 790 17.94 -14.62 -18.94
CA VAL A 790 18.56 -13.84 -20.02
C VAL A 790 18.27 -14.62 -21.30
N THR A 791 17.16 -14.29 -21.95
CA THR A 791 16.43 -15.20 -22.83
C THR A 791 16.05 -14.52 -24.13
N CYS A 792 16.07 -15.27 -25.23
CA CYS A 792 15.52 -14.79 -26.49
C CYS A 792 14.00 -14.81 -26.47
N VAL A 793 13.36 -13.77 -26.99
CA VAL A 793 11.92 -13.83 -27.25
C VAL A 793 11.61 -14.14 -28.71
N GLY A 794 12.64 -14.21 -29.57
CA GLY A 794 12.47 -14.50 -30.97
C GLY A 794 13.82 -14.53 -31.65
N PRO A 795 13.87 -14.89 -32.94
CA PRO A 795 12.74 -15.20 -33.81
C PRO A 795 12.28 -16.64 -33.67
N GLY A 796 10.96 -16.85 -33.76
CA GLY A 796 10.30 -18.14 -33.67
C GLY A 796 11.12 -19.32 -33.19
N ALA A 797 12.11 -19.72 -34.00
CA ALA A 797 12.99 -20.83 -33.67
C ALA A 797 13.52 -20.72 -32.24
N HIS A 798 14.17 -19.59 -31.94
CA HIS A 798 14.91 -19.45 -30.68
C HIS A 798 14.07 -18.93 -29.52
N LYS A 799 12.74 -18.83 -29.66
CA LYS A 799 11.92 -18.30 -28.57
C LYS A 799 12.14 -19.12 -27.30
N GLY A 800 12.24 -18.43 -26.16
CA GLY A 800 12.48 -19.07 -24.86
C GLY A 800 13.85 -19.66 -24.65
N GLN A 801 14.77 -19.48 -25.58
CA GLN A 801 16.10 -20.05 -25.43
C GLN A 801 17.02 -19.10 -24.68
N SER A 802 17.83 -19.64 -23.77
CA SER A 802 18.82 -18.82 -23.11
C SER A 802 19.87 -18.35 -24.12
N VAL A 803 20.31 -17.10 -24.00
CA VAL A 803 21.28 -16.62 -24.96
C VAL A 803 22.64 -17.25 -24.71
N ILE A 804 22.91 -17.69 -23.47
CA ILE A 804 24.20 -18.31 -23.17
C ILE A 804 24.38 -19.62 -23.96
N SER A 805 23.28 -20.31 -24.26
CA SER A 805 23.33 -21.55 -25.04
C SER A 805 23.25 -21.32 -26.54
N LEU A 806 23.05 -20.09 -26.99
CA LEU A 806 22.73 -19.83 -28.38
C LEU A 806 23.91 -20.11 -29.30
N ASP A 807 23.67 -20.83 -30.39
CA ASP A 807 24.68 -21.07 -31.41
C ASP A 807 24.27 -20.32 -32.67
N LEU A 808 25.09 -19.37 -33.10
CA LEU A 808 24.77 -18.53 -34.24
C LEU A 808 25.72 -18.76 -35.42
N TYR A 809 26.22 -19.99 -35.57
CA TYR A 809 27.19 -20.27 -36.63
C TYR A 809 26.64 -19.96 -38.01
N THR A 810 25.33 -20.14 -38.21
CA THR A 810 24.73 -19.87 -39.51
C THR A 810 24.91 -18.42 -39.95
N CYS A 811 25.12 -17.50 -39.01
CA CYS A 811 25.44 -16.12 -39.36
C CYS A 811 26.85 -15.95 -39.90
N GLU A 812 27.69 -16.99 -39.91
CA GLU A 812 29.10 -16.92 -40.32
C GLU A 812 29.47 -17.86 -41.46
N LEU A 813 28.52 -18.38 -42.23
CA LEU A 813 28.87 -19.45 -43.18
C LEU A 813 29.79 -18.97 -44.31
N ALA B 5 -23.17 -9.55 -38.31
CA ALA B 5 -24.38 -8.86 -37.89
C ALA B 5 -24.36 -7.41 -38.39
N ARG B 6 -23.16 -6.83 -38.51
CA ARG B 6 -22.96 -5.56 -39.20
C ARG B 6 -22.53 -5.82 -40.64
N TRP B 7 -23.00 -4.98 -41.55
CA TRP B 7 -22.52 -5.08 -42.91
C TRP B 7 -21.27 -4.24 -43.15
N PHE B 8 -21.09 -3.15 -42.42
CA PHE B 8 -19.95 -2.27 -42.62
C PHE B 8 -19.25 -2.01 -41.30
N PRO B 9 -18.06 -2.60 -41.09
CA PRO B 9 -17.35 -2.37 -39.83
C PRO B 9 -17.04 -0.89 -39.65
N LYS B 10 -17.19 -0.43 -38.41
CA LYS B 10 -16.84 0.95 -38.12
C LYS B 10 -15.36 0.99 -37.76
N THR B 11 -14.60 1.75 -38.52
CA THR B 11 -13.17 1.85 -38.31
C THR B 11 -12.78 3.22 -37.78
N LEU B 12 -13.70 4.18 -37.81
CA LEU B 12 -13.47 5.49 -37.22
C LEU B 12 -13.08 5.34 -35.76
N PRO B 13 -11.96 5.88 -35.34
CA PRO B 13 -11.52 5.67 -33.95
C PRO B 13 -12.26 6.52 -32.94
N CYS B 14 -13.52 6.85 -33.20
CA CYS B 14 -14.28 7.68 -32.29
C CYS B 14 -15.56 6.96 -31.94
N ASP B 15 -16.10 7.25 -30.77
CA ASP B 15 -17.40 6.69 -30.44
C ASP B 15 -18.48 7.51 -31.11
N VAL B 16 -19.42 6.83 -31.76
CA VAL B 16 -20.50 7.48 -32.48
C VAL B 16 -21.82 7.01 -31.90
N THR B 17 -22.63 7.95 -31.48
CA THR B 17 -23.95 7.74 -30.89
C THR B 17 -25.00 8.65 -31.52
N LEU B 18 -26.19 8.07 -31.65
CA LEU B 18 -27.38 8.74 -32.16
C LEU B 18 -28.35 8.96 -31.02
N ASP B 19 -28.79 10.21 -30.86
CA ASP B 19 -29.89 10.58 -29.98
C ASP B 19 -30.92 11.25 -30.90
N VAL B 20 -31.81 10.43 -31.50
CA VAL B 20 -32.60 10.89 -32.62
C VAL B 20 -33.69 11.87 -32.20
N SER B 21 -34.04 11.93 -30.91
CA SER B 21 -34.96 12.98 -30.45
C SER B 21 -34.49 14.37 -30.87
N LYS B 22 -33.25 14.71 -30.50
CA LYS B 22 -32.70 16.04 -30.73
C LYS B 22 -31.89 16.16 -32.02
N ASN B 23 -32.07 15.23 -32.97
CA ASN B 23 -31.32 15.23 -34.24
C ASN B 23 -29.83 15.44 -34.02
N HIS B 24 -29.31 14.81 -32.97
CA HIS B 24 -27.91 14.92 -32.58
C HIS B 24 -27.16 13.66 -33.03
N VAL B 25 -26.07 13.86 -33.76
CA VAL B 25 -25.12 12.80 -34.06
C VAL B 25 -23.85 13.14 -33.30
N ILE B 26 -23.55 12.36 -32.27
CA ILE B 26 -22.49 12.66 -31.30
C ILE B 26 -21.27 11.82 -31.61
N VAL B 27 -20.18 12.50 -32.00
CA VAL B 27 -18.92 11.88 -32.34
C VAL B 27 -17.88 12.30 -31.30
N ASP B 28 -17.41 11.36 -30.49
CA ASP B 28 -16.51 11.64 -29.37
C ASP B 28 -15.16 10.98 -29.61
N CYS B 29 -14.16 11.78 -29.97
CA CYS B 29 -12.80 11.33 -30.18
C CYS B 29 -11.87 11.72 -29.02
N THR B 30 -12.42 11.83 -27.81
CA THR B 30 -11.57 12.26 -26.70
C THR B 30 -10.41 11.28 -26.52
N ASP B 31 -9.20 11.83 -26.50
CA ASP B 31 -8.02 11.07 -26.06
C ASP B 31 -7.85 9.79 -26.89
N LYS B 32 -7.69 9.99 -28.20
CA LYS B 32 -7.50 8.89 -29.14
C LYS B 32 -6.12 8.91 -29.77
N HIS B 33 -5.20 9.71 -29.25
CA HIS B 33 -3.84 9.84 -29.78
C HIS B 33 -3.86 10.22 -31.26
N LEU B 34 -4.84 11.04 -31.66
CA LEU B 34 -4.93 11.51 -33.03
C LEU B 34 -3.95 12.64 -33.28
N THR B 35 -3.33 12.62 -34.47
CA THR B 35 -2.54 13.75 -34.98
C THR B 35 -3.20 14.45 -36.16
N GLU B 36 -4.35 13.96 -36.62
CA GLU B 36 -5.16 14.63 -37.63
C GLU B 36 -6.61 14.36 -37.30
N ILE B 37 -7.49 15.23 -37.79
CA ILE B 37 -8.90 14.87 -37.73
C ILE B 37 -9.13 13.64 -38.59
N PRO B 38 -9.73 12.57 -38.08
CA PRO B 38 -9.91 11.38 -38.91
C PRO B 38 -10.88 11.64 -40.05
N GLY B 39 -10.62 10.99 -41.18
CA GLY B 39 -11.58 11.01 -42.26
C GLY B 39 -12.76 10.14 -41.94
N GLY B 40 -13.88 10.41 -42.62
CA GLY B 40 -15.01 9.53 -42.49
C GLY B 40 -15.96 9.84 -41.36
N ILE B 41 -15.79 11.00 -40.71
CA ILE B 41 -16.74 11.41 -39.67
C ILE B 41 -18.13 11.53 -40.28
N PRO B 42 -19.20 11.11 -39.63
CA PRO B 42 -20.52 11.22 -40.26
C PRO B 42 -20.82 12.65 -40.70
N THR B 43 -21.35 12.78 -41.93
CA THR B 43 -21.69 14.10 -42.47
C THR B 43 -22.75 14.78 -41.63
N ASN B 44 -23.61 14.01 -40.96
CA ASN B 44 -24.68 14.58 -40.14
C ASN B 44 -24.24 14.91 -38.72
N THR B 45 -22.94 14.90 -38.41
CA THR B 45 -22.51 15.07 -37.02
C THR B 45 -22.85 16.47 -36.50
N THR B 46 -23.46 16.51 -35.32
CA THR B 46 -23.78 17.75 -34.65
C THR B 46 -22.82 18.08 -33.51
N ASN B 47 -22.34 17.08 -32.77
CA ASN B 47 -21.41 17.26 -31.65
C ASN B 47 -20.12 16.55 -31.99
N LEU B 48 -19.05 17.32 -32.18
CA LEU B 48 -17.73 16.75 -32.45
C LEU B 48 -16.79 17.13 -31.32
N THR B 49 -16.26 16.13 -30.61
CA THR B 49 -15.34 16.33 -29.50
C THR B 49 -13.97 15.77 -29.86
N LEU B 50 -12.95 16.64 -29.84
CA LEU B 50 -11.59 16.25 -30.18
C LEU B 50 -10.61 16.55 -29.04
N THR B 51 -11.12 16.61 -27.82
CA THR B 51 -10.29 16.99 -26.69
C THR B 51 -9.20 15.96 -26.43
N ILE B 52 -8.03 16.45 -26.01
CA ILE B 52 -6.87 15.64 -25.64
C ILE B 52 -6.43 14.80 -26.83
N ASN B 53 -5.79 15.46 -27.79
CA ASN B 53 -5.20 14.84 -28.96
C ASN B 53 -4.04 15.76 -29.33
N HIS B 54 -3.36 15.42 -30.41
CA HIS B 54 -2.25 16.27 -30.84
C HIS B 54 -2.43 16.74 -32.27
N ILE B 55 -3.62 17.26 -32.57
CA ILE B 55 -3.91 17.78 -33.90
C ILE B 55 -3.35 19.19 -34.00
N PRO B 56 -2.37 19.42 -34.88
CA PRO B 56 -1.62 20.69 -34.85
C PRO B 56 -2.30 21.86 -35.55
N ASP B 57 -3.37 21.65 -36.31
CA ASP B 57 -3.96 22.78 -37.01
C ASP B 57 -5.40 22.50 -37.39
N ILE B 58 -6.14 23.59 -37.62
CA ILE B 58 -7.48 23.58 -38.16
C ILE B 58 -7.47 24.40 -39.45
N SER B 59 -8.27 23.97 -40.43
CA SER B 59 -8.33 24.64 -41.72
C SER B 59 -9.72 24.43 -42.29
N PRO B 60 -10.06 25.11 -43.39
CA PRO B 60 -11.38 24.86 -44.02
C PRO B 60 -11.58 23.39 -44.36
N ALA B 61 -10.51 22.65 -44.63
CA ALA B 61 -10.65 21.21 -44.85
C ALA B 61 -11.16 20.49 -43.60
N SER B 62 -10.89 21.04 -42.40
CA SER B 62 -11.18 20.34 -41.15
C SER B 62 -12.65 19.95 -41.04
N PHE B 63 -13.56 20.89 -41.28
CA PHE B 63 -14.97 20.64 -41.08
C PHE B 63 -15.78 20.79 -42.37
N HIS B 64 -15.14 20.62 -43.53
CA HIS B 64 -15.73 20.87 -44.84
C HIS B 64 -17.15 20.30 -44.96
N ARG B 65 -17.24 19.02 -44.76
CA ARG B 65 -18.34 18.11 -44.94
C ARG B 65 -19.32 18.12 -43.76
N LEU B 66 -18.98 18.81 -42.68
CA LEU B 66 -19.73 18.77 -41.42
C LEU B 66 -20.54 20.06 -41.25
N VAL B 67 -21.42 20.32 -42.22
CA VAL B 67 -22.19 21.55 -42.23
C VAL B 67 -23.16 21.62 -41.06
N HIS B 68 -23.52 20.48 -40.47
CA HIS B 68 -24.54 20.46 -39.43
C HIS B 68 -23.97 20.58 -38.01
N LEU B 69 -22.68 20.86 -37.84
CA LEU B 69 -22.10 20.98 -36.51
C LEU B 69 -22.76 22.09 -35.70
N VAL B 70 -23.33 21.73 -34.55
CA VAL B 70 -23.74 22.72 -33.56
C VAL B 70 -22.69 22.92 -32.46
N GLU B 71 -21.82 21.94 -32.22
CA GLU B 71 -20.81 22.06 -31.17
C GLU B 71 -19.51 21.44 -31.61
N ILE B 72 -18.42 22.22 -31.51
CA ILE B 72 -17.06 21.71 -31.63
C ILE B 72 -16.37 21.85 -30.27
N ASP B 73 -15.92 20.71 -29.72
CA ASP B 73 -15.09 20.68 -28.51
C ASP B 73 -13.69 20.28 -28.92
N PHE B 74 -12.82 21.27 -29.11
CA PHE B 74 -11.45 21.09 -29.59
C PHE B 74 -10.46 21.55 -28.53
N ARG B 75 -10.65 21.12 -27.28
CA ARG B 75 -9.82 21.57 -26.18
C ARG B 75 -8.52 20.78 -26.08
N CYS B 76 -7.49 21.45 -25.57
CA CYS B 76 -6.30 20.77 -25.06
C CYS B 76 -5.63 19.91 -26.13
N ASN B 77 -5.51 20.44 -27.34
CA ASN B 77 -4.59 19.83 -28.28
C ASN B 77 -3.22 20.48 -28.26
N CYS B 78 -3.06 21.54 -27.47
CA CYS B 78 -1.74 22.14 -27.28
C CYS B 78 -1.70 22.89 -25.96
N VAL B 79 -1.72 22.17 -24.86
CA VAL B 79 -1.93 22.82 -23.58
C VAL B 79 -0.65 23.55 -23.16
N PRO B 80 -0.76 24.69 -22.49
CA PRO B 80 0.42 25.38 -21.96
C PRO B 80 1.34 24.44 -21.20
N ILE B 81 2.65 24.73 -21.26
CA ILE B 81 3.67 23.76 -20.90
C ILE B 81 3.55 23.34 -19.44
N ARG B 82 3.37 24.30 -18.51
CA ARG B 82 3.28 23.90 -17.11
C ARG B 82 1.97 23.19 -16.79
N LEU B 83 0.95 23.31 -17.65
CA LEU B 83 -0.30 22.61 -17.41
C LEU B 83 -0.34 21.24 -18.09
N GLY B 84 0.53 20.98 -19.06
CA GLY B 84 0.42 19.79 -19.88
C GLY B 84 1.44 18.72 -19.52
N SER B 85 1.33 17.62 -20.24
CA SER B 85 2.22 16.49 -20.04
C SER B 85 3.66 16.90 -20.36
N LYS B 86 4.58 16.61 -19.44
CA LYS B 86 5.99 16.83 -19.73
C LYS B 86 6.61 15.71 -20.57
N SER B 87 6.00 14.52 -20.60
CA SER B 87 6.49 13.45 -21.47
C SER B 87 5.98 13.59 -22.91
N ASN B 88 4.87 14.27 -23.13
CA ASN B 88 4.41 14.57 -24.50
C ASN B 88 4.01 16.04 -24.56
N MET B 89 5.03 16.90 -24.56
CA MET B 89 4.82 18.34 -24.63
C MET B 89 4.37 18.73 -26.03
N CYS B 90 3.50 19.72 -26.12
CA CYS B 90 3.10 20.25 -27.41
C CYS B 90 4.23 21.12 -27.97
N PRO B 91 4.73 20.84 -29.17
CA PRO B 91 5.87 21.63 -29.66
C PRO B 91 5.49 22.98 -30.24
N ARG B 92 4.26 23.19 -30.68
CA ARG B 92 3.93 24.49 -31.29
C ARG B 92 2.43 24.71 -31.21
N ARG B 93 2.05 25.97 -31.02
CA ARG B 93 0.67 26.26 -30.71
C ARG B 93 -0.23 25.91 -31.89
N LEU B 94 -1.47 25.52 -31.57
CA LEU B 94 -2.45 25.22 -32.59
C LEU B 94 -2.58 26.36 -33.58
N GLN B 95 -2.55 26.00 -34.86
CA GLN B 95 -2.72 26.97 -35.95
C GLN B 95 -4.11 26.82 -36.53
N ILE B 96 -4.81 27.95 -36.60
CA ILE B 96 -6.17 28.02 -37.09
C ILE B 96 -6.13 28.88 -38.34
N LYS B 97 -6.32 28.26 -39.49
CA LYS B 97 -6.25 28.95 -40.76
C LYS B 97 -7.53 29.75 -40.97
N PRO B 98 -7.48 30.79 -41.80
CA PRO B 98 -8.69 31.57 -42.06
C PRO B 98 -9.77 30.69 -42.66
N ARG B 99 -11.02 31.07 -42.40
CA ARG B 99 -12.24 30.49 -42.99
C ARG B 99 -12.58 29.12 -42.39
N SER B 100 -11.92 28.72 -41.29
CA SER B 100 -12.15 27.39 -40.73
C SER B 100 -13.52 27.23 -40.09
N PHE B 101 -14.12 28.30 -39.61
CA PHE B 101 -15.41 28.22 -38.92
C PHE B 101 -16.54 28.96 -39.61
N SER B 102 -16.24 29.86 -40.57
CA SER B 102 -17.28 30.71 -41.14
C SER B 102 -18.32 29.91 -41.89
N GLY B 103 -17.93 28.77 -42.46
CA GLY B 103 -18.91 27.91 -43.07
C GLY B 103 -19.84 27.22 -42.08
N LEU B 104 -19.51 27.21 -40.79
CA LEU B 104 -20.26 26.40 -39.82
C LEU B 104 -21.46 27.21 -39.36
N THR B 105 -22.42 27.29 -40.27
CA THR B 105 -23.57 28.19 -40.15
C THR B 105 -24.48 27.85 -38.96
N TYR B 106 -24.45 26.62 -38.44
CA TYR B 106 -25.26 26.24 -37.28
C TYR B 106 -24.45 26.17 -35.96
N LEU B 107 -23.19 26.59 -35.96
CA LEU B 107 -22.31 26.36 -34.81
C LEU B 107 -22.74 27.22 -33.62
N LYS B 108 -23.15 26.56 -32.53
CA LYS B 108 -23.57 27.25 -31.31
C LYS B 108 -22.57 27.23 -30.17
N SER B 109 -21.56 26.35 -30.22
CA SER B 109 -20.63 26.21 -29.08
C SER B 109 -19.27 25.82 -29.62
N LEU B 110 -18.26 26.61 -29.26
CA LEU B 110 -16.90 26.37 -29.70
C LEU B 110 -16.01 26.42 -28.47
N TYR B 111 -15.34 25.30 -28.19
CA TYR B 111 -14.38 25.17 -27.08
C TYR B 111 -13.00 25.05 -27.68
N LEU B 112 -12.17 26.08 -27.50
CA LEU B 112 -10.79 26.05 -27.93
C LEU B 112 -9.84 26.24 -26.75
N ASP B 113 -10.27 25.87 -25.56
CA ASP B 113 -9.41 25.99 -24.38
C ASP B 113 -8.13 25.17 -24.56
N GLY B 114 -7.04 25.66 -23.98
CA GLY B 114 -5.86 24.83 -23.79
C GLY B 114 -5.08 24.55 -25.05
N ASN B 115 -4.95 25.54 -25.92
CA ASN B 115 -4.31 25.35 -27.21
C ASN B 115 -3.22 26.38 -27.46
N GLN B 116 -2.85 27.17 -26.45
CA GLN B 116 -1.79 28.17 -26.56
C GLN B 116 -2.12 29.22 -27.62
N LEU B 117 -3.41 29.51 -27.81
CA LEU B 117 -3.81 30.52 -28.78
C LEU B 117 -3.36 31.90 -28.32
N LEU B 118 -2.92 32.73 -29.27
CA LEU B 118 -2.44 34.07 -28.94
C LEU B 118 -3.48 35.15 -29.15
N GLU B 119 -4.55 34.86 -29.90
CA GLU B 119 -5.57 35.85 -30.18
C GLU B 119 -6.93 35.17 -30.22
N ILE B 120 -7.97 35.96 -30.07
CA ILE B 120 -9.35 35.51 -30.26
C ILE B 120 -9.53 35.10 -31.72
N PRO B 121 -9.84 33.84 -32.02
CA PRO B 121 -10.01 33.44 -33.41
C PRO B 121 -11.15 34.23 -34.06
N GLN B 122 -10.90 34.70 -35.28
CA GLN B 122 -11.85 35.53 -36.00
C GLN B 122 -12.58 34.66 -37.04
N GLY B 123 -13.53 35.28 -37.74
CA GLY B 123 -14.30 34.52 -38.72
C GLY B 123 -15.28 33.56 -38.10
N LEU B 124 -15.74 33.84 -36.89
CA LEU B 124 -16.68 32.94 -36.24
C LEU B 124 -18.10 33.26 -36.70
N PRO B 125 -18.94 32.24 -36.83
CA PRO B 125 -20.26 32.46 -37.42
C PRO B 125 -21.18 33.18 -36.45
N PRO B 126 -22.18 33.91 -36.97
CA PRO B 126 -23.10 34.65 -36.08
C PRO B 126 -24.00 33.78 -35.24
N SER B 127 -24.10 32.47 -35.50
CA SER B 127 -24.91 31.59 -34.66
C SER B 127 -24.31 31.32 -33.29
N LEU B 128 -23.06 31.70 -33.04
CA LEU B 128 -22.34 31.20 -31.87
C LEU B 128 -22.91 31.78 -30.58
N GLN B 129 -23.24 30.91 -29.63
CA GLN B 129 -23.70 31.36 -28.31
C GLN B 129 -22.63 31.25 -27.21
N LEU B 130 -21.74 30.26 -27.30
CA LEU B 130 -20.75 29.99 -26.27
C LEU B 130 -19.38 29.91 -26.91
N LEU B 131 -18.44 30.71 -26.40
CA LEU B 131 -17.05 30.63 -26.80
C LEU B 131 -16.18 30.46 -25.56
N SER B 132 -15.27 29.47 -25.60
CA SER B 132 -14.43 29.12 -24.45
C SER B 132 -12.98 29.14 -24.87
N LEU B 133 -12.18 30.01 -24.24
CA LEU B 133 -10.78 30.20 -24.59
C LEU B 133 -9.87 30.15 -23.37
N GLU B 134 -10.27 29.38 -22.35
CA GLU B 134 -9.46 29.20 -21.16
C GLU B 134 -8.11 28.58 -21.48
N ALA B 135 -7.13 28.87 -20.61
CA ALA B 135 -5.82 28.22 -20.70
C ALA B 135 -5.18 28.40 -22.07
N ASN B 136 -5.35 29.58 -22.65
CA ASN B 136 -4.60 30.01 -23.80
C ASN B 136 -3.67 31.13 -23.38
N ASN B 137 -3.10 31.82 -24.34
CA ASN B 137 -2.22 32.93 -24.02
C ASN B 137 -2.77 34.21 -24.61
N ILE B 138 -4.04 34.48 -24.30
CA ILE B 138 -4.72 35.67 -24.77
C ILE B 138 -4.87 36.59 -23.58
N PHE B 139 -4.15 37.73 -23.59
CA PHE B 139 -4.18 38.59 -22.42
C PHE B 139 -4.40 40.05 -22.78
N SER B 140 -4.98 40.31 -23.95
CA SER B 140 -5.37 41.66 -24.34
C SER B 140 -6.66 41.57 -25.12
N ILE B 141 -7.72 42.18 -24.59
CA ILE B 141 -9.05 42.12 -25.18
C ILE B 141 -9.36 43.47 -25.80
N ARG B 142 -9.51 43.49 -27.12
CA ARG B 142 -9.80 44.69 -27.88
C ARG B 142 -11.21 44.59 -28.42
N LYS B 143 -11.94 45.71 -28.40
CA LYS B 143 -13.32 45.68 -28.87
C LYS B 143 -13.44 45.18 -30.30
N GLU B 144 -12.46 45.46 -31.14
CA GLU B 144 -12.57 45.07 -32.54
C GLU B 144 -12.57 43.56 -32.69
N GLN B 145 -11.82 42.85 -31.84
CA GLN B 145 -11.79 41.39 -31.89
C GLN B 145 -13.09 40.75 -31.41
N LEU B 146 -13.98 41.53 -30.81
CA LEU B 146 -15.26 40.99 -30.32
C LEU B 146 -16.45 41.35 -31.20
N THR B 147 -16.26 42.16 -32.25
CA THR B 147 -17.42 42.50 -33.07
C THR B 147 -18.09 41.23 -33.60
N GLU B 148 -17.29 40.24 -34.02
CA GLU B 148 -17.84 38.99 -34.54
C GLU B 148 -18.76 38.27 -33.56
N LEU B 149 -18.78 38.67 -32.29
CA LEU B 149 -19.49 37.92 -31.26
C LEU B 149 -20.82 38.55 -30.88
N ALA B 150 -21.46 39.24 -31.84
CA ALA B 150 -22.67 40.01 -31.55
C ALA B 150 -23.69 39.21 -30.76
N ASN B 151 -23.85 37.93 -31.08
CA ASN B 151 -24.89 37.11 -30.48
C ASN B 151 -24.40 36.23 -29.35
N ILE B 152 -23.15 36.39 -28.89
CA ILE B 152 -22.58 35.49 -27.90
C ILE B 152 -23.28 35.68 -26.55
N GLU B 153 -23.51 34.57 -25.85
CA GLU B 153 -24.11 34.59 -24.52
C GLU B 153 -23.17 34.18 -23.40
N ILE B 154 -22.20 33.32 -23.68
CA ILE B 154 -21.32 32.76 -22.67
C ILE B 154 -19.90 32.84 -23.20
N LEU B 155 -19.02 33.45 -22.42
CA LEU B 155 -17.65 33.75 -22.87
C LEU B 155 -16.70 33.44 -21.73
N TYR B 156 -15.84 32.43 -21.92
CA TYR B 156 -14.88 31.98 -20.92
C TYR B 156 -13.50 32.39 -21.40
N LEU B 157 -12.86 33.31 -20.68
CA LEU B 157 -11.54 33.81 -21.05
C LEU B 157 -10.48 33.61 -19.96
N GLY B 158 -10.80 32.89 -18.89
CA GLY B 158 -9.92 32.79 -17.75
C GLY B 158 -8.70 31.89 -17.98
N GLN B 159 -7.82 31.88 -16.97
CA GLN B 159 -6.63 31.03 -16.93
C GLN B 159 -5.70 31.31 -18.09
N ASN B 160 -5.74 32.53 -18.61
CA ASN B 160 -4.81 32.94 -19.65
C ASN B 160 -3.60 33.67 -19.11
N CYS B 161 -3.60 34.09 -17.81
CA CYS B 161 -2.42 34.74 -17.22
C CYS B 161 -2.44 34.54 -15.70
N TYR B 162 -1.83 33.44 -15.26
CA TYR B 162 -1.67 33.15 -13.85
C TYR B 162 -0.44 32.28 -13.68
N TYR B 163 -0.18 31.85 -12.43
CA TYR B 163 1.13 31.28 -12.14
C TYR B 163 1.40 29.97 -12.88
N ARG B 164 0.37 29.19 -13.21
CA ARG B 164 0.61 28.00 -14.01
C ARG B 164 0.60 28.28 -15.49
N ASN B 165 0.42 29.54 -15.90
CA ASN B 165 0.39 29.88 -17.31
C ASN B 165 0.63 31.38 -17.45
N PRO B 166 1.85 31.84 -17.16
CA PRO B 166 2.08 33.29 -17.00
C PRO B 166 2.09 34.01 -18.34
N CYS B 167 1.71 35.29 -18.28
CA CYS B 167 1.88 36.18 -19.41
C CYS B 167 2.85 37.33 -19.12
N TYR B 168 3.27 37.52 -17.88
CA TYR B 168 4.32 38.45 -17.45
C TYR B 168 3.92 39.91 -17.58
N VAL B 169 2.65 40.22 -17.88
CA VAL B 169 2.16 41.58 -17.86
C VAL B 169 0.77 41.57 -17.23
N SER B 170 0.28 42.77 -16.92
CA SER B 170 -1.11 42.90 -16.50
C SER B 170 -2.03 42.61 -17.66
N TYR B 171 -3.18 42.02 -17.36
CA TYR B 171 -4.21 41.82 -18.34
C TYR B 171 -4.74 43.16 -18.81
N SER B 172 -5.09 43.25 -20.09
CA SER B 172 -5.57 44.50 -20.69
C SER B 172 -6.97 44.29 -21.27
N ILE B 173 -7.88 45.19 -20.94
CA ILE B 173 -9.22 45.18 -21.50
C ILE B 173 -9.56 46.60 -21.92
N GLU B 174 -9.90 46.78 -23.19
CA GLU B 174 -10.28 48.10 -23.66
C GLU B 174 -11.60 48.55 -23.04
N LYS B 175 -11.69 49.85 -22.78
CA LYS B 175 -12.94 50.49 -22.37
C LYS B 175 -14.08 50.03 -23.26
N ASP B 176 -15.16 49.58 -22.63
CA ASP B 176 -16.40 49.17 -23.30
C ASP B 176 -16.22 47.98 -24.24
N ALA B 177 -15.13 47.19 -24.10
CA ALA B 177 -14.92 46.04 -24.98
C ALA B 177 -16.15 45.12 -25.06
N PHE B 178 -16.84 44.93 -23.95
CA PHE B 178 -17.96 43.99 -23.91
C PHE B 178 -19.33 44.66 -24.04
N LEU B 179 -19.40 46.00 -24.07
CA LEU B 179 -20.70 46.67 -23.95
C LEU B 179 -21.65 46.30 -25.08
N ASN B 180 -21.14 46.21 -26.32
CA ASN B 180 -22.02 45.91 -27.44
C ASN B 180 -22.30 44.41 -27.61
N LEU B 181 -21.87 43.56 -26.66
CA LEU B 181 -22.29 42.17 -26.66
C LEU B 181 -23.60 42.12 -25.90
N THR B 182 -24.66 42.52 -26.61
CA THR B 182 -25.95 42.82 -25.99
C THR B 182 -26.71 41.58 -25.53
N LYS B 183 -26.21 40.38 -25.83
CA LYS B 183 -26.84 39.15 -25.34
C LYS B 183 -25.95 38.42 -24.32
N LEU B 184 -24.75 38.94 -24.06
CA LEU B 184 -23.80 38.32 -23.14
C LEU B 184 -24.40 38.15 -21.76
N LYS B 185 -24.43 36.91 -21.28
CA LYS B 185 -24.99 36.58 -19.97
C LYS B 185 -23.95 36.12 -18.95
N VAL B 186 -22.90 35.43 -19.38
CA VAL B 186 -21.90 34.86 -18.47
C VAL B 186 -20.54 35.32 -18.93
N LEU B 187 -19.78 35.93 -18.04
CA LEU B 187 -18.43 36.38 -18.37
C LEU B 187 -17.48 35.93 -17.29
N SER B 188 -16.47 35.16 -17.67
CA SER B 188 -15.48 34.65 -16.74
C SER B 188 -14.13 35.20 -17.16
N LEU B 189 -13.54 36.01 -16.29
CA LEU B 189 -12.22 36.58 -16.50
C LEU B 189 -11.30 36.23 -15.34
N LYS B 190 -11.57 35.08 -14.71
CA LYS B 190 -10.84 34.56 -13.56
C LYS B 190 -9.39 34.25 -13.93
N ASP B 191 -8.53 34.18 -12.91
CA ASP B 191 -7.15 33.70 -13.04
C ASP B 191 -6.41 34.36 -14.22
N ASN B 192 -6.50 35.70 -14.29
CA ASN B 192 -6.08 36.39 -15.50
C ASN B 192 -5.15 37.59 -15.30
N ASN B 193 -4.68 37.87 -14.07
CA ASN B 193 -3.84 39.05 -13.79
C ASN B 193 -4.57 40.36 -14.13
N VAL B 194 -5.90 40.39 -13.97
CA VAL B 194 -6.70 41.61 -14.20
C VAL B 194 -6.46 42.61 -13.07
N THR B 195 -6.42 43.91 -13.43
CA THR B 195 -6.16 44.95 -12.44
C THR B 195 -7.34 45.85 -12.13
N THR B 196 -8.36 45.94 -12.99
CA THR B 196 -9.57 46.67 -12.67
C THR B 196 -10.77 45.95 -13.25
N VAL B 197 -11.92 46.18 -12.64
CA VAL B 197 -13.20 45.70 -13.17
C VAL B 197 -13.40 46.37 -14.51
N PRO B 198 -13.57 45.61 -15.59
CA PRO B 198 -13.77 46.25 -16.90
C PRO B 198 -15.15 46.91 -16.97
N THR B 199 -15.18 48.10 -17.56
CA THR B 199 -16.41 48.88 -17.70
C THR B 199 -16.42 49.45 -19.11
N VAL B 200 -17.62 49.72 -19.63
CA VAL B 200 -18.90 49.37 -19.02
C VAL B 200 -19.29 47.97 -19.48
N LEU B 201 -19.92 47.22 -18.60
CA LEU B 201 -20.34 45.89 -18.97
C LEU B 201 -21.79 45.89 -19.42
N PRO B 202 -22.19 44.94 -20.29
CA PRO B 202 -23.58 44.89 -20.74
C PRO B 202 -24.52 44.45 -19.62
N SER B 203 -25.69 45.08 -19.57
CA SER B 203 -26.61 44.89 -18.47
C SER B 203 -27.34 43.55 -18.51
N THR B 204 -27.16 42.77 -19.57
CA THR B 204 -27.73 41.43 -19.60
C THR B 204 -26.97 40.44 -18.69
N LEU B 205 -25.77 40.76 -18.21
CA LEU B 205 -24.97 39.81 -17.44
C LEU B 205 -25.76 39.19 -16.30
N THR B 206 -25.73 37.87 -16.22
CA THR B 206 -26.26 37.15 -15.07
C THR B 206 -25.16 36.59 -14.19
N GLU B 207 -23.98 36.34 -14.72
CA GLU B 207 -22.88 35.74 -13.98
C GLU B 207 -21.60 36.44 -14.39
N LEU B 208 -20.85 36.92 -13.40
CA LEU B 208 -19.59 37.63 -13.66
C LEU B 208 -18.52 37.09 -12.73
N TYR B 209 -17.47 36.50 -13.32
CA TYR B 209 -16.40 35.84 -12.56
C TYR B 209 -15.12 36.64 -12.73
N LEU B 210 -14.67 37.26 -11.65
CA LEU B 210 -13.46 38.09 -11.67
C LEU B 210 -12.46 37.64 -10.62
N TYR B 211 -12.52 36.37 -10.21
CA TYR B 211 -11.74 35.97 -9.05
C TYR B 211 -10.32 35.59 -9.43
N ASN B 212 -9.45 35.57 -8.41
CA ASN B 212 -8.02 35.29 -8.58
C ASN B 212 -7.39 36.25 -9.58
N ASN B 213 -7.53 37.53 -9.31
CA ASN B 213 -6.89 38.54 -10.14
C ASN B 213 -6.09 39.48 -9.24
N MET B 214 -5.78 40.67 -9.77
CA MET B 214 -5.06 41.72 -9.07
C MET B 214 -5.89 42.99 -9.00
N ILE B 215 -7.16 42.86 -8.67
CA ILE B 215 -8.04 44.01 -8.51
C ILE B 215 -7.92 44.48 -7.07
N ALA B 216 -7.39 45.68 -6.87
CA ALA B 216 -7.22 46.21 -5.53
C ALA B 216 -8.42 47.04 -5.09
N GLU B 217 -9.21 47.54 -6.04
CA GLU B 217 -10.29 48.42 -5.65
C GLU B 217 -11.48 48.26 -6.58
N ILE B 218 -12.66 48.28 -5.99
CA ILE B 218 -13.90 48.35 -6.74
C ILE B 218 -14.29 49.83 -6.82
N GLN B 219 -14.58 50.32 -8.02
CA GLN B 219 -15.14 51.67 -8.11
C GLN B 219 -16.64 51.61 -7.82
N GLU B 220 -17.17 52.70 -7.26
CA GLU B 220 -18.56 52.68 -6.79
C GLU B 220 -19.55 52.43 -7.91
N ASP B 221 -19.17 52.70 -9.16
CA ASP B 221 -20.05 52.46 -10.29
C ASP B 221 -19.64 51.26 -11.15
N ASP B 222 -18.66 50.45 -10.72
CA ASP B 222 -18.23 49.30 -11.51
C ASP B 222 -19.39 48.38 -11.88
N PHE B 223 -20.37 48.22 -10.99
CA PHE B 223 -21.51 47.34 -11.20
C PHE B 223 -22.83 48.09 -11.36
N ASN B 224 -22.77 49.37 -11.73
CA ASN B 224 -23.93 50.28 -11.75
C ASN B 224 -25.11 49.74 -12.54
N ASN B 225 -24.86 49.15 -13.70
CA ASN B 225 -25.94 48.82 -14.62
C ASN B 225 -26.34 47.36 -14.57
N LEU B 226 -25.76 46.58 -13.66
CA LEU B 226 -25.91 45.11 -13.75
C LEU B 226 -27.14 44.62 -12.99
N ASN B 227 -28.32 45.09 -13.41
CA ASN B 227 -29.51 44.77 -12.64
C ASN B 227 -30.04 43.36 -12.88
N GLN B 228 -29.45 42.61 -13.79
CA GLN B 228 -29.80 41.19 -13.94
C GLN B 228 -28.77 40.25 -13.34
N LEU B 229 -27.74 40.77 -12.69
CA LEU B 229 -26.67 39.92 -12.20
C LEU B 229 -27.18 39.02 -11.08
N GLN B 230 -26.92 37.72 -11.21
CA GLN B 230 -27.30 36.75 -10.20
C GLN B 230 -26.11 36.17 -9.44
N ILE B 231 -24.95 36.07 -10.08
CA ILE B 231 -23.74 35.54 -9.46
C ILE B 231 -22.58 36.51 -9.69
N LEU B 232 -21.89 36.87 -8.62
CA LEU B 232 -20.69 37.71 -8.69
C LEU B 232 -19.61 37.10 -7.81
N ASP B 233 -18.42 36.92 -8.36
CA ASP B 233 -17.33 36.30 -7.62
C ASP B 233 -16.12 37.20 -7.74
N LEU B 234 -15.74 37.83 -6.63
CA LEU B 234 -14.59 38.72 -6.58
C LEU B 234 -13.47 38.12 -5.74
N SER B 235 -13.56 36.83 -5.44
CA SER B 235 -12.65 36.20 -4.49
C SER B 235 -11.20 36.30 -4.96
N GLY B 236 -10.27 36.19 -4.01
CA GLY B 236 -8.89 36.09 -4.41
C GLY B 236 -8.37 37.35 -5.06
N ASN B 237 -8.93 38.50 -4.73
CA ASN B 237 -8.33 39.79 -5.04
C ASN B 237 -7.93 40.40 -3.71
N CYS B 238 -6.63 40.62 -3.53
CA CYS B 238 -6.01 40.84 -2.21
C CYS B 238 -6.17 39.57 -1.38
N PRO B 239 -5.51 38.49 -1.78
CA PRO B 239 -5.71 37.21 -1.10
C PRO B 239 -5.12 37.20 0.30
N ARG B 240 -5.70 36.36 1.14
CA ARG B 240 -5.06 35.96 2.38
C ARG B 240 -4.10 34.82 2.05
N CYS B 241 -2.81 35.04 2.25
CA CYS B 241 -1.79 34.16 1.72
C CYS B 241 -1.20 33.20 2.74
N TYR B 242 -1.63 33.24 4.00
CA TYR B 242 -1.03 32.37 5.01
C TYR B 242 -1.33 30.91 4.70
N ASN B 243 -0.27 30.10 4.60
CA ASN B 243 -0.34 28.68 4.26
C ASN B 243 -1.00 28.43 2.91
N ALA B 244 -0.90 29.36 1.99
CA ALA B 244 -1.41 29.11 0.64
C ALA B 244 -0.54 28.06 -0.04
N PRO B 245 -1.12 27.02 -0.65
CA PRO B 245 -0.30 26.01 -1.32
C PRO B 245 -0.04 26.33 -2.79
N PHE B 246 -0.18 27.61 -3.15
CA PHE B 246 0.19 28.14 -4.44
C PHE B 246 0.90 29.46 -4.20
N PRO B 247 1.76 29.89 -5.13
CA PRO B 247 2.39 31.21 -4.98
C PRO B 247 1.32 32.28 -4.84
N CYS B 248 1.49 33.15 -3.86
CA CYS B 248 0.41 34.03 -3.43
C CYS B 248 1.02 35.39 -3.12
N THR B 249 0.56 36.43 -3.81
CA THR B 249 1.02 37.79 -3.58
C THR B 249 -0.11 38.60 -2.95
N PRO B 250 0.03 39.03 -1.71
CA PRO B 250 -1.02 39.83 -1.07
C PRO B 250 -0.97 41.27 -1.55
N CYS B 251 -2.11 41.94 -1.44
CA CYS B 251 -2.13 43.38 -1.62
C CYS B 251 -1.21 44.05 -0.62
N LYS B 252 -0.48 45.07 -1.08
CA LYS B 252 0.40 45.87 -0.22
C LYS B 252 -0.34 46.47 0.97
N ASN B 253 0.45 46.79 2.00
CA ASN B 253 -0.01 47.57 3.15
C ASN B 253 -1.05 46.81 3.96
N ASN B 254 -1.10 45.47 3.82
CA ASN B 254 -2.14 44.63 4.43
C ASN B 254 -3.56 45.06 4.05
N SER B 255 -3.74 45.68 2.89
CA SER B 255 -5.05 46.18 2.54
C SER B 255 -5.99 45.05 2.16
N PRO B 256 -7.28 45.21 2.43
CA PRO B 256 -8.29 44.33 1.85
C PRO B 256 -8.61 44.79 0.44
N LEU B 257 -9.41 43.98 -0.25
CA LEU B 257 -10.08 44.47 -1.45
C LEU B 257 -11.00 45.61 -1.04
N GLN B 258 -10.85 46.77 -1.67
CA GLN B 258 -11.56 47.98 -1.23
C GLN B 258 -12.89 48.05 -1.98
N ILE B 259 -14.00 47.91 -1.27
CA ILE B 259 -15.33 47.89 -1.90
C ILE B 259 -16.22 48.98 -1.30
N PRO B 260 -16.55 50.02 -2.06
CA PRO B 260 -17.39 51.11 -1.52
C PRO B 260 -18.72 50.58 -1.01
N VAL B 261 -19.24 51.26 0.04
CA VAL B 261 -20.41 50.78 0.77
C VAL B 261 -21.64 50.62 -0.13
N ASN B 262 -21.70 51.36 -1.24
CA ASN B 262 -22.84 51.31 -2.17
C ASN B 262 -22.54 50.51 -3.44
N ALA B 263 -21.40 49.82 -3.51
CA ALA B 263 -20.97 49.19 -4.76
C ALA B 263 -21.98 48.18 -5.31
N PHE B 264 -22.82 47.58 -4.46
CA PHE B 264 -23.73 46.52 -4.86
C PHE B 264 -25.17 47.00 -5.04
N ASP B 265 -25.42 48.31 -4.95
CA ASP B 265 -26.80 48.78 -4.86
C ASP B 265 -27.63 48.42 -6.08
N ALA B 266 -27.01 48.37 -7.25
CA ALA B 266 -27.72 48.00 -8.48
C ALA B 266 -28.09 46.53 -8.55
N LEU B 267 -27.53 45.69 -7.68
CA LEU B 267 -27.54 44.24 -7.88
C LEU B 267 -28.76 43.60 -7.22
N THR B 268 -29.94 44.05 -7.67
CA THR B 268 -31.17 43.66 -7.01
C THR B 268 -31.48 42.19 -7.18
N GLU B 269 -30.97 41.57 -8.24
CA GLU B 269 -31.21 40.16 -8.51
C GLU B 269 -30.13 39.23 -7.94
N LEU B 270 -29.11 39.78 -7.29
CA LEU B 270 -27.95 38.97 -6.90
C LEU B 270 -28.35 37.86 -5.93
N LYS B 271 -27.98 36.62 -6.28
CA LYS B 271 -28.21 35.46 -5.43
C LYS B 271 -26.94 34.90 -4.80
N VAL B 272 -25.79 35.03 -5.46
CA VAL B 272 -24.53 34.44 -5.01
C VAL B 272 -23.47 35.53 -4.98
N LEU B 273 -22.88 35.77 -3.81
CA LEU B 273 -21.79 36.72 -3.67
C LEU B 273 -20.61 35.99 -3.07
N ARG B 274 -19.51 35.93 -3.81
CA ARG B 274 -18.33 35.19 -3.37
C ARG B 274 -17.19 36.17 -3.12
N LEU B 275 -16.85 36.33 -1.84
CA LEU B 275 -15.79 37.21 -1.38
C LEU B 275 -14.80 36.40 -0.55
N HIS B 276 -14.35 35.28 -1.11
CA HIS B 276 -13.37 34.41 -0.48
C HIS B 276 -11.98 35.01 -0.69
N SER B 277 -11.19 35.02 0.38
CA SER B 277 -9.78 35.42 0.27
C SER B 277 -9.63 36.82 -0.35
N ASN B 278 -10.26 37.80 0.31
CA ASN B 278 -10.11 39.21 -0.03
C ASN B 278 -9.46 40.01 1.11
N SER B 279 -8.90 39.33 2.13
CA SER B 279 -8.28 39.98 3.29
C SER B 279 -9.21 40.98 3.97
N LEU B 280 -10.51 40.71 3.93
CA LEU B 280 -11.48 41.61 4.54
C LEU B 280 -11.35 41.58 6.06
N GLN B 281 -11.41 42.75 6.69
CA GLN B 281 -11.46 42.82 8.14
C GLN B 281 -12.82 43.24 8.67
N HIS B 282 -13.67 43.81 7.82
CA HIS B 282 -15.00 44.25 8.21
C HIS B 282 -15.97 43.91 7.10
N VAL B 283 -17.24 43.70 7.46
CA VAL B 283 -18.32 43.55 6.50
C VAL B 283 -19.36 44.63 6.78
N PRO B 284 -19.36 45.72 6.02
CA PRO B 284 -20.32 46.83 6.29
C PRO B 284 -21.74 46.40 5.98
N PRO B 285 -22.66 46.58 6.93
CA PRO B 285 -24.08 46.27 6.65
C PRO B 285 -24.60 46.96 5.40
N ARG B 286 -24.12 48.17 5.11
CA ARG B 286 -24.62 48.97 4.01
C ARG B 286 -24.44 48.26 2.65
N TRP B 287 -23.47 47.34 2.57
CA TRP B 287 -23.28 46.54 1.35
C TRP B 287 -24.58 45.87 0.90
N PHE B 288 -25.39 45.39 1.84
CA PHE B 288 -26.55 44.58 1.52
C PHE B 288 -27.87 45.35 1.57
N LYS B 289 -27.83 46.68 1.54
CA LYS B 289 -29.03 47.51 1.60
C LYS B 289 -30.07 47.12 0.54
N ASN B 290 -29.64 46.96 -0.72
CA ASN B 290 -30.53 46.72 -1.84
C ASN B 290 -30.54 45.27 -2.34
N ILE B 291 -29.76 44.37 -1.72
CA ILE B 291 -29.80 42.95 -2.02
C ILE B 291 -30.59 42.28 -0.90
N ASN B 292 -31.76 41.81 -1.30
CA ASN B 292 -32.81 41.26 -0.49
C ASN B 292 -33.04 39.79 -0.85
N ASN B 293 -32.46 39.36 -1.97
CA ASN B 293 -32.59 38.01 -2.51
C ASN B 293 -31.34 37.16 -2.34
N LEU B 294 -30.31 37.66 -1.64
CA LEU B 294 -29.05 36.93 -1.59
C LEU B 294 -29.25 35.59 -0.89
N GLN B 295 -28.76 34.51 -1.51
CA GLN B 295 -28.90 33.18 -0.96
C GLN B 295 -27.59 32.55 -0.54
N GLU B 296 -26.48 32.94 -1.16
CA GLU B 296 -25.19 32.33 -0.89
C GLU B 296 -24.16 33.42 -0.68
N LEU B 297 -23.48 33.37 0.47
CA LEU B 297 -22.45 34.33 0.80
C LEU B 297 -21.20 33.57 1.26
N ASP B 298 -20.10 33.70 0.52
CA ASP B 298 -18.82 33.09 0.88
C ASP B 298 -17.90 34.18 1.41
N LEU B 299 -17.60 34.13 2.70
CA LEU B 299 -16.66 35.07 3.31
C LEU B 299 -15.48 34.33 3.91
N SER B 300 -15.13 33.18 3.36
CA SER B 300 -14.03 32.41 3.92
C SER B 300 -12.68 33.02 3.53
N GLN B 301 -11.67 32.71 4.34
CA GLN B 301 -10.29 33.14 4.12
C GLN B 301 -10.18 34.66 4.10
N ASN B 302 -10.80 35.29 5.08
CA ASN B 302 -10.54 36.71 5.27
C ASN B 302 -9.94 36.88 6.65
N PHE B 303 -10.10 38.07 7.25
CA PHE B 303 -9.68 38.29 8.63
C PHE B 303 -10.87 38.76 9.44
N LEU B 304 -11.92 37.96 9.45
CA LEU B 304 -13.20 38.35 10.04
C LEU B 304 -13.44 37.74 11.43
N ALA B 305 -12.39 37.32 12.12
CA ALA B 305 -12.53 36.73 13.45
C ALA B 305 -13.30 37.65 14.41
N LYS B 306 -12.86 38.91 14.54
CA LYS B 306 -13.62 39.83 15.40
C LYS B 306 -15.00 40.17 14.82
N GLU B 307 -15.12 40.28 13.47
CA GLU B 307 -16.43 40.60 12.88
C GLU B 307 -17.45 39.53 13.20
N ILE B 308 -17.04 38.27 13.36
CA ILE B 308 -18.01 37.21 13.62
C ILE B 308 -18.74 37.43 14.93
N GLY B 309 -18.10 38.05 15.92
CA GLY B 309 -18.76 38.34 17.17
C GLY B 309 -19.70 39.53 17.14
N ASP B 310 -19.81 40.18 15.98
CA ASP B 310 -20.55 41.42 15.81
C ASP B 310 -21.52 41.31 14.64
N ALA B 311 -21.01 41.43 13.42
CA ALA B 311 -21.71 40.95 12.23
C ALA B 311 -23.09 41.56 12.07
N LYS B 312 -23.22 42.88 12.28
CA LYS B 312 -24.53 43.52 12.12
C LYS B 312 -25.11 43.25 10.73
N PHE B 313 -24.26 43.06 9.72
CA PHE B 313 -24.73 42.87 8.35
C PHE B 313 -25.66 41.67 8.21
N LEU B 314 -25.61 40.70 9.12
CA LEU B 314 -26.49 39.53 8.99
C LEU B 314 -27.97 39.91 9.12
N HIS B 315 -28.28 41.02 9.78
CA HIS B 315 -29.68 41.44 9.88
C HIS B 315 -30.28 41.73 8.51
N PHE B 316 -29.45 41.99 7.50
CA PHE B 316 -29.92 42.32 6.17
C PHE B 316 -30.02 41.09 5.27
N LEU B 317 -29.86 39.89 5.83
CA LEU B 317 -29.80 38.71 4.98
C LEU B 317 -30.85 37.67 5.38
N PRO B 318 -32.14 38.02 5.45
CA PRO B 318 -33.13 37.05 5.94
C PRO B 318 -33.40 35.90 5.00
N ASN B 319 -32.99 35.99 3.74
CA ASN B 319 -33.18 34.92 2.78
C ASN B 319 -31.92 34.09 2.53
N LEU B 320 -30.83 34.40 3.23
CA LEU B 320 -29.59 33.67 3.00
C LEU B 320 -29.78 32.19 3.29
N ILE B 321 -29.39 31.36 2.33
CA ILE B 321 -29.45 29.91 2.49
C ILE B 321 -28.11 29.38 2.97
N GLN B 322 -27.00 29.92 2.44
CA GLN B 322 -25.72 29.29 2.75
C GLN B 322 -24.77 30.39 3.22
N LEU B 323 -24.08 30.18 4.34
CA LEU B 323 -23.09 31.16 4.81
C LEU B 323 -21.78 30.48 5.16
N ASP B 324 -20.67 30.94 4.56
CA ASP B 324 -19.35 30.37 4.85
C ASP B 324 -18.42 31.41 5.44
N LEU B 325 -18.00 31.19 6.68
CA LEU B 325 -17.07 32.07 7.37
C LEU B 325 -15.79 31.33 7.77
N SER B 326 -15.45 30.27 7.03
CA SER B 326 -14.32 29.42 7.42
C SER B 326 -12.99 30.15 7.24
N PHE B 327 -12.02 29.75 8.05
CA PHE B 327 -10.65 30.20 7.95
C PHE B 327 -10.56 31.73 8.00
N ASN B 328 -11.14 32.30 9.06
CA ASN B 328 -11.00 33.71 9.37
C ASN B 328 -10.15 33.98 10.61
N PHE B 329 -9.45 32.96 11.12
CA PHE B 329 -8.73 33.11 12.38
C PHE B 329 -7.62 34.15 12.29
N GLU B 330 -7.36 34.78 13.42
CA GLU B 330 -6.20 35.65 13.56
C GLU B 330 -4.95 34.81 13.74
N LEU B 331 -3.89 35.20 13.06
CA LEU B 331 -2.67 34.42 13.06
C LEU B 331 -2.13 34.32 14.48
N GLN B 332 -1.62 33.13 14.82
CA GLN B 332 -1.01 32.82 16.11
C GLN B 332 -1.95 32.99 17.31
N VAL B 333 -3.26 32.98 17.14
CA VAL B 333 -4.20 33.11 18.25
C VAL B 333 -4.99 31.81 18.40
N TYR B 334 -5.05 31.31 19.63
CA TYR B 334 -5.85 30.15 20.01
C TYR B 334 -6.94 30.63 20.96
N ARG B 335 -8.11 30.96 20.42
CA ARG B 335 -9.15 31.53 21.27
C ARG B 335 -9.68 30.48 22.24
N ALA B 336 -10.21 30.96 23.36
CA ALA B 336 -10.77 30.06 24.38
C ALA B 336 -12.10 29.47 23.95
N SER B 337 -12.89 30.23 23.20
CA SER B 337 -14.25 29.82 22.85
C SER B 337 -14.62 30.52 21.55
N MET B 338 -15.81 30.21 21.05
CA MET B 338 -16.36 30.83 19.85
C MET B 338 -17.39 31.89 20.22
N ASN B 339 -17.15 33.13 19.80
CA ASN B 339 -18.04 34.27 20.06
C ASN B 339 -18.85 34.47 18.78
N LEU B 340 -20.07 33.92 18.76
CA LEU B 340 -21.03 34.14 17.68
C LEU B 340 -22.01 35.25 18.07
N SER B 341 -22.12 36.27 17.22
CA SER B 341 -23.08 37.34 17.44
C SER B 341 -24.50 36.83 17.48
N GLN B 342 -25.34 37.44 18.32
CA GLN B 342 -26.78 37.20 18.30
C GLN B 342 -27.38 37.48 16.93
N ALA B 343 -26.73 38.34 16.14
CA ALA B 343 -27.23 38.67 14.81
C ALA B 343 -27.43 37.42 13.97
N PHE B 344 -26.71 36.33 14.27
CA PHE B 344 -26.96 35.06 13.60
C PHE B 344 -28.40 34.60 13.72
N SER B 345 -29.10 34.99 14.80
CA SER B 345 -30.48 34.56 14.99
C SER B 345 -31.45 35.14 13.95
N SER B 346 -31.04 36.14 13.18
CA SER B 346 -31.93 36.71 12.16
C SER B 346 -31.81 36.03 10.80
N LEU B 347 -30.98 34.98 10.68
CA LEU B 347 -30.79 34.28 9.41
C LEU B 347 -31.87 33.22 9.22
N LYS B 348 -33.12 33.70 9.16
CA LYS B 348 -34.30 32.84 9.23
C LYS B 348 -34.26 31.71 8.21
N SER B 349 -33.68 31.96 7.04
CA SER B 349 -33.68 31.00 5.95
C SER B 349 -32.45 30.06 5.95
N LEU B 350 -31.50 30.24 6.86
CA LEU B 350 -30.21 29.55 6.77
C LEU B 350 -30.33 28.03 6.84
N LYS B 351 -29.83 27.34 5.81
CA LYS B 351 -29.68 25.88 5.79
C LYS B 351 -28.26 25.41 6.10
N ILE B 352 -27.24 26.15 5.67
CA ILE B 352 -25.87 25.68 5.74
C ILE B 352 -25.01 26.78 6.34
N LEU B 353 -24.33 26.46 7.44
CA LEU B 353 -23.39 27.36 8.09
C LEU B 353 -22.07 26.63 8.26
N ARG B 354 -21.00 27.22 7.75
CA ARG B 354 -19.67 26.62 7.84
C ARG B 354 -18.73 27.62 8.49
N ILE B 355 -18.12 27.22 9.60
CA ILE B 355 -17.10 28.05 10.24
C ILE B 355 -15.94 27.13 10.62
N ARG B 356 -15.28 26.57 9.62
CA ARG B 356 -14.00 25.91 9.84
C ARG B 356 -12.94 26.94 10.17
N GLY B 357 -11.86 26.49 10.81
CA GLY B 357 -10.70 27.37 10.94
C GLY B 357 -10.96 28.67 11.67
N TYR B 358 -11.91 28.66 12.60
CA TYR B 358 -12.03 29.76 13.55
C TYR B 358 -10.99 29.62 14.65
N VAL B 359 -10.70 28.38 15.07
CA VAL B 359 -9.59 28.01 15.95
C VAL B 359 -9.87 28.41 17.39
N PHE B 360 -10.43 27.47 18.17
CA PHE B 360 -10.79 27.74 19.56
C PHE B 360 -10.78 26.44 20.35
N LYS B 361 -10.58 26.57 21.67
CA LYS B 361 -10.25 25.42 22.51
C LYS B 361 -11.48 24.64 22.96
N GLU B 362 -12.55 25.34 23.32
CA GLU B 362 -13.68 24.74 24.03
C GLU B 362 -14.96 25.18 23.36
N LEU B 363 -15.76 24.21 22.94
CA LEU B 363 -17.07 24.46 22.37
C LEU B 363 -18.09 24.24 23.46
N LYS B 364 -18.98 25.21 23.59
CA LYS B 364 -19.82 25.29 24.75
C LYS B 364 -21.28 25.57 24.32
N SER B 365 -22.23 24.95 25.02
CA SER B 365 -23.60 24.90 24.51
C SER B 365 -24.15 26.31 24.28
N PHE B 366 -23.87 27.23 25.21
CA PHE B 366 -24.49 28.55 25.08
C PHE B 366 -23.90 29.32 23.90
N GLN B 367 -22.66 29.01 23.51
CA GLN B 367 -22.04 29.69 22.38
C GLN B 367 -22.83 29.51 21.09
N LEU B 368 -23.57 28.42 20.97
CA LEU B 368 -24.37 28.16 19.78
C LEU B 368 -25.82 28.67 19.89
N SER B 369 -26.20 29.31 20.99
CA SER B 369 -27.59 29.69 21.18
C SER B 369 -28.15 30.57 20.06
N PRO B 370 -27.39 31.51 19.45
CA PRO B 370 -27.95 32.27 18.32
C PRO B 370 -28.50 31.41 17.21
N LEU B 371 -28.13 30.12 17.17
CA LEU B 371 -28.59 29.19 16.16
C LEU B 371 -29.83 28.39 16.57
N HIS B 372 -30.25 28.50 17.84
CA HIS B 372 -31.29 27.62 18.36
C HIS B 372 -32.57 27.71 17.55
N ASN B 373 -32.96 28.92 17.12
CA ASN B 373 -34.23 29.11 16.44
C ASN B 373 -34.09 29.32 14.93
N LEU B 374 -32.95 28.95 14.35
CA LEU B 374 -32.84 28.89 12.90
C LEU B 374 -33.46 27.57 12.48
N GLN B 375 -34.68 27.63 11.94
CA GLN B 375 -35.41 26.38 11.81
C GLN B 375 -35.15 25.59 10.54
N ASN B 376 -34.54 26.18 9.53
CA ASN B 376 -34.18 25.43 8.35
C ASN B 376 -32.72 24.98 8.38
N LEU B 377 -32.02 25.19 9.48
CA LEU B 377 -30.62 24.82 9.54
C LEU B 377 -30.46 23.32 9.34
N GLU B 378 -29.66 22.95 8.34
CA GLU B 378 -29.44 21.56 7.98
C GLU B 378 -28.00 21.10 8.22
N VAL B 379 -27.01 21.98 8.03
CA VAL B 379 -25.61 21.62 8.17
C VAL B 379 -24.91 22.64 9.07
N LEU B 380 -24.26 22.16 10.11
CA LEU B 380 -23.36 22.98 10.90
C LEU B 380 -21.97 22.33 10.84
N ASP B 381 -21.03 23.05 10.24
CA ASP B 381 -19.67 22.56 9.99
C ASP B 381 -18.72 23.37 10.85
N LEU B 382 -18.20 22.76 11.91
CA LEU B 382 -17.18 23.38 12.74
C LEU B 382 -15.87 22.58 12.69
N GLY B 383 -15.57 21.97 11.52
CA GLY B 383 -14.33 21.24 11.36
C GLY B 383 -13.09 22.12 11.43
N THR B 384 -11.95 21.47 11.67
CA THR B 384 -10.62 22.09 11.62
C THR B 384 -10.56 23.35 12.50
N ASN B 385 -10.91 23.17 13.76
CA ASN B 385 -10.90 24.26 14.73
C ASN B 385 -10.01 23.97 15.92
N PHE B 386 -9.38 22.80 15.96
CA PHE B 386 -8.53 22.39 17.06
C PHE B 386 -9.28 22.44 18.41
N ILE B 387 -10.59 22.18 18.35
CA ILE B 387 -11.38 22.09 19.57
C ILE B 387 -10.89 20.91 20.41
N LYS B 388 -10.62 21.19 21.68
CA LYS B 388 -10.21 20.14 22.61
C LYS B 388 -11.36 19.59 23.44
N ILE B 389 -12.35 20.41 23.77
CA ILE B 389 -13.38 20.06 24.73
C ILE B 389 -14.74 20.36 24.08
N ALA B 390 -15.61 19.36 24.06
CA ALA B 390 -16.99 19.61 23.63
C ALA B 390 -17.91 18.55 24.22
N ASN B 391 -18.87 18.99 25.03
CA ASN B 391 -19.91 18.09 25.49
C ASN B 391 -20.86 17.80 24.34
N LEU B 392 -20.81 16.57 23.82
CA LEU B 392 -21.64 16.21 22.68
C LEU B 392 -23.13 16.29 22.98
N SER B 393 -23.52 16.28 24.26
CA SER B 393 -24.93 16.35 24.59
C SER B 393 -25.57 17.66 24.15
N MET B 394 -24.79 18.73 23.98
CA MET B 394 -25.34 20.02 23.54
C MET B 394 -26.12 19.92 22.23
N PHE B 395 -25.83 18.92 21.39
CA PHE B 395 -26.54 18.79 20.13
C PHE B 395 -27.91 18.18 20.28
N LYS B 396 -28.37 17.95 21.52
CA LYS B 396 -29.78 17.67 21.75
C LYS B 396 -30.66 18.81 21.26
N GLN B 397 -30.14 20.04 21.26
CA GLN B 397 -30.83 21.19 20.70
C GLN B 397 -30.74 21.30 19.18
N PHE B 398 -30.22 20.30 18.48
CA PHE B 398 -30.05 20.41 17.03
C PHE B 398 -30.50 19.16 16.30
N LYS B 399 -31.52 18.46 16.82
CA LYS B 399 -31.96 17.22 16.21
C LYS B 399 -32.54 17.41 14.81
N ARG B 400 -32.95 18.64 14.45
CA ARG B 400 -33.46 18.89 13.11
C ARG B 400 -32.37 18.88 12.04
N LEU B 401 -31.10 19.01 12.44
CA LEU B 401 -30.01 19.11 11.47
C LEU B 401 -29.78 17.80 10.76
N LYS B 402 -29.26 17.88 9.54
CA LYS B 402 -28.85 16.69 8.82
C LYS B 402 -27.39 16.30 9.11
N VAL B 403 -26.50 17.27 9.23
CA VAL B 403 -25.08 17.00 9.47
C VAL B 403 -24.55 17.95 10.54
N ILE B 404 -23.96 17.38 11.58
CA ILE B 404 -23.15 18.13 12.53
C ILE B 404 -21.70 17.70 12.32
N ASP B 405 -20.85 18.62 11.86
CA ASP B 405 -19.50 18.27 11.39
C ASP B 405 -18.48 18.87 12.35
N LEU B 406 -17.87 17.99 13.16
CA LEU B 406 -16.73 18.35 14.00
C LEU B 406 -15.46 17.62 13.56
N SER B 407 -15.41 17.15 12.32
CA SER B 407 -14.23 16.44 11.81
C SER B 407 -12.97 17.28 11.95
N VAL B 408 -11.86 16.61 12.20
CA VAL B 408 -10.53 17.25 12.27
C VAL B 408 -10.52 18.25 13.42
N ASN B 409 -10.65 17.76 14.64
CA ASN B 409 -10.47 18.61 15.81
C ASN B 409 -9.59 17.80 16.76
N LYS B 410 -9.47 18.23 18.01
CA LYS B 410 -8.71 17.46 18.99
C LYS B 410 -9.60 17.05 20.14
N ILE B 411 -10.86 16.70 19.88
CA ILE B 411 -11.78 16.41 20.97
C ILE B 411 -11.36 15.13 21.67
N SER B 412 -11.36 15.15 23.00
CA SER B 412 -11.07 13.96 23.79
C SER B 412 -11.71 14.14 25.16
N PRO B 413 -11.83 13.05 25.96
CA PRO B 413 -12.25 13.24 27.35
C PRO B 413 -11.08 13.48 28.30
N VAL B 437 -20.68 17.31 0.41
CA VAL B 437 -19.44 16.64 0.79
C VAL B 437 -18.25 17.27 0.05
N LEU B 438 -17.49 18.10 0.76
CA LEU B 438 -16.42 18.89 0.15
C LEU B 438 -15.17 18.04 -0.03
N GLU B 439 -14.46 18.26 -1.14
CA GLU B 439 -13.20 17.56 -1.37
C GLU B 439 -12.20 17.82 -0.25
N GLN B 440 -11.17 16.96 -0.17
CA GLN B 440 -10.10 17.14 0.82
C GLN B 440 -9.24 18.40 0.58
N LEU B 441 -9.09 18.90 -0.64
CA LEU B 441 -8.62 20.26 -0.82
C LEU B 441 -9.79 21.12 -1.28
N TYR B 442 -10.07 22.21 -0.56
CA TYR B 442 -11.29 22.98 -0.82
C TYR B 442 -11.10 24.45 -0.52
N TYR B 443 -10.88 24.79 0.76
CA TYR B 443 -10.65 26.18 1.14
C TYR B 443 -9.27 26.66 0.75
N PHE B 444 -8.35 25.75 0.45
CA PHE B 444 -6.99 26.12 0.12
C PHE B 444 -6.61 25.74 -1.31
N ARG B 445 -7.56 25.39 -2.15
CA ARG B 445 -7.10 25.22 -3.51
C ARG B 445 -7.23 26.53 -4.28
N TYR B 446 -6.43 26.65 -5.34
CA TYR B 446 -6.36 27.91 -6.07
C TYR B 446 -7.69 28.22 -6.74
N ASP B 447 -8.22 27.27 -7.50
CA ASP B 447 -9.47 27.49 -8.23
C ASP B 447 -10.31 26.23 -8.13
N LYS B 448 -11.25 26.23 -7.17
CA LYS B 448 -12.17 25.12 -6.95
C LYS B 448 -12.97 24.74 -8.18
N TYR B 449 -13.27 25.71 -9.06
CA TYR B 449 -14.22 25.51 -10.14
C TYR B 449 -13.57 25.31 -11.49
N ALA B 450 -12.26 25.19 -11.54
CA ALA B 450 -11.62 25.11 -12.83
C ALA B 450 -11.93 23.77 -13.52
N ARG B 451 -11.93 23.81 -14.84
CA ARG B 451 -12.34 22.72 -15.68
C ARG B 451 -11.18 21.74 -15.88
N SER B 452 -11.50 20.47 -16.05
CA SER B 452 -10.48 19.54 -16.49
C SER B 452 -10.47 19.49 -18.01
N CYS B 453 -9.31 19.11 -18.58
CA CYS B 453 -9.28 18.91 -20.02
C CYS B 453 -10.33 17.88 -20.46
N ARG B 454 -10.67 16.94 -19.58
CA ARG B 454 -11.46 15.78 -19.99
C ARG B 454 -12.96 16.09 -20.04
N PHE B 455 -13.44 17.09 -19.31
CA PHE B 455 -14.88 17.27 -19.12
C PHE B 455 -15.36 18.60 -19.73
N SER B 468 -20.55 7.20 1.97
CA SER B 468 -20.97 8.30 2.85
C SER B 468 -22.37 8.05 3.43
N CYS B 469 -22.59 8.45 4.68
CA CYS B 469 -23.71 7.97 5.47
C CYS B 469 -24.84 8.98 5.68
N TYR B 470 -24.75 10.17 5.09
CA TYR B 470 -25.76 11.21 5.33
C TYR B 470 -27.17 10.72 5.01
N LYS B 471 -27.32 9.85 4.01
CA LYS B 471 -28.62 9.37 3.57
C LYS B 471 -29.39 8.60 4.65
N TYR B 472 -28.71 8.10 5.67
CA TYR B 472 -29.39 7.40 6.76
C TYR B 472 -30.10 8.35 7.72
N GLY B 473 -29.78 9.65 7.70
CA GLY B 473 -30.42 10.61 8.58
C GLY B 473 -29.44 11.46 9.36
N GLN B 474 -29.80 11.90 10.57
CA GLN B 474 -28.95 12.80 11.36
C GLN B 474 -27.58 12.19 11.59
N THR B 475 -26.54 12.95 11.25
CA THR B 475 -25.17 12.47 11.25
C THR B 475 -24.35 13.38 12.15
N LEU B 476 -23.60 12.77 13.07
CA LEU B 476 -22.62 13.48 13.87
C LEU B 476 -21.24 12.99 13.40
N ASP B 477 -20.46 13.88 12.81
CA ASP B 477 -19.16 13.51 12.27
C ASP B 477 -18.09 13.88 13.30
N LEU B 478 -17.58 12.86 13.99
CA LEU B 478 -16.48 13.03 14.92
C LEU B 478 -15.19 12.43 14.37
N SER B 479 -15.10 12.26 13.05
CA SER B 479 -13.90 11.67 12.49
C SER B 479 -12.67 12.56 12.74
N LYS B 480 -11.51 11.90 12.86
CA LYS B 480 -10.22 12.57 12.93
C LYS B 480 -10.15 13.53 14.11
N ASN B 481 -10.57 13.05 15.25
CA ASN B 481 -10.36 13.74 16.51
C ASN B 481 -9.41 12.91 17.37
N SER B 482 -9.33 13.23 18.67
CA SER B 482 -8.44 12.54 19.59
C SER B 482 -9.20 11.72 20.63
N ILE B 483 -10.33 11.12 20.28
CA ILE B 483 -11.08 10.34 21.27
C ILE B 483 -10.33 9.03 21.53
N PHE B 484 -9.84 8.85 22.75
CA PHE B 484 -9.18 7.59 23.08
C PHE B 484 -10.05 6.61 23.85
N PHE B 485 -11.09 7.08 24.55
CA PHE B 485 -11.97 6.21 25.33
C PHE B 485 -13.40 6.72 25.25
N ILE B 486 -14.34 5.80 25.04
CA ILE B 486 -15.75 6.15 24.97
C ILE B 486 -16.52 5.41 26.06
N LYS B 487 -17.57 6.07 26.54
CA LYS B 487 -18.52 5.49 27.49
C LYS B 487 -19.90 6.05 27.20
N SER B 488 -20.92 5.34 27.69
CA SER B 488 -22.31 5.64 27.35
C SER B 488 -22.67 7.10 27.60
N SER B 489 -22.23 7.68 28.71
CA SER B 489 -22.68 9.03 29.02
C SER B 489 -22.16 10.06 28.01
N ASP B 490 -21.10 9.74 27.26
CA ASP B 490 -20.62 10.64 26.21
C ASP B 490 -21.71 10.94 25.18
N PHE B 491 -22.67 10.02 25.01
CA PHE B 491 -23.74 10.11 24.03
C PHE B 491 -25.10 10.39 24.64
N GLN B 492 -25.14 10.83 25.90
CA GLN B 492 -26.39 11.19 26.56
C GLN B 492 -27.17 12.20 25.73
N HIS B 493 -28.47 11.96 25.60
CA HIS B 493 -29.40 12.84 24.91
C HIS B 493 -29.22 12.84 23.39
N LEU B 494 -28.49 11.88 22.84
CA LEU B 494 -28.26 11.85 21.40
C LEU B 494 -28.93 10.66 20.71
N SER B 495 -30.03 10.16 21.30
CA SER B 495 -30.69 8.96 20.81
C SER B 495 -31.26 9.15 19.41
N PHE B 496 -31.41 10.39 18.95
CA PHE B 496 -31.91 10.63 17.61
C PHE B 496 -30.88 10.33 16.51
N LEU B 497 -29.60 10.21 16.86
CA LEU B 497 -28.57 10.05 15.83
C LEU B 497 -28.80 8.80 15.00
N LYS B 498 -28.70 8.95 13.68
CA LYS B 498 -28.80 7.86 12.74
C LYS B 498 -27.44 7.39 12.22
N CYS B 499 -26.46 8.29 12.12
CA CYS B 499 -25.11 7.95 11.67
C CYS B 499 -24.10 8.65 12.58
N LEU B 500 -23.15 7.87 13.12
CA LEU B 500 -22.06 8.43 13.93
C LEU B 500 -20.73 8.09 13.27
N ASN B 501 -19.88 9.09 13.08
CA ASN B 501 -18.58 8.83 12.45
C ASN B 501 -17.49 9.00 13.49
N LEU B 502 -16.87 7.88 13.89
CA LEU B 502 -15.72 7.90 14.79
C LEU B 502 -14.42 7.53 14.09
N SER B 503 -14.39 7.51 12.75
CA SER B 503 -13.19 7.16 12.00
C SER B 503 -12.00 8.03 12.37
N GLY B 504 -10.84 7.39 12.47
CA GLY B 504 -9.62 8.17 12.67
C GLY B 504 -9.55 8.80 14.04
N ASN B 505 -10.07 8.14 15.05
CA ASN B 505 -9.80 8.57 16.40
C ASN B 505 -8.71 7.68 16.97
N LEU B 506 -8.59 7.65 18.30
CA LEU B 506 -7.51 6.91 18.96
C LEU B 506 -8.06 5.82 19.88
N ILE B 507 -9.19 5.22 19.50
CA ILE B 507 -9.95 4.38 20.42
C ILE B 507 -9.29 3.00 20.50
N SER B 508 -8.67 2.70 21.64
CA SER B 508 -7.98 1.44 21.91
C SER B 508 -8.61 0.83 23.16
N GLN B 509 -9.65 0.04 22.95
CA GLN B 509 -10.64 -0.27 23.98
C GLN B 509 -11.30 -1.58 23.61
N THR B 510 -11.55 -2.41 24.60
CA THR B 510 -12.42 -3.57 24.39
C THR B 510 -13.86 -3.13 24.58
N LEU B 511 -14.67 -3.20 23.53
CA LEU B 511 -16.09 -2.91 23.62
C LEU B 511 -16.83 -4.13 24.15
N ASN B 512 -17.78 -3.91 25.05
CA ASN B 512 -18.52 -5.03 25.63
C ASN B 512 -20.02 -4.83 25.51
N GLY B 513 -20.47 -3.89 24.70
CA GLY B 513 -21.88 -3.63 24.53
C GLY B 513 -22.48 -2.58 25.43
N SER B 514 -21.68 -1.88 26.24
CA SER B 514 -22.18 -0.84 27.14
C SER B 514 -21.87 0.58 26.66
N GLU B 515 -21.06 0.74 25.62
CA GLU B 515 -20.46 2.03 25.34
C GLU B 515 -21.35 2.97 24.54
N PHE B 516 -22.32 2.45 23.78
CA PHE B 516 -23.20 3.27 22.94
C PHE B 516 -24.67 3.18 23.39
N GLN B 517 -24.92 2.96 24.67
CA GLN B 517 -26.28 2.64 25.10
C GLN B 517 -27.34 3.67 24.69
N PRO B 518 -27.10 4.99 24.74
CA PRO B 518 -28.16 5.94 24.36
C PRO B 518 -28.48 6.00 22.86
N LEU B 519 -27.65 5.43 21.99
CA LEU B 519 -27.82 5.62 20.55
C LEU B 519 -28.78 4.57 19.99
N ALA B 520 -30.03 4.65 20.45
CA ALA B 520 -31.01 3.59 20.20
C ALA B 520 -31.49 3.53 18.76
N GLU B 521 -31.22 4.57 18.01
CA GLU B 521 -31.70 4.79 16.65
C GLU B 521 -30.59 4.72 15.60
N LEU B 522 -29.36 4.47 16.02
CA LEU B 522 -28.21 4.53 15.11
C LEU B 522 -28.28 3.43 14.05
N ARG B 523 -28.16 3.86 12.80
CA ARG B 523 -28.17 2.95 11.67
C ARG B 523 -26.79 2.74 11.07
N TYR B 524 -25.88 3.67 11.28
CA TYR B 524 -24.57 3.62 10.65
C TYR B 524 -23.52 4.04 11.67
N LEU B 525 -22.56 3.16 11.93
CA LEU B 525 -21.42 3.47 12.77
C LEU B 525 -20.16 3.28 11.94
N ASP B 526 -19.38 4.35 11.77
CA ASP B 526 -18.07 4.27 11.13
C ASP B 526 -17.04 4.25 12.25
N PHE B 527 -16.49 3.06 12.52
CA PHE B 527 -15.44 2.88 13.52
C PHE B 527 -14.10 2.59 12.87
N SER B 528 -13.93 2.93 11.59
CA SER B 528 -12.68 2.57 10.92
C SER B 528 -11.51 3.42 11.44
N ASN B 529 -10.29 2.91 11.27
CA ASN B 529 -9.07 3.64 11.65
C ASN B 529 -9.05 3.97 13.14
N ASN B 530 -9.33 2.97 13.96
CA ASN B 530 -9.15 3.06 15.40
C ASN B 530 -8.32 1.84 15.80
N ARG B 531 -8.39 1.46 17.07
CA ARG B 531 -7.73 0.25 17.56
C ARG B 531 -8.73 -0.62 18.32
N LEU B 532 -9.82 -0.99 17.66
CA LEU B 532 -10.81 -1.86 18.30
C LEU B 532 -10.15 -3.15 18.79
N ASP B 533 -10.56 -3.61 19.97
CA ASP B 533 -10.10 -4.87 20.55
C ASP B 533 -11.31 -5.78 20.73
N LEU B 534 -11.48 -6.73 19.83
CA LEU B 534 -12.63 -7.62 19.83
C LEU B 534 -12.46 -8.74 20.84
N LEU B 535 -12.19 -8.39 22.10
CA LEU B 535 -12.14 -9.41 23.14
C LEU B 535 -13.53 -9.99 23.38
N HIS B 536 -14.57 -9.17 23.30
CA HIS B 536 -15.91 -9.59 23.70
C HIS B 536 -16.80 -9.73 22.48
N SER B 537 -17.50 -10.85 22.39
CA SER B 537 -18.46 -11.05 21.31
C SER B 537 -19.74 -10.24 21.51
N THR B 538 -19.84 -9.49 22.59
CA THR B 538 -20.95 -8.59 22.84
C THR B 538 -20.68 -7.17 22.34
N ALA B 539 -19.57 -6.95 21.65
CA ALA B 539 -19.29 -5.64 21.09
C ALA B 539 -20.40 -5.21 20.14
N PHE B 540 -20.87 -3.96 20.30
CA PHE B 540 -21.83 -3.31 19.41
C PHE B 540 -23.28 -3.81 19.56
N GLU B 541 -23.53 -4.82 20.41
CA GLU B 541 -24.87 -5.38 20.48
C GLU B 541 -25.90 -4.42 21.08
N GLU B 542 -25.48 -3.34 21.74
CA GLU B 542 -26.44 -2.33 22.17
C GLU B 542 -27.03 -1.55 20.99
N LEU B 543 -26.37 -1.52 19.84
CA LEU B 543 -26.86 -0.73 18.72
C LEU B 543 -27.83 -1.58 17.94
N ARG B 544 -29.06 -1.67 18.47
CA ARG B 544 -29.98 -2.69 17.98
C ARG B 544 -30.59 -2.29 16.65
N LYS B 545 -30.42 -1.05 16.22
CA LYS B 545 -30.87 -0.61 14.91
C LYS B 545 -29.73 -0.55 13.88
N LEU B 546 -28.53 -1.02 14.23
CA LEU B 546 -27.37 -0.88 13.35
C LEU B 546 -27.54 -1.69 12.07
N GLU B 547 -27.42 -1.02 10.93
CA GLU B 547 -27.44 -1.66 9.62
C GLU B 547 -26.08 -1.74 8.96
N VAL B 548 -25.21 -0.74 9.19
CA VAL B 548 -23.88 -0.71 8.60
C VAL B 548 -22.85 -0.51 9.70
N LEU B 549 -21.85 -1.38 9.74
CA LEU B 549 -20.74 -1.26 10.69
C LEU B 549 -19.44 -1.28 9.91
N ASP B 550 -18.63 -0.24 10.08
CA ASP B 550 -17.31 -0.18 9.48
C ASP B 550 -16.28 -0.32 10.58
N ILE B 551 -15.57 -1.46 10.62
CA ILE B 551 -14.46 -1.56 11.55
C ILE B 551 -13.16 -1.80 10.79
N SER B 552 -13.08 -1.27 9.56
CA SER B 552 -11.87 -1.40 8.76
C SER B 552 -10.69 -0.63 9.37
N SER B 553 -9.48 -1.10 9.06
CA SER B 553 -8.25 -0.46 9.55
C SER B 553 -8.25 -0.35 11.07
N ASN B 554 -8.63 -1.44 11.73
CA ASN B 554 -8.44 -1.59 13.17
C ASN B 554 -7.48 -2.77 13.36
N SER B 555 -6.35 -2.77 12.62
CA SER B 555 -5.46 -3.93 12.61
C SER B 555 -4.64 -4.09 13.89
N HIS B 556 -4.51 -3.04 14.70
CA HIS B 556 -3.53 -3.04 15.77
C HIS B 556 -3.54 -4.32 16.59
N TYR B 557 -4.68 -4.65 17.20
CA TYR B 557 -4.71 -5.81 18.09
C TYR B 557 -4.70 -7.12 17.32
N PHE B 558 -5.03 -7.10 16.03
CA PHE B 558 -4.93 -8.32 15.24
C PHE B 558 -3.51 -8.69 14.85
N GLN B 559 -2.58 -7.74 14.86
CA GLN B 559 -1.23 -8.07 14.39
C GLN B 559 -0.28 -8.53 15.49
N SER B 560 -0.75 -8.74 16.71
CA SER B 560 0.12 -9.25 17.75
C SER B 560 -0.34 -10.64 18.14
N GLU B 561 0.59 -11.58 18.14
CA GLU B 561 0.25 -12.99 18.30
C GLU B 561 -0.24 -13.28 19.71
N GLY B 562 -1.12 -14.28 19.80
CA GLY B 562 -1.57 -14.84 21.05
C GLY B 562 -2.73 -14.15 21.70
N ILE B 563 -3.40 -13.26 21.01
CA ILE B 563 -4.43 -12.39 21.56
C ILE B 563 -5.79 -12.91 21.11
N THR B 564 -6.78 -12.86 22.01
CA THR B 564 -8.12 -13.36 21.69
C THR B 564 -8.89 -12.35 20.84
N HIS B 565 -9.54 -12.85 19.79
CA HIS B 565 -10.39 -12.06 18.92
C HIS B 565 -11.70 -12.81 18.70
N MET B 566 -12.82 -12.13 18.94
CA MET B 566 -14.16 -12.72 18.83
C MET B 566 -14.82 -12.22 17.55
N LEU B 567 -14.60 -12.96 16.45
CA LEU B 567 -15.25 -12.59 15.19
C LEU B 567 -16.69 -13.06 15.09
N ASN B 568 -17.18 -13.84 16.06
CA ASN B 568 -18.59 -14.21 16.05
C ASN B 568 -19.48 -13.14 16.66
N PHE B 569 -18.97 -11.92 16.88
CA PHE B 569 -19.75 -10.84 17.45
C PHE B 569 -20.95 -10.41 16.60
N THR B 570 -21.06 -10.85 15.35
CA THR B 570 -22.18 -10.45 14.50
C THR B 570 -23.51 -11.05 14.95
N LYS B 571 -23.48 -12.15 15.70
CA LYS B 571 -24.70 -12.89 15.99
C LYS B 571 -25.77 -12.02 16.66
N ASN B 572 -25.36 -11.06 17.50
CA ASN B 572 -26.33 -10.28 18.26
C ASN B 572 -26.96 -9.14 17.46
N LEU B 573 -26.39 -8.77 16.31
CA LEU B 573 -26.84 -7.58 15.57
C LEU B 573 -27.90 -7.98 14.57
N LYS B 574 -29.16 -7.82 14.95
CA LYS B 574 -30.25 -8.50 14.29
C LYS B 574 -30.69 -7.87 12.97
N VAL B 575 -30.31 -6.62 12.69
CA VAL B 575 -30.66 -6.00 11.43
C VAL B 575 -29.42 -5.54 10.64
N LEU B 576 -28.24 -6.04 10.97
CA LEU B 576 -27.02 -5.61 10.28
C LEU B 576 -27.01 -6.09 8.85
N GLN B 577 -26.88 -5.16 7.89
CA GLN B 577 -26.87 -5.51 6.47
C GLN B 577 -25.46 -5.59 5.89
N LYS B 578 -24.56 -4.73 6.34
CA LYS B 578 -23.26 -4.55 5.71
C LYS B 578 -22.20 -4.43 6.79
N LEU B 579 -21.16 -5.25 6.68
CA LEU B 579 -20.05 -5.22 7.63
C LEU B 579 -18.76 -5.06 6.86
N MET B 580 -17.97 -4.05 7.21
CA MET B 580 -16.67 -3.81 6.59
C MET B 580 -15.60 -4.06 7.63
N MET B 581 -14.72 -5.02 7.33
CA MET B 581 -13.58 -5.23 8.21
C MET B 581 -12.33 -5.42 7.35
N ASN B 582 -12.14 -4.47 6.42
CA ASN B 582 -11.00 -4.44 5.53
C ASN B 582 -9.73 -3.99 6.25
N ASP B 583 -8.60 -4.48 5.78
CA ASP B 583 -7.28 -4.00 6.19
C ASP B 583 -7.07 -4.15 7.69
N ASN B 584 -7.54 -5.27 8.24
CA ASN B 584 -7.36 -5.57 9.65
C ASN B 584 -6.26 -6.59 9.90
N ASP B 585 -5.63 -7.15 8.86
CA ASP B 585 -4.52 -8.08 9.02
C ASP B 585 -4.94 -9.30 9.83
N ILE B 586 -6.20 -9.72 9.68
CA ILE B 586 -6.72 -10.82 10.50
C ILE B 586 -6.10 -12.13 10.04
N SER B 587 -5.36 -12.77 10.92
CA SER B 587 -4.72 -14.05 10.61
C SER B 587 -5.09 -15.14 11.61
N SER B 588 -5.95 -14.85 12.58
CA SER B 588 -6.26 -15.76 13.68
C SER B 588 -7.59 -15.35 14.26
N SER B 589 -8.31 -16.32 14.82
CA SER B 589 -9.62 -16.05 15.40
C SER B 589 -9.91 -17.09 16.46
N THR B 590 -10.55 -16.65 17.54
CA THR B 590 -10.89 -17.59 18.60
C THR B 590 -12.14 -18.38 18.27
N SER B 591 -13.15 -17.73 17.69
CA SER B 591 -14.31 -18.41 17.15
C SER B 591 -14.05 -18.86 15.73
N ARG B 592 -14.70 -19.96 15.35
CA ARG B 592 -14.46 -20.59 14.06
C ARG B 592 -15.53 -20.23 13.04
N THR B 593 -16.60 -19.58 13.46
CA THR B 593 -17.71 -19.26 12.59
C THR B 593 -18.19 -17.85 12.93
N MET B 594 -18.51 -17.08 11.90
CA MET B 594 -19.28 -15.87 12.07
C MET B 594 -20.72 -16.22 11.76
N GLU B 595 -21.63 -15.65 12.51
CA GLU B 595 -23.04 -15.92 12.31
C GLU B 595 -23.86 -14.65 12.24
N SER B 596 -24.87 -14.69 11.38
CA SER B 596 -25.83 -13.63 11.17
C SER B 596 -26.96 -14.18 10.32
N GLU B 597 -28.20 -13.91 10.73
CA GLU B 597 -29.42 -13.97 9.92
C GLU B 597 -29.69 -12.77 9.05
N SER B 598 -28.96 -11.67 9.18
CA SER B 598 -29.32 -10.50 8.39
C SER B 598 -28.27 -10.05 7.38
N LEU B 599 -26.98 -10.27 7.65
CA LEU B 599 -25.91 -9.66 6.86
C LEU B 599 -25.98 -10.05 5.39
N ARG B 600 -26.03 -9.05 4.51
CA ARG B 600 -25.97 -9.28 3.06
C ARG B 600 -24.59 -9.05 2.46
N THR B 601 -23.78 -8.17 3.05
CA THR B 601 -22.51 -7.75 2.46
C THR B 601 -21.42 -7.80 3.50
N LEU B 602 -20.34 -8.52 3.20
CA LEU B 602 -19.15 -8.55 4.05
C LEU B 602 -17.92 -8.15 3.24
N GLU B 603 -17.24 -7.11 3.69
CA GLU B 603 -15.96 -6.71 3.11
C GLU B 603 -14.84 -7.18 4.04
N PHE B 604 -14.02 -8.10 3.55
CA PHE B 604 -12.99 -8.78 4.33
C PHE B 604 -11.65 -8.66 3.63
N ARG B 605 -11.47 -7.56 2.92
CA ARG B 605 -10.30 -7.34 2.08
C ARG B 605 -9.11 -6.97 2.96
N GLY B 606 -7.91 -7.40 2.55
CA GLY B 606 -6.72 -6.95 3.25
C GLY B 606 -6.48 -7.64 4.58
N ASN B 607 -6.84 -8.90 4.68
CA ASN B 607 -6.61 -9.71 5.87
C ASN B 607 -5.71 -10.86 5.46
N HIS B 608 -5.64 -11.91 6.29
CA HIS B 608 -4.74 -13.01 6.03
C HIS B 608 -5.47 -14.35 6.11
N LEU B 609 -6.53 -14.48 5.31
CA LEU B 609 -7.19 -15.77 5.15
C LEU B 609 -6.23 -16.82 4.66
N ASP B 610 -5.13 -16.42 4.00
CA ASP B 610 -4.12 -17.41 3.64
C ASP B 610 -3.54 -18.08 4.88
N VAL B 611 -3.35 -17.32 5.97
CA VAL B 611 -2.87 -17.91 7.21
C VAL B 611 -3.99 -18.65 7.93
N LEU B 612 -5.18 -18.05 8.01
CA LEU B 612 -6.30 -18.73 8.65
C LEU B 612 -6.58 -20.07 8.01
N TRP B 613 -6.52 -20.13 6.67
CA TRP B 613 -6.79 -21.33 5.90
C TRP B 613 -5.53 -22.08 5.49
N ARG B 614 -4.48 -21.96 6.29
CA ARG B 614 -3.25 -22.73 6.09
C ARG B 614 -3.57 -24.17 5.77
N ASP B 615 -2.95 -24.69 4.72
CA ASP B 615 -3.24 -26.04 4.25
C ASP B 615 -2.97 -27.07 5.36
N GLY B 616 -3.99 -27.88 5.66
CA GLY B 616 -3.94 -28.82 6.76
C GLY B 616 -4.72 -28.38 7.98
N ASP B 617 -5.08 -27.11 8.07
CA ASP B 617 -5.89 -26.58 9.16
C ASP B 617 -7.29 -26.35 8.61
N ASN B 618 -8.22 -27.19 9.02
CA ASN B 618 -9.59 -27.20 8.52
C ASN B 618 -10.53 -26.34 9.36
N ARG B 619 -10.04 -25.71 10.43
CA ARG B 619 -10.93 -25.21 11.47
C ARG B 619 -11.75 -23.99 11.04
N TYR B 620 -11.22 -23.16 10.13
CA TYR B 620 -11.88 -21.92 9.75
C TYR B 620 -12.46 -21.98 8.35
N LEU B 621 -12.58 -23.17 7.76
CA LEU B 621 -13.10 -23.32 6.40
C LEU B 621 -14.60 -23.05 6.36
N GLN B 622 -15.24 -22.88 7.50
CA GLN B 622 -16.66 -22.52 7.54
C GLN B 622 -16.88 -21.17 8.20
N LEU B 623 -15.84 -20.33 8.20
CA LEU B 623 -15.92 -19.02 8.84
C LEU B 623 -17.15 -18.22 8.40
N PHE B 624 -17.48 -18.28 7.12
CA PHE B 624 -18.57 -17.48 6.57
C PHE B 624 -19.83 -18.29 6.29
N LYS B 625 -19.80 -19.61 6.52
CA LYS B 625 -20.91 -20.48 6.09
C LYS B 625 -22.24 -20.06 6.70
N ASN B 626 -22.25 -19.64 7.97
CA ASN B 626 -23.49 -19.36 8.68
C ASN B 626 -23.89 -17.89 8.59
N LEU B 627 -23.32 -17.13 7.66
CA LEU B 627 -23.88 -15.84 7.28
C LEU B 627 -24.94 -16.14 6.22
N LEU B 628 -26.12 -16.54 6.69
CA LEU B 628 -27.02 -17.29 5.82
C LEU B 628 -27.64 -16.44 4.74
N LYS B 629 -27.70 -15.13 4.91
CA LYS B 629 -28.24 -14.25 3.89
C LYS B 629 -27.15 -13.53 3.10
N LEU B 630 -25.88 -13.89 3.31
CA LEU B 630 -24.77 -13.20 2.65
C LEU B 630 -24.87 -13.31 1.14
N GLU B 631 -24.87 -12.16 0.48
CA GLU B 631 -24.87 -12.14 -0.98
C GLU B 631 -23.56 -11.63 -1.58
N GLU B 632 -22.82 -10.79 -0.87
CA GLU B 632 -21.60 -10.20 -1.42
C GLU B 632 -20.45 -10.41 -0.43
N LEU B 633 -19.36 -10.98 -0.94
CA LEU B 633 -18.19 -11.28 -0.13
C LEU B 633 -16.96 -10.80 -0.89
N ASP B 634 -16.20 -9.89 -0.30
CA ASP B 634 -14.95 -9.40 -0.87
C ASP B 634 -13.80 -9.99 -0.04
N ILE B 635 -13.14 -11.00 -0.58
CA ILE B 635 -11.94 -11.52 0.10
C ILE B 635 -10.75 -11.36 -0.83
N SER B 636 -10.68 -10.21 -1.50
CA SER B 636 -9.50 -9.82 -2.25
C SER B 636 -8.37 -9.44 -1.30
N LYS B 637 -7.14 -9.38 -1.83
CA LYS B 637 -5.97 -8.95 -1.05
C LYS B 637 -5.85 -9.75 0.23
N ASN B 638 -5.94 -11.07 0.12
CA ASN B 638 -5.78 -11.95 1.26
C ASN B 638 -4.60 -12.91 1.10
N SER B 639 -3.69 -12.62 0.17
CA SER B 639 -2.53 -13.46 -0.12
C SER B 639 -2.94 -14.90 -0.44
N LEU B 640 -4.13 -15.09 -0.99
CA LEU B 640 -4.57 -16.45 -1.27
C LEU B 640 -3.94 -16.89 -2.59
N SER B 641 -2.73 -17.46 -2.51
CA SER B 641 -2.08 -17.92 -3.72
C SER B 641 -2.70 -19.20 -4.25
N PHE B 642 -3.44 -19.91 -3.40
CA PHE B 642 -4.32 -21.01 -3.78
C PHE B 642 -5.50 -21.02 -2.83
N LEU B 643 -6.59 -21.71 -3.23
CA LEU B 643 -7.70 -21.91 -2.30
C LEU B 643 -7.71 -23.36 -1.82
N PRO B 644 -7.59 -23.62 -0.53
CA PRO B 644 -7.64 -25.00 -0.06
C PRO B 644 -8.99 -25.60 -0.40
N SER B 645 -9.01 -26.91 -0.58
CA SER B 645 -10.29 -27.57 -0.82
C SER B 645 -11.16 -27.40 0.42
N GLY B 646 -12.44 -27.18 0.20
CA GLY B 646 -13.37 -26.89 1.26
C GLY B 646 -13.74 -25.42 1.41
N VAL B 647 -12.97 -24.50 0.81
CA VAL B 647 -13.35 -23.09 0.89
C VAL B 647 -14.71 -22.87 0.21
N PHE B 648 -14.91 -23.50 -0.95
CA PHE B 648 -16.15 -23.25 -1.69
C PHE B 648 -17.35 -23.91 -1.03
N ASP B 649 -17.21 -25.17 -0.61
CA ASP B 649 -18.29 -25.80 0.15
C ASP B 649 -18.59 -25.01 1.42
N GLY B 650 -17.58 -24.38 2.00
CA GLY B 650 -17.84 -23.59 3.17
C GLY B 650 -18.47 -22.25 2.93
N MET B 651 -18.74 -21.88 1.67
CA MET B 651 -19.38 -20.59 1.42
C MET B 651 -20.87 -20.66 1.78
N PRO B 652 -21.46 -19.55 2.22
CA PRO B 652 -22.88 -19.55 2.57
C PRO B 652 -23.74 -19.70 1.33
N PRO B 653 -24.98 -20.17 1.48
CA PRO B 653 -25.70 -20.71 0.30
C PRO B 653 -26.14 -19.69 -0.72
N ASN B 654 -26.33 -18.42 -0.34
CA ASN B 654 -26.89 -17.45 -1.26
C ASN B 654 -25.86 -16.50 -1.87
N LEU B 655 -24.57 -16.84 -1.81
CA LEU B 655 -23.53 -15.95 -2.32
C LEU B 655 -23.72 -15.64 -3.81
N LYS B 656 -23.76 -14.35 -4.14
CA LYS B 656 -23.95 -13.88 -5.52
C LYS B 656 -22.70 -13.28 -6.13
N ASN B 657 -21.98 -12.47 -5.35
CA ASN B 657 -20.90 -11.61 -5.82
C ASN B 657 -19.67 -11.94 -4.97
N LEU B 658 -18.69 -12.60 -5.57
CA LEU B 658 -17.47 -12.98 -4.87
C LEU B 658 -16.26 -12.34 -5.54
N SER B 659 -15.48 -11.57 -4.78
CA SER B 659 -14.20 -11.09 -5.26
C SER B 659 -13.05 -11.87 -4.66
N LEU B 660 -12.20 -12.41 -5.53
CA LEU B 660 -10.93 -13.01 -5.14
C LEU B 660 -9.77 -12.26 -5.78
N ALA B 661 -9.98 -10.97 -6.04
CA ALA B 661 -8.97 -10.18 -6.74
C ALA B 661 -7.71 -9.99 -5.89
N LYS B 662 -6.60 -9.68 -6.56
CA LYS B 662 -5.38 -9.21 -5.91
C LYS B 662 -4.91 -10.19 -4.83
N ASN B 663 -4.92 -11.47 -5.17
CA ASN B 663 -4.54 -12.50 -4.23
C ASN B 663 -3.25 -13.21 -4.59
N GLY B 664 -2.64 -12.89 -5.73
CA GLY B 664 -1.57 -13.71 -6.25
C GLY B 664 -2.01 -15.13 -6.51
N LEU B 665 -3.27 -15.36 -6.88
CA LEU B 665 -3.75 -16.72 -7.13
C LEU B 665 -3.04 -17.31 -8.33
N LYS B 666 -2.49 -18.49 -8.14
CA LYS B 666 -1.70 -19.17 -9.15
C LYS B 666 -2.43 -20.36 -9.76
N SER B 667 -3.51 -20.81 -9.13
CA SER B 667 -4.23 -21.98 -9.60
C SER B 667 -5.64 -21.86 -9.05
N PHE B 668 -6.56 -22.54 -9.69
CA PHE B 668 -7.97 -22.38 -9.38
C PHE B 668 -8.69 -23.58 -9.95
N ILE B 669 -9.29 -24.39 -9.08
CA ILE B 669 -10.02 -25.58 -9.51
C ILE B 669 -11.43 -25.07 -9.83
N TRP B 670 -11.62 -24.74 -11.11
CA TRP B 670 -12.86 -24.12 -11.57
C TRP B 670 -14.09 -24.96 -11.26
N GLU B 671 -13.94 -26.29 -11.24
CA GLU B 671 -15.10 -27.16 -11.03
C GLU B 671 -15.75 -26.98 -9.67
N LYS B 672 -14.99 -26.51 -8.66
CA LYS B 672 -15.53 -26.25 -7.34
C LYS B 672 -16.54 -25.12 -7.33
N LEU B 673 -16.63 -24.35 -8.41
CA LEU B 673 -17.69 -23.36 -8.52
C LEU B 673 -19.07 -24.01 -8.52
N ARG B 674 -19.16 -25.33 -8.73
CA ARG B 674 -20.46 -25.99 -8.64
C ARG B 674 -21.10 -25.79 -7.26
N TYR B 675 -20.29 -25.68 -6.20
CA TYR B 675 -20.84 -25.44 -4.87
C TYR B 675 -21.56 -24.10 -4.76
N LEU B 676 -21.23 -23.13 -5.61
CA LEU B 676 -21.75 -21.77 -5.48
C LEU B 676 -22.97 -21.62 -6.38
N LYS B 677 -24.11 -22.14 -5.91
CA LYS B 677 -25.25 -22.32 -6.80
C LYS B 677 -25.99 -21.02 -7.12
N ASN B 678 -25.71 -19.95 -6.38
CA ASN B 678 -26.30 -18.65 -6.70
C ASN B 678 -25.28 -17.64 -7.24
N LEU B 679 -24.07 -18.09 -7.58
CA LEU B 679 -23.01 -17.17 -7.97
C LEU B 679 -23.36 -16.42 -9.25
N GLU B 680 -23.31 -15.10 -9.20
CA GLU B 680 -23.56 -14.29 -10.39
C GLU B 680 -22.35 -13.51 -10.87
N THR B 681 -21.55 -12.97 -9.95
CA THR B 681 -20.34 -12.23 -10.28
C THR B 681 -19.14 -12.89 -9.63
N LEU B 682 -18.13 -13.22 -10.43
CA LEU B 682 -16.87 -13.77 -9.95
C LEU B 682 -15.74 -12.87 -10.42
N ASP B 683 -15.02 -12.27 -9.46
CA ASP B 683 -13.94 -11.33 -9.75
C ASP B 683 -12.60 -11.99 -9.44
N LEU B 684 -11.86 -12.34 -10.48
CA LEU B 684 -10.55 -12.96 -10.32
C LEU B 684 -9.42 -12.05 -10.84
N SER B 685 -9.64 -10.75 -10.88
CA SER B 685 -8.70 -9.84 -11.52
C SER B 685 -7.40 -9.69 -10.73
N HIS B 686 -6.32 -9.34 -11.43
CA HIS B 686 -5.03 -9.09 -10.80
C HIS B 686 -4.57 -10.31 -10.00
N ASN B 687 -4.47 -11.43 -10.69
CA ASN B 687 -3.98 -12.67 -10.11
C ASN B 687 -2.93 -13.21 -11.06
N GLN B 688 -2.61 -14.49 -10.93
CA GLN B 688 -1.63 -15.11 -11.82
C GLN B 688 -2.18 -16.37 -12.48
N LEU B 689 -3.47 -16.39 -12.78
CA LEU B 689 -4.05 -17.56 -13.42
C LEU B 689 -3.52 -17.70 -14.85
N THR B 690 -3.30 -18.94 -15.27
CA THR B 690 -2.81 -19.22 -16.62
C THR B 690 -3.80 -19.92 -17.51
N THR B 691 -4.87 -20.50 -16.97
CA THR B 691 -5.83 -21.24 -17.76
C THR B 691 -7.23 -20.83 -17.36
N VAL B 692 -8.17 -21.08 -18.28
CA VAL B 692 -9.61 -20.96 -18.04
C VAL B 692 -10.12 -22.39 -17.97
N PRO B 693 -11.34 -22.64 -17.49
CA PRO B 693 -11.83 -24.03 -17.44
C PRO B 693 -12.07 -24.61 -18.83
N GLU B 694 -11.99 -25.94 -18.92
CA GLU B 694 -12.28 -26.63 -20.18
C GLU B 694 -13.70 -26.34 -20.65
N ARG B 695 -14.64 -26.25 -19.71
CA ARG B 695 -16.03 -25.96 -20.04
C ARG B 695 -16.62 -25.10 -18.92
N LEU B 696 -16.78 -23.80 -19.18
CA LEU B 696 -17.34 -22.93 -18.16
C LEU B 696 -18.73 -23.39 -17.74
N SER B 697 -19.55 -23.84 -18.69
CA SER B 697 -20.93 -24.19 -18.37
C SER B 697 -21.00 -25.36 -17.40
N ASN B 698 -19.99 -26.23 -17.42
CA ASN B 698 -19.87 -27.34 -16.48
C ASN B 698 -19.36 -26.91 -15.11
N CYS B 699 -18.99 -25.64 -14.94
CA CYS B 699 -18.52 -25.12 -13.65
C CYS B 699 -19.56 -24.34 -12.90
N SER B 700 -20.44 -23.65 -13.61
CA SER B 700 -21.45 -22.84 -12.95
C SER B 700 -22.58 -22.61 -13.94
N ARG B 701 -23.80 -22.91 -13.52
CA ARG B 701 -24.97 -22.65 -14.34
C ARG B 701 -25.48 -21.23 -14.20
N SER B 702 -25.03 -20.51 -13.17
CA SER B 702 -25.56 -19.21 -12.83
C SER B 702 -24.65 -18.06 -13.22
N LEU B 703 -23.37 -18.32 -13.48
CA LEU B 703 -22.39 -17.25 -13.59
C LEU B 703 -22.74 -16.31 -14.74
N LYS B 704 -22.95 -15.04 -14.41
CA LYS B 704 -23.21 -14.00 -15.40
C LYS B 704 -21.96 -13.19 -15.76
N ASN B 705 -21.17 -12.80 -14.75
CA ASN B 705 -20.07 -11.86 -14.91
C ASN B 705 -18.78 -12.50 -14.45
N LEU B 706 -17.86 -12.69 -15.39
CA LEU B 706 -16.57 -13.31 -15.12
C LEU B 706 -15.50 -12.29 -15.44
N ILE B 707 -14.74 -11.89 -14.42
CA ILE B 707 -13.70 -10.88 -14.55
C ILE B 707 -12.36 -11.55 -14.38
N LEU B 708 -11.61 -11.63 -15.48
CA LEU B 708 -10.31 -12.29 -15.48
C LEU B 708 -9.19 -11.35 -15.91
N LYS B 709 -9.39 -10.05 -15.82
CA LYS B 709 -8.38 -9.13 -16.30
C LYS B 709 -7.11 -9.19 -15.44
N ASN B 710 -5.98 -8.89 -16.08
CA ASN B 710 -4.68 -8.81 -15.40
C ASN B 710 -4.29 -10.16 -14.80
N ASN B 711 -4.34 -11.20 -15.63
CA ASN B 711 -3.83 -12.51 -15.29
C ASN B 711 -2.77 -12.88 -16.31
N GLN B 712 -2.39 -14.15 -16.34
CA GLN B 712 -1.35 -14.64 -17.23
C GLN B 712 -1.88 -15.63 -18.27
N ILE B 713 -3.12 -15.45 -18.71
CA ILE B 713 -3.75 -16.43 -19.59
C ILE B 713 -3.17 -16.27 -20.99
N ARG B 714 -2.66 -17.37 -21.56
CA ARG B 714 -2.05 -17.34 -22.89
C ARG B 714 -2.92 -17.94 -24.00
N SER B 715 -3.90 -18.77 -23.65
CA SER B 715 -4.80 -19.36 -24.63
C SER B 715 -6.08 -19.79 -23.92
N LEU B 716 -7.15 -19.89 -24.68
CA LEU B 716 -8.41 -20.35 -24.11
C LEU B 716 -8.56 -21.85 -24.39
N THR B 717 -9.36 -22.51 -23.58
CA THR B 717 -9.59 -23.92 -23.85
C THR B 717 -10.49 -24.09 -25.07
N LYS B 718 -10.39 -25.27 -25.69
CA LYS B 718 -10.98 -25.48 -27.01
C LYS B 718 -12.48 -25.24 -27.01
N TYR B 719 -13.17 -25.57 -25.92
CA TYR B 719 -14.61 -25.37 -25.85
C TYR B 719 -15.04 -24.46 -24.69
N PHE B 720 -14.14 -23.56 -24.26
CA PHE B 720 -14.30 -22.65 -23.13
C PHE B 720 -15.75 -22.25 -22.84
N LEU B 721 -16.38 -21.49 -23.73
CA LEU B 721 -17.71 -20.94 -23.46
C LEU B 721 -18.84 -21.80 -24.05
N GLN B 722 -18.57 -23.08 -24.41
CA GLN B 722 -19.60 -23.89 -25.07
C GLN B 722 -20.84 -23.97 -24.24
N ASP B 723 -21.96 -23.52 -24.81
CA ASP B 723 -23.25 -23.66 -24.13
C ASP B 723 -23.31 -22.94 -22.78
N ALA B 724 -22.47 -21.91 -22.59
CA ALA B 724 -22.57 -21.08 -21.39
C ALA B 724 -23.53 -19.92 -21.66
N PHE B 725 -24.81 -20.25 -21.83
CA PHE B 725 -25.80 -19.26 -22.28
C PHE B 725 -26.10 -18.19 -21.25
N GLN B 726 -25.78 -18.42 -19.98
CA GLN B 726 -26.05 -17.45 -18.94
C GLN B 726 -25.05 -16.29 -18.93
N LEU B 727 -23.88 -16.47 -19.54
CA LEU B 727 -22.81 -15.47 -19.46
C LEU B 727 -23.20 -14.17 -20.15
N ARG B 728 -22.96 -13.05 -19.48
CA ARG B 728 -23.32 -11.74 -19.99
C ARG B 728 -22.17 -10.74 -20.00
N TYR B 729 -21.09 -10.98 -19.28
CA TYR B 729 -20.01 -10.01 -19.17
C TYR B 729 -18.71 -10.79 -18.98
N LEU B 730 -17.73 -10.51 -19.82
CA LEU B 730 -16.48 -11.26 -19.81
C LEU B 730 -15.33 -10.29 -20.00
N ASP B 731 -14.45 -10.21 -19.01
CA ASP B 731 -13.27 -9.37 -19.06
C ASP B 731 -12.05 -10.28 -19.10
N LEU B 732 -11.43 -10.35 -20.29
CA LEU B 732 -10.17 -11.04 -20.49
C LEU B 732 -9.04 -10.06 -20.80
N SER B 733 -9.21 -8.79 -20.49
CA SER B 733 -8.21 -7.81 -20.86
C SER B 733 -6.94 -7.97 -20.02
N SER B 734 -5.84 -7.43 -20.54
CA SER B 734 -4.54 -7.46 -19.87
C SER B 734 -4.17 -8.90 -19.49
N ASN B 735 -4.21 -9.78 -20.49
CA ASN B 735 -3.70 -11.12 -20.36
C ASN B 735 -2.65 -11.30 -21.45
N LYS B 736 -2.33 -12.54 -21.83
CA LYS B 736 -1.35 -12.77 -22.88
C LYS B 736 -1.94 -13.63 -23.98
N ILE B 737 -3.20 -13.41 -24.29
CA ILE B 737 -3.88 -14.26 -25.27
C ILE B 737 -3.34 -13.93 -26.64
N GLN B 738 -2.92 -14.96 -27.39
CA GLN B 738 -2.44 -14.82 -28.75
C GLN B 738 -3.54 -15.06 -29.78
N MET B 739 -4.40 -16.04 -29.52
CA MET B 739 -5.30 -16.58 -30.52
C MET B 739 -6.63 -16.94 -29.86
N ILE B 740 -7.75 -16.65 -30.54
CA ILE B 740 -9.07 -17.06 -30.08
C ILE B 740 -9.83 -17.65 -31.27
N GLN B 741 -10.28 -18.90 -31.12
CA GLN B 741 -11.03 -19.62 -32.15
C GLN B 741 -12.50 -19.73 -31.76
N LYS B 742 -13.31 -20.01 -32.77
CA LYS B 742 -14.77 -20.02 -32.61
C LYS B 742 -15.24 -21.15 -31.69
N THR B 743 -14.52 -22.29 -31.66
CA THR B 743 -14.90 -23.34 -30.72
C THR B 743 -14.85 -22.82 -29.28
N SER B 744 -13.80 -22.04 -28.96
CA SER B 744 -13.72 -21.46 -27.61
C SER B 744 -14.77 -20.38 -27.43
N PHE B 745 -15.11 -19.65 -28.49
CA PHE B 745 -15.97 -18.47 -28.44
C PHE B 745 -17.15 -18.68 -29.39
N PRO B 746 -18.07 -19.61 -29.08
CA PRO B 746 -19.24 -19.77 -29.96
C PRO B 746 -20.08 -18.51 -30.00
N GLU B 747 -20.61 -18.23 -31.19
CA GLU B 747 -21.31 -16.98 -31.45
C GLU B 747 -22.66 -16.92 -30.74
N ASN B 748 -23.29 -18.06 -30.50
CA ASN B 748 -24.58 -18.04 -29.80
C ASN B 748 -24.44 -17.63 -28.34
N VAL B 749 -23.22 -17.69 -27.80
CA VAL B 749 -22.92 -17.14 -26.49
C VAL B 749 -22.47 -15.69 -26.57
N LEU B 750 -21.57 -15.39 -27.52
CA LEU B 750 -20.92 -14.07 -27.54
C LEU B 750 -21.90 -12.92 -27.73
N ASN B 751 -22.92 -13.07 -28.56
CA ASN B 751 -23.70 -11.88 -28.90
C ASN B 751 -24.86 -11.61 -27.95
N ASN B 752 -25.01 -12.41 -26.90
CA ASN B 752 -25.85 -12.03 -25.78
C ASN B 752 -25.05 -11.38 -24.65
N LEU B 753 -23.75 -11.20 -24.85
CA LEU B 753 -22.91 -10.51 -23.88
C LEU B 753 -23.18 -9.02 -23.94
N LYS B 754 -23.41 -8.41 -22.78
CA LYS B 754 -23.44 -6.96 -22.70
C LYS B 754 -22.08 -6.35 -23.01
N MET B 755 -20.99 -7.07 -22.71
CA MET B 755 -19.67 -6.49 -22.93
C MET B 755 -18.63 -7.59 -22.96
N LEU B 756 -17.61 -7.37 -23.78
CA LEU B 756 -16.50 -8.32 -23.92
C LEU B 756 -15.21 -7.51 -23.97
N LEU B 757 -14.35 -7.71 -22.98
CA LEU B 757 -13.15 -6.92 -22.84
C LEU B 757 -11.95 -7.78 -23.23
N LEU B 758 -11.14 -7.26 -24.15
CA LEU B 758 -10.11 -8.02 -24.82
C LEU B 758 -8.82 -7.23 -24.98
N HIS B 759 -8.77 -6.00 -24.53
CA HIS B 759 -7.65 -5.14 -24.85
C HIS B 759 -6.43 -5.53 -24.04
N HIS B 760 -5.27 -5.08 -24.56
CA HIS B 760 -3.97 -5.34 -23.96
C HIS B 760 -3.69 -6.84 -23.86
N ASN B 761 -3.86 -7.54 -24.98
CA ASN B 761 -3.45 -8.93 -25.06
C ASN B 761 -2.26 -9.05 -26.04
N ARG B 762 -2.06 -10.22 -26.61
CA ARG B 762 -0.90 -10.45 -27.49
C ARG B 762 -1.35 -11.10 -28.79
N PHE B 763 -2.32 -10.47 -29.45
CA PHE B 763 -3.00 -11.12 -30.58
C PHE B 763 -2.05 -11.30 -31.76
N LEU B 764 -2.05 -12.50 -32.32
CA LEU B 764 -1.23 -12.86 -33.47
C LEU B 764 -2.14 -12.83 -34.68
N CYS B 765 -1.88 -11.91 -35.61
CA CYS B 765 -2.81 -11.64 -36.70
C CYS B 765 -2.37 -12.34 -37.98
N THR B 766 -2.39 -13.67 -37.93
CA THR B 766 -2.13 -14.52 -39.08
C THR B 766 -3.46 -15.01 -39.65
N CYS B 767 -3.38 -15.84 -40.70
CA CYS B 767 -4.60 -16.37 -41.30
C CYS B 767 -5.36 -17.30 -40.37
N ASP B 768 -4.71 -17.83 -39.33
CA ASP B 768 -5.44 -18.54 -38.30
C ASP B 768 -6.41 -17.64 -37.53
N ALA B 769 -6.23 -16.33 -37.58
CA ALA B 769 -7.06 -15.38 -36.85
C ALA B 769 -8.22 -14.86 -37.67
N VAL B 770 -8.50 -15.49 -38.81
CA VAL B 770 -9.44 -14.90 -39.73
C VAL B 770 -10.83 -14.80 -39.10
N TRP B 771 -11.25 -15.83 -38.36
CA TRP B 771 -12.58 -15.77 -37.76
C TRP B 771 -12.68 -14.68 -36.71
N PHE B 772 -11.72 -14.62 -35.77
CA PHE B 772 -11.78 -13.64 -34.68
C PHE B 772 -11.72 -12.22 -35.21
N VAL B 773 -10.82 -11.96 -36.16
CA VAL B 773 -10.72 -10.61 -36.74
C VAL B 773 -12.05 -10.22 -37.41
N TRP B 774 -12.62 -11.13 -38.20
CA TRP B 774 -13.90 -10.85 -38.82
C TRP B 774 -14.98 -10.59 -37.75
N TRP B 775 -15.04 -11.47 -36.74
CA TRP B 775 -16.08 -11.33 -35.73
C TRP B 775 -15.96 -10.01 -34.98
N VAL B 776 -14.74 -9.62 -34.59
CA VAL B 776 -14.54 -8.36 -33.89
C VAL B 776 -14.96 -7.19 -34.77
N GLN B 777 -14.62 -7.25 -36.06
CA GLN B 777 -14.94 -6.13 -36.96
C GLN B 777 -16.44 -5.96 -37.13
N HIS B 778 -17.19 -7.05 -37.10
CA HIS B 778 -18.60 -7.02 -37.47
C HIS B 778 -19.58 -7.20 -36.31
N THR B 779 -19.11 -7.46 -35.10
CA THR B 779 -20.00 -7.74 -33.99
C THR B 779 -20.72 -6.49 -33.49
N GLU B 780 -21.90 -6.68 -32.95
CA GLU B 780 -22.65 -5.66 -32.26
C GLU B 780 -22.25 -5.55 -30.78
N VAL B 781 -21.65 -6.62 -30.21
CA VAL B 781 -21.19 -6.65 -28.81
C VAL B 781 -20.25 -5.50 -28.53
N THR B 782 -20.44 -4.83 -27.40
CA THR B 782 -19.54 -3.75 -26.99
C THR B 782 -18.16 -4.31 -26.60
N ILE B 783 -17.12 -3.74 -27.20
CA ILE B 783 -15.73 -4.10 -26.92
C ILE B 783 -14.98 -2.79 -26.77
N PRO B 784 -14.58 -2.41 -25.56
CA PRO B 784 -13.94 -1.10 -25.37
C PRO B 784 -12.51 -1.09 -25.88
N TYR B 785 -12.03 0.12 -26.17
CA TYR B 785 -10.64 0.41 -26.55
C TYR B 785 -10.25 -0.18 -27.90
N LEU B 786 -11.23 -0.53 -28.75
CA LEU B 786 -10.95 -1.01 -30.10
C LEU B 786 -10.02 -0.05 -30.84
N ALA B 787 -10.22 1.25 -30.67
CA ALA B 787 -9.44 2.23 -31.42
C ALA B 787 -8.03 2.35 -30.89
N THR B 788 -7.77 1.89 -29.67
CA THR B 788 -6.52 2.26 -29.05
C THR B 788 -5.72 1.12 -28.44
N ASP B 789 -6.34 -0.02 -28.09
CA ASP B 789 -5.56 -1.07 -27.43
C ASP B 789 -6.06 -2.48 -27.73
N VAL B 790 -6.65 -2.71 -28.89
CA VAL B 790 -6.95 -4.06 -29.35
C VAL B 790 -6.12 -4.26 -30.60
N THR B 791 -4.92 -4.82 -30.43
CA THR B 791 -3.82 -4.59 -31.34
C THR B 791 -3.12 -5.90 -31.69
N CYS B 792 -2.67 -6.02 -32.94
CA CYS B 792 -1.77 -7.11 -33.32
C CYS B 792 -0.37 -6.82 -32.79
N VAL B 793 0.28 -7.84 -32.24
CA VAL B 793 1.69 -7.74 -31.89
C VAL B 793 2.58 -8.37 -32.95
N GLY B 794 1.99 -9.01 -33.94
CA GLY B 794 2.70 -9.66 -35.01
C GLY B 794 1.66 -10.25 -35.94
N PRO B 795 2.10 -10.85 -37.06
CA PRO B 795 3.51 -11.02 -37.45
C PRO B 795 4.07 -9.76 -38.12
N GLY B 796 5.35 -9.50 -37.89
CA GLY B 796 6.11 -8.39 -38.44
C GLY B 796 5.34 -7.29 -39.14
N ALA B 797 4.76 -7.62 -40.29
CA ALA B 797 3.96 -6.67 -41.06
C ALA B 797 2.94 -5.95 -40.19
N HIS B 798 2.08 -6.70 -39.50
CA HIS B 798 0.95 -6.15 -38.79
C HIS B 798 1.25 -5.71 -37.36
N LYS B 799 2.52 -5.70 -36.93
CA LYS B 799 2.79 -5.35 -35.54
C LYS B 799 2.25 -3.95 -35.24
N GLY B 800 1.66 -3.82 -34.05
CA GLY B 800 1.06 -2.58 -33.60
C GLY B 800 -0.18 -2.14 -34.33
N GLN B 801 -0.69 -2.93 -35.26
CA GLN B 801 -1.87 -2.54 -36.02
C GLN B 801 -3.14 -2.95 -35.27
N SER B 802 -4.12 -2.05 -35.25
CA SER B 802 -5.41 -2.35 -34.63
C SER B 802 -6.10 -3.48 -35.39
N VAL B 803 -6.77 -4.37 -34.65
CA VAL B 803 -7.41 -5.48 -35.35
C VAL B 803 -8.65 -4.97 -36.09
N ILE B 804 -9.24 -3.87 -35.65
CA ILE B 804 -10.43 -3.33 -36.30
C ILE B 804 -10.10 -2.87 -37.73
N SER B 805 -8.88 -2.39 -37.97
CA SER B 805 -8.42 -1.94 -39.28
C SER B 805 -7.79 -3.05 -40.12
N LEU B 806 -7.68 -4.26 -39.57
CA LEU B 806 -6.90 -5.31 -40.21
C LEU B 806 -7.56 -5.80 -41.49
N ASP B 807 -6.78 -5.90 -42.56
CA ASP B 807 -7.23 -6.45 -43.84
C ASP B 807 -6.51 -7.77 -44.07
N LEU B 808 -7.27 -8.86 -44.10
CA LEU B 808 -6.70 -10.19 -44.27
C LEU B 808 -7.10 -10.83 -45.60
N TYR B 809 -7.31 -10.03 -46.66
CA TYR B 809 -7.73 -10.61 -47.94
C TYR B 809 -6.75 -11.66 -48.46
N THR B 810 -5.44 -11.48 -48.21
CA THR B 810 -4.46 -12.45 -48.72
C THR B 810 -4.72 -13.84 -48.18
N CYS B 811 -5.41 -13.97 -47.05
CA CYS B 811 -5.84 -15.26 -46.57
C CYS B 811 -6.96 -15.86 -47.42
N GLU B 812 -7.52 -15.14 -48.39
CA GLU B 812 -8.66 -15.66 -49.15
C GLU B 812 -8.38 -15.74 -50.65
N LEU B 813 -7.11 -15.69 -51.08
CA LEU B 813 -6.78 -15.66 -52.51
C LEU B 813 -7.12 -16.98 -53.20
#